data_4H2P
#
_entry.id   4H2P
#
_cell.length_a   103.838
_cell.length_b   103.838
_cell.length_c   452.781
_cell.angle_alpha   90.00
_cell.angle_beta   90.00
_cell.angle_gamma   120.00
#
_symmetry.space_group_name_H-M   'P 31 2 1'
#
loop_
_entity.id
_entity.type
_entity.pdbx_description
1 polymer '2-methyl-3-hydroxypyridine-5-carboxylic acid oxygenase'
2 non-polymer 'FLAVIN-ADENINE DINUCLEOTIDE'
3 non-polymer BETA-MERCAPTOETHANOL
4 non-polymer 'SULFATE ION'
5 non-polymer 1,2-ETHANEDIOL
6 non-polymer DI(HYDROXYETHYL)ETHER
7 non-polymer 'TRIETHYLENE GLYCOL'
8 non-polymer 'TETRAETHYLENE GLYCOL'
9 water water
#
_entity_poly.entity_id   1
_entity_poly.type   'polypeptide(L)'
_entity_poly.pdbx_seq_one_letter_code
;MANVNKTPGKTRRAEVAGGGFAGLTAAIALKQNGWDVRLHEKSSELRAFGAGIYLWHNGLRVLEGLGALDDVLQGSHTPP
TYETWMHNKSVSKETFNGLPWRIMTRSHLHDALVNRARALGVDISVNSEAVAADPVGRLTLQTGEVLEADLIVGADGVGS
KVRDSIGFKQDRWVSKDGLIRLIVPRMKKELGHGEWDNTIDMWNFWPRVQRILYSPCNENELYLGLMAPAADPRGSSVPI
DLEVWVEMFPFLEPCLIEAAKLKTARYDKYETTKLDSWTRGKVALVGDAAHAMCPALAQGAGCAMVNAFSLSQDLEEGSS
VEDALVAWETRIRPITDRCQALSGDYAANRSLSKGNMFTPAALEAARYDPLRRVYSWPQ
;
_entity_poly.pdbx_strand_id   A,B,C,D
#
loop_
_chem_comp.id
_chem_comp.type
_chem_comp.name
_chem_comp.formula
BME non-polymer BETA-MERCAPTOETHANOL 'C2 H6 O S'
EDO non-polymer 1,2-ETHANEDIOL 'C2 H6 O2'
FAD non-polymer 'FLAVIN-ADENINE DINUCLEOTIDE' 'C27 H33 N9 O15 P2'
PEG non-polymer DI(HYDROXYETHYL)ETHER 'C4 H10 O3'
PG4 non-polymer 'TETRAETHYLENE GLYCOL' 'C8 H18 O5'
PGE non-polymer 'TRIETHYLENE GLYCOL' 'C6 H14 O4'
SO4 non-polymer 'SULFATE ION' 'O4 S -2'
#
# COMPACT_ATOMS: atom_id res chain seq x y z
N GLY A 9 41.16 42.15 34.80
CA GLY A 9 42.01 42.61 33.71
C GLY A 9 41.22 42.94 32.47
N LYS A 10 41.85 42.79 31.31
CA LYS A 10 41.20 43.06 30.02
C LYS A 10 40.31 41.89 29.57
N THR A 11 40.19 40.85 30.40
CA THR A 11 39.31 39.73 30.08
C THR A 11 37.86 40.09 30.37
N ARG A 12 37.06 40.16 29.31
CA ARG A 12 35.65 40.46 29.41
C ARG A 12 34.96 39.41 30.27
N ARG A 13 34.01 39.84 31.10
CA ARG A 13 33.31 38.89 31.96
C ARG A 13 31.81 38.85 31.68
N ALA A 14 31.24 37.64 31.63
CA ALA A 14 29.81 37.47 31.44
C ALA A 14 29.22 36.63 32.58
N GLU A 15 28.07 37.06 33.10
CA GLU A 15 27.30 36.25 34.04
C GLU A 15 26.03 35.81 33.31
N VAL A 16 25.79 34.50 33.26
CA VAL A 16 24.64 33.97 32.54
C VAL A 16 23.65 33.39 33.55
N ALA A 17 22.42 33.87 33.54
CA ALA A 17 21.40 33.32 34.42
C ALA A 17 20.55 32.31 33.66
N GLY A 18 20.59 31.05 34.08
CA GLY A 18 19.80 30.01 33.44
C GLY A 18 20.67 28.95 32.79
N GLY A 19 20.47 27.70 33.21
CA GLY A 19 21.21 26.57 32.67
C GLY A 19 20.38 25.68 31.75
N GLY A 20 19.62 26.30 30.87
CA GLY A 20 18.85 25.61 29.85
C GLY A 20 19.58 25.68 28.53
N PHE A 21 18.90 25.40 27.42
CA PHE A 21 19.54 25.40 26.12
C PHE A 21 20.09 26.77 25.73
N ALA A 22 19.35 27.82 26.07
CA ALA A 22 19.80 29.16 25.70
C ALA A 22 21.01 29.57 26.54
N GLY A 23 20.93 29.35 27.86
CA GLY A 23 22.02 29.67 28.76
C GLY A 23 23.30 28.93 28.43
N LEU A 24 23.18 27.63 28.22
CA LEU A 24 24.34 26.82 27.89
C LEU A 24 24.94 27.21 26.55
N THR A 25 24.09 27.45 25.55
CA THR A 25 24.56 27.93 24.26
C THR A 25 25.33 29.24 24.37
N ALA A 26 24.75 30.22 25.08
CA ALA A 26 25.44 31.49 25.28
C ALA A 26 26.78 31.31 26.01
N ALA A 27 26.81 30.49 27.05
CA ALA A 27 28.03 30.28 27.81
C ALA A 27 29.14 29.66 26.96
N ILE A 28 28.80 28.63 26.20
CA ILE A 28 29.76 28.00 25.29
C ILE A 28 30.28 28.98 24.25
N ALA A 29 29.37 29.68 23.60
CA ALA A 29 29.76 30.56 22.50
C ALA A 29 30.64 31.70 23.02
N LEU A 30 30.30 32.24 24.18
CA LEU A 30 31.10 33.31 24.76
C LEU A 30 32.47 32.82 25.19
N LYS A 31 32.49 31.66 25.83
CA LYS A 31 33.72 31.07 26.31
C LYS A 31 34.68 30.78 25.15
N GLN A 32 34.15 30.29 24.05
CA GLN A 32 34.94 30.01 22.85
C GLN A 32 35.57 31.29 22.33
N ASN A 33 34.90 32.41 22.57
CA ASN A 33 35.41 33.71 22.12
C ASN A 33 36.30 34.41 23.15
N GLY A 34 36.62 33.71 24.23
CA GLY A 34 37.58 34.22 25.18
C GLY A 34 37.00 34.95 26.38
N TRP A 35 35.67 34.96 26.48
CA TRP A 35 35.04 35.55 27.66
C TRP A 35 35.33 34.74 28.91
N ASP A 36 35.39 35.41 30.05
CA ASP A 36 35.37 34.74 31.34
C ASP A 36 33.88 34.59 31.67
N VAL A 37 33.36 33.36 31.63
CA VAL A 37 31.92 33.12 31.74
C VAL A 37 31.55 32.32 32.97
N ARG A 38 30.58 32.82 33.73
CA ARG A 38 30.05 32.09 34.86
C ARG A 38 28.54 31.86 34.61
N LEU A 39 28.09 30.63 34.86
CA LEU A 39 26.70 30.29 34.62
C LEU A 39 26.01 29.90 35.93
N HIS A 40 24.78 30.37 36.12
CA HIS A 40 24.03 30.15 37.34
C HIS A 40 22.74 29.42 37.04
N GLU A 41 22.57 28.25 37.65
CA GLU A 41 21.34 27.48 37.50
C GLU A 41 20.61 27.46 38.83
N LYS A 42 19.37 27.91 38.83
CA LYS A 42 18.56 27.98 40.03
C LYS A 42 18.35 26.65 40.74
N SER A 43 18.04 25.61 39.95
CA SER A 43 17.72 24.30 40.51
C SER A 43 18.97 23.59 41.05
N SER A 44 18.78 22.44 41.69
CA SER A 44 19.88 21.73 42.32
C SER A 44 20.74 20.96 41.33
N GLU A 45 20.27 20.84 40.09
CA GLU A 45 21.01 20.06 39.10
C GLU A 45 20.81 20.58 37.67
N LEU A 46 21.88 20.67 36.90
CA LEU A 46 21.75 20.90 35.48
C LEU A 46 20.92 19.76 34.90
N ARG A 47 19.81 20.09 34.27
CA ARG A 47 18.90 19.08 33.77
C ARG A 47 17.84 19.72 32.88
N ALA A 48 17.43 19.01 31.84
CA ALA A 48 16.35 19.48 30.97
C ALA A 48 15.06 18.67 31.20
N PHE A 49 13.93 19.34 31.11
CA PHE A 49 12.62 18.68 31.24
C PHE A 49 11.83 18.85 29.95
N GLY A 50 10.86 17.96 29.72
CA GLY A 50 10.04 18.02 28.52
C GLY A 50 10.21 16.81 27.63
N ALA A 51 10.97 15.82 28.11
CA ALA A 51 11.15 14.54 27.44
C ALA A 51 11.97 14.56 26.13
N GLY A 52 11.40 15.03 25.03
CA GLY A 52 12.07 14.98 23.73
C GLY A 52 12.02 16.33 23.02
N ILE A 53 12.73 16.47 21.91
CA ILE A 53 12.83 17.75 21.25
C ILE A 53 13.29 17.52 19.80
N TYR A 54 12.82 18.38 18.90
CA TYR A 54 13.24 18.38 17.50
C TYR A 54 14.21 19.54 17.31
N LEU A 55 15.28 19.31 16.54
CA LEU A 55 16.10 20.42 16.05
C LEU A 55 16.12 20.33 14.53
N TRP A 56 16.40 21.46 13.91
CA TRP A 56 16.46 21.54 12.46
C TRP A 56 17.80 22.09 12.06
N HIS A 57 17.97 22.25 10.75
CA HIS A 57 19.17 22.82 10.17
C HIS A 57 19.74 23.99 11.01
N ASN A 58 18.90 24.94 11.39
CA ASN A 58 19.41 26.12 12.09
C ASN A 58 20.06 25.78 13.43
N GLY A 59 19.40 24.92 14.19
CA GLY A 59 19.91 24.51 15.49
C GLY A 59 21.11 23.57 15.38
N LEU A 60 21.09 22.69 14.37
CA LEU A 60 22.22 21.80 14.10
C LEU A 60 23.45 22.63 13.74
N ARG A 61 23.24 23.72 13.02
CA ARG A 61 24.35 24.61 12.67
C ARG A 61 24.89 25.30 13.92
N VAL A 62 24.00 25.69 14.82
CA VAL A 62 24.48 26.22 16.09
C VAL A 62 25.37 25.19 16.81
N LEU A 63 24.90 23.94 16.89
CA LEU A 63 25.69 22.89 17.51
C LEU A 63 27.05 22.73 16.84
N GLU A 64 27.09 22.85 15.51
CA GLU A 64 28.35 22.79 14.79
C GLU A 64 29.23 23.93 15.30
N GLY A 65 28.66 25.12 15.38
CA GLY A 65 29.37 26.29 15.88
C GLY A 65 29.83 26.19 17.33
N LEU A 66 29.15 25.38 18.13
CA LEU A 66 29.51 25.15 19.53
C LEU A 66 30.49 23.98 19.73
N GLY A 67 30.82 23.27 18.66
CA GLY A 67 31.67 22.11 18.79
C GLY A 67 30.97 20.95 19.47
N ALA A 68 29.65 20.84 19.27
CA ALA A 68 28.88 19.80 19.93
C ALA A 68 27.96 19.03 18.97
N LEU A 69 28.12 19.26 17.67
CA LEU A 69 27.23 18.61 16.68
C LEU A 69 27.35 17.08 16.69
N ASP A 70 28.57 16.59 16.63
CA ASP A 70 28.72 15.16 16.45
C ASP A 70 28.36 14.37 17.71
N ASP A 71 28.51 14.99 18.89
CA ASP A 71 28.07 14.36 20.14
C ASP A 71 26.54 14.24 20.18
N VAL A 72 25.86 15.20 19.57
CA VAL A 72 24.40 15.16 19.48
C VAL A 72 23.93 14.17 18.40
N LEU A 73 24.55 14.19 17.22
CA LEU A 73 24.12 13.29 16.15
C LEU A 73 24.25 11.81 16.54
N GLN A 74 25.31 11.48 17.28
CA GLN A 74 25.47 10.12 17.75
C GLN A 74 24.43 9.87 18.85
N GLY A 75 23.48 8.97 18.61
CA GLY A 75 22.44 8.68 19.58
C GLY A 75 21.15 9.49 19.42
N SER A 76 21.00 10.17 18.29
CA SER A 76 19.73 10.80 17.93
C SER A 76 19.26 10.27 16.57
N HIS A 77 18.15 10.80 16.03
CA HIS A 77 17.45 10.12 14.94
C HIS A 77 16.87 11.11 13.93
N THR A 78 17.05 10.85 12.63
CA THR A 78 16.25 11.54 11.62
C THR A 78 15.27 10.59 10.97
N PRO A 79 13.97 10.76 11.20
CA PRO A 79 12.98 9.88 10.56
C PRO A 79 13.07 9.92 9.04
N PRO A 80 12.70 8.82 8.36
CA PRO A 80 12.65 8.78 6.90
C PRO A 80 11.65 9.79 6.36
N THR A 81 10.61 10.07 7.15
CA THR A 81 9.64 11.06 6.76
C THR A 81 8.89 11.62 7.98
N TYR A 82 8.31 12.80 7.79
CA TYR A 82 7.47 13.43 8.80
C TYR A 82 6.03 13.24 8.30
N GLU A 83 5.29 12.35 8.95
CA GLU A 83 3.97 11.96 8.47
C GLU A 83 2.88 12.61 9.33
N THR A 84 1.75 13.00 8.71
CA THR A 84 0.61 13.51 9.47
C THR A 84 -0.60 12.60 9.22
N TRP A 85 -1.31 12.23 10.29
CA TRP A 85 -2.54 11.44 10.19
C TRP A 85 -3.73 12.24 10.70
N MET A 86 -4.89 12.05 10.08
CA MET A 86 -6.14 12.58 10.62
C MET A 86 -7.10 11.43 10.70
N HIS A 87 -7.57 11.12 11.90
CA HIS A 87 -8.43 9.96 12.11
C HIS A 87 -7.84 8.70 11.47
N ASN A 88 -6.54 8.51 11.68
CA ASN A 88 -5.80 7.30 11.27
C ASN A 88 -5.52 7.21 9.77
N LYS A 89 -5.93 8.24 9.04
CA LYS A 89 -5.68 8.33 7.63
C LYS A 89 -4.47 9.24 7.36
N SER A 90 -3.48 8.73 6.65
CA SER A 90 -2.30 9.52 6.29
C SER A 90 -2.68 10.60 5.29
N VAL A 91 -2.49 11.86 5.69
CA VAL A 91 -2.84 12.98 4.82
C VAL A 91 -1.62 13.70 4.25
N SER A 92 -0.42 13.36 4.76
CA SER A 92 0.81 13.94 4.21
C SER A 92 2.08 13.24 4.71
N LYS A 93 3.11 13.32 3.88
CA LYS A 93 4.44 12.82 4.19
C LYS A 93 5.43 13.86 3.67
N GLU A 94 6.23 14.41 4.57
CA GLU A 94 7.09 15.54 4.21
C GLU A 94 8.54 15.21 4.53
N THR A 95 9.45 15.58 3.63
CA THR A 95 10.88 15.35 3.87
C THR A 95 11.67 16.64 3.72
N PHE A 96 10.97 17.74 3.45
CA PHE A 96 11.54 19.08 3.50
C PHE A 96 12.69 19.32 2.51
N ASN A 97 12.62 18.68 1.35
CA ASN A 97 13.61 18.93 0.29
C ASN A 97 15.04 18.85 0.81
N GLY A 98 15.32 17.86 1.65
CA GLY A 98 16.68 17.59 2.09
C GLY A 98 17.15 18.39 3.30
N LEU A 99 16.35 19.34 3.74
CA LEU A 99 16.71 20.16 4.90
C LEU A 99 16.96 19.28 6.12
N PRO A 100 18.17 19.37 6.71
CA PRO A 100 18.53 18.52 7.85
C PRO A 100 17.65 18.75 9.09
N TRP A 101 17.28 17.66 9.77
CA TRP A 101 16.51 17.74 11.00
C TRP A 101 16.80 16.49 11.86
N ARG A 102 16.39 16.51 13.12
CA ARG A 102 16.85 15.51 14.07
C ARG A 102 15.93 15.50 15.27
N ILE A 103 15.62 14.32 15.79
CA ILE A 103 14.84 14.19 17.00
C ILE A 103 15.74 13.55 18.06
N MET A 104 15.59 13.96 19.33
CA MET A 104 16.44 13.43 20.39
C MET A 104 15.77 13.62 21.73
N THR A 105 16.17 12.87 22.76
CA THR A 105 15.64 13.18 24.08
C THR A 105 16.22 14.54 24.50
N ARG A 106 15.50 15.29 25.33
CA ARG A 106 16.04 16.55 25.86
C ARG A 106 17.34 16.34 26.64
N SER A 107 17.45 15.23 27.38
CA SER A 107 18.64 14.95 28.17
CA SER A 107 18.65 14.99 28.16
C SER A 107 19.84 14.69 27.26
N HIS A 108 19.60 14.06 26.11
CA HIS A 108 20.69 13.82 25.16
C HIS A 108 21.29 15.15 24.72
N LEU A 109 20.43 16.08 24.32
CA LEU A 109 20.89 17.41 23.88
C LEU A 109 21.51 18.17 25.04
N HIS A 110 20.81 18.18 26.16
CA HIS A 110 21.26 18.95 27.30
C HIS A 110 22.60 18.42 27.84
N ASP A 111 22.77 17.09 27.89
CA ASP A 111 24.04 16.50 28.32
C ASP A 111 25.20 16.95 27.44
N ALA A 112 24.95 17.02 26.14
CA ALA A 112 25.99 17.38 25.20
C ALA A 112 26.42 18.84 25.39
N LEU A 113 25.46 19.73 25.65
CA LEU A 113 25.79 21.10 25.94
C LEU A 113 26.51 21.26 27.28
N VAL A 114 26.06 20.52 28.30
CA VAL A 114 26.74 20.58 29.59
C VAL A 114 28.18 20.07 29.49
N ASN A 115 28.37 18.94 28.83
CA ASN A 115 29.72 18.39 28.65
C ASN A 115 30.64 19.38 27.98
N ARG A 116 30.14 20.04 26.94
CA ARG A 116 30.93 21.02 26.21
C ARG A 116 31.21 22.28 27.01
N ALA A 117 30.21 22.82 27.70
CA ALA A 117 30.43 24.00 28.53
C ALA A 117 31.43 23.68 29.65
N ARG A 118 31.29 22.51 30.27
CA ARG A 118 32.19 22.09 31.31
C ARG A 118 33.61 21.89 30.77
N ALA A 119 33.73 21.24 29.63
CA ALA A 119 35.03 20.98 29.03
C ALA A 119 35.78 22.28 28.72
N LEU A 120 35.03 23.30 28.29
CA LEU A 120 35.61 24.58 27.91
C LEU A 120 36.01 25.42 29.12
N GLY A 121 35.63 24.98 30.31
CA GLY A 121 35.98 25.70 31.51
C GLY A 121 35.00 26.77 31.93
N VAL A 122 33.74 26.67 31.50
CA VAL A 122 32.70 27.56 32.03
C VAL A 122 32.54 27.32 33.53
N ASP A 123 32.47 28.40 34.29
CA ASP A 123 32.24 28.34 35.72
C ASP A 123 30.75 28.05 35.99
N ILE A 124 30.45 26.85 36.48
CA ILE A 124 29.06 26.41 36.67
C ILE A 124 28.67 26.44 38.15
N SER A 125 27.59 27.16 38.48
CA SER A 125 27.04 27.14 39.83
C SER A 125 25.58 26.66 39.80
N VAL A 126 25.23 25.64 40.57
CA VAL A 126 23.82 25.25 40.71
C VAL A 126 23.31 25.73 42.07
N ASN A 127 22.02 25.61 42.32
CA ASN A 127 21.39 26.25 43.49
C ASN A 127 21.76 27.73 43.53
N SER A 128 21.80 28.34 42.35
CA SER A 128 22.23 29.72 42.21
C SER A 128 21.20 30.47 41.38
N GLU A 129 20.31 31.19 42.05
CA GLU A 129 19.16 31.82 41.45
C GLU A 129 19.35 33.33 41.30
N ALA A 130 19.28 33.83 40.07
CA ALA A 130 19.30 35.27 39.85
C ALA A 130 17.93 35.83 40.25
N VAL A 131 17.90 36.92 41.00
CA VAL A 131 16.62 37.52 41.41
C VAL A 131 16.50 38.98 40.97
N ALA A 132 17.62 39.57 40.55
CA ALA A 132 17.62 40.93 40.03
C ALA A 132 18.81 41.13 39.11
N ALA A 133 18.61 41.96 38.08
CA ALA A 133 19.71 42.37 37.24
C ALA A 133 19.66 43.88 37.03
N ASP A 134 20.81 44.47 36.82
CA ASP A 134 20.92 45.92 36.61
C ASP A 134 21.66 46.13 35.30
N PRO A 135 21.09 46.96 34.42
CA PRO A 135 21.67 47.32 33.11
C PRO A 135 23.11 47.85 33.16
N VAL A 136 23.59 48.32 34.32
CA VAL A 136 24.98 48.81 34.38
C VAL A 136 25.96 47.65 34.52
N GLY A 137 25.44 46.44 34.69
CA GLY A 137 26.29 45.26 34.73
C GLY A 137 26.34 44.60 36.09
N ARG A 138 25.17 44.41 36.70
CA ARG A 138 25.08 43.77 38.01
C ARG A 138 24.03 42.66 38.06
N LEU A 139 24.43 41.50 38.57
CA LEU A 139 23.48 40.40 38.77
C LEU A 139 23.40 40.09 40.26
N THR A 140 22.19 40.11 40.82
CA THR A 140 21.99 39.79 42.23
C THR A 140 21.42 38.39 42.41
N LEU A 141 22.03 37.58 43.27
CA LEU A 141 21.51 36.24 43.51
C LEU A 141 20.57 36.25 44.72
N GLN A 142 19.82 35.17 44.89
CA GLN A 142 18.90 35.02 46.02
C GLN A 142 19.67 35.04 47.36
N THR A 143 20.95 34.69 47.32
CA THR A 143 21.82 34.79 48.51
C THR A 143 22.06 36.24 48.94
N GLY A 144 21.79 37.18 48.05
CA GLY A 144 22.06 38.59 48.30
C GLY A 144 23.38 38.98 47.66
N GLU A 145 24.15 37.97 47.28
CA GLU A 145 25.43 38.20 46.62
C GLU A 145 25.26 38.99 45.32
N VAL A 146 26.08 40.02 45.14
CA VAL A 146 25.99 40.88 43.97
C VAL A 146 27.22 40.68 43.06
N LEU A 147 26.97 40.36 41.80
CA LEU A 147 28.03 40.10 40.83
C LEU A 147 28.12 41.21 39.80
N GLU A 148 29.34 41.67 39.53
CA GLU A 148 29.55 42.68 38.50
C GLU A 148 30.13 41.99 37.28
N ALA A 149 29.70 42.42 36.09
CA ALA A 149 30.19 41.82 34.86
C ALA A 149 29.99 42.78 33.70
N ASP A 150 30.67 42.50 32.60
CA ASP A 150 30.56 43.35 31.43
C ASP A 150 29.34 43.02 30.60
N LEU A 151 28.79 41.83 30.83
CA LEU A 151 27.61 41.36 30.12
C LEU A 151 26.78 40.50 31.03
N ILE A 152 25.48 40.73 31.04
CA ILE A 152 24.58 39.87 31.77
CA ILE A 152 24.56 39.89 31.78
C ILE A 152 23.58 39.24 30.81
N VAL A 153 23.49 37.93 30.84
CA VAL A 153 22.58 37.21 29.95
C VAL A 153 21.43 36.64 30.75
N GLY A 154 20.23 37.10 30.47
CA GLY A 154 19.03 36.54 31.05
C GLY A 154 18.55 35.40 30.18
N ALA A 155 18.91 34.19 30.57
CA ALA A 155 18.53 32.97 29.85
C ALA A 155 17.72 32.14 30.82
N ASP A 156 16.91 32.83 31.62
CA ASP A 156 16.30 32.16 32.75
C ASP A 156 14.84 31.76 32.53
N GLY A 157 14.45 31.56 31.27
CA GLY A 157 13.20 30.91 30.96
C GLY A 157 12.03 31.86 30.91
N VAL A 158 10.83 31.33 30.63
CA VAL A 158 9.66 32.17 30.40
C VAL A 158 9.28 33.01 31.64
N GLY A 159 9.63 32.54 32.82
CA GLY A 159 9.36 33.29 34.03
C GLY A 159 10.56 34.12 34.47
N SER A 160 11.39 34.56 33.52
CA SER A 160 12.64 35.29 33.79
C SER A 160 12.58 36.39 34.85
N LYS A 161 13.34 36.21 35.93
CA LYS A 161 13.48 37.26 36.93
C LYS A 161 14.47 38.32 36.49
N VAL A 162 15.41 37.95 35.62
CA VAL A 162 16.29 38.95 35.06
C VAL A 162 15.46 39.97 34.28
N ARG A 163 14.53 39.47 33.48
CA ARG A 163 13.61 40.34 32.73
C ARG A 163 12.68 41.10 33.68
N ASP A 164 12.00 40.40 34.56
CA ASP A 164 10.97 41.08 35.35
C ASP A 164 11.52 42.00 36.44
N SER A 165 12.76 41.79 36.86
CA SER A 165 13.37 42.68 37.84
C SER A 165 13.75 44.01 37.19
N ILE A 166 13.82 44.01 35.87
CA ILE A 166 14.20 45.22 35.14
C ILE A 166 12.94 45.92 34.64
N GLY A 167 11.91 45.13 34.34
CA GLY A 167 10.65 45.68 33.87
C GLY A 167 10.60 45.96 32.39
N PHE A 168 10.65 44.90 31.58
CA PHE A 168 10.50 45.02 30.13
C PHE A 168 9.02 44.98 29.74
N LYS A 169 8.64 45.78 28.73
CA LYS A 169 7.29 45.70 28.18
C LYS A 169 7.10 44.34 27.54
N GLN A 170 5.99 43.69 27.85
CA GLN A 170 5.73 42.39 27.26
C GLN A 170 4.26 42.11 26.97
N ASP A 171 4.04 41.14 26.10
CA ASP A 171 2.73 40.62 25.83
C ASP A 171 2.85 39.13 26.14
N ARG A 172 2.37 38.75 27.31
CA ARG A 172 2.54 37.38 27.81
C ARG A 172 1.21 36.63 27.68
N TRP A 173 1.26 35.32 27.46
CA TRP A 173 0.05 34.55 27.23
C TRP A 173 0.18 33.10 27.72
N VAL A 174 -0.89 32.58 28.32
CA VAL A 174 -0.87 31.19 28.78
C VAL A 174 -2.06 30.45 28.18
N SER A 175 -1.81 29.23 27.69
CA SER A 175 -2.86 28.44 27.05
C SER A 175 -3.83 27.90 28.09
N LYS A 176 -5.01 27.51 27.64
CA LYS A 176 -5.92 26.78 28.51
C LYS A 176 -5.63 25.29 28.44
N ASP A 177 -5.26 24.81 27.26
CA ASP A 177 -4.98 23.38 27.08
C ASP A 177 -3.48 23.07 27.10
N GLY A 178 -3.15 21.80 27.31
CA GLY A 178 -1.77 21.41 27.47
C GLY A 178 -1.53 19.98 27.02
N LEU A 179 -0.44 19.37 27.46
CA LEU A 179 -0.12 18.03 27.00
C LEU A 179 0.79 17.30 27.96
N ILE A 180 0.91 16.00 27.73
CA ILE A 180 1.77 15.14 28.52
C ILE A 180 2.88 14.67 27.59
N ARG A 181 4.12 14.92 27.97
CA ARG A 181 5.28 14.48 27.18
C ARG A 181 6.08 13.44 27.97
N LEU A 182 6.44 12.36 27.28
CA LEU A 182 7.04 11.19 27.92
C LEU A 182 8.08 10.53 27.02
N ILE A 183 9.07 9.87 27.63
CA ILE A 183 9.96 8.98 26.89
C ILE A 183 9.64 7.54 27.29
N VAL A 184 9.40 6.68 26.30
CA VAL A 184 9.13 5.25 26.55
C VAL A 184 9.98 4.40 25.60
N PRO A 185 10.06 3.08 25.86
CA PRO A 185 10.78 2.26 24.87
C PRO A 185 10.07 2.25 23.52
N ARG A 186 10.83 2.04 22.44
CA ARG A 186 10.28 2.01 21.10
C ARG A 186 9.24 0.90 20.90
N MET A 187 9.48 -0.25 21.54
CA MET A 187 8.67 -1.46 21.38
C MET A 187 8.44 -1.77 19.91
N LYS A 188 9.46 -1.56 19.09
CA LYS A 188 9.27 -1.55 17.64
C LYS A 188 8.69 -2.85 17.11
N LYS A 189 9.24 -3.97 17.58
CA LYS A 189 8.78 -5.29 17.18
C LYS A 189 7.31 -5.45 17.50
N GLU A 190 6.94 -5.12 18.73
CA GLU A 190 5.55 -5.23 19.20
C GLU A 190 4.56 -4.37 18.39
N LEU A 191 5.04 -3.32 17.75
CA LEU A 191 4.17 -2.47 16.95
C LEU A 191 3.78 -3.13 15.64
N GLY A 192 4.51 -4.19 15.29
CA GLY A 192 4.18 -4.95 14.09
C GLY A 192 4.40 -4.15 12.83
N HIS A 193 3.60 -4.46 11.81
CA HIS A 193 3.76 -3.88 10.48
C HIS A 193 3.47 -2.38 10.44
N GLY A 194 4.34 -1.61 9.81
CA GLY A 194 4.13 -0.18 9.66
C GLY A 194 5.41 0.60 9.36
N GLU A 195 5.34 1.92 9.48
CA GLU A 195 6.50 2.78 9.26
C GLU A 195 6.88 3.46 10.58
N TRP A 196 7.37 2.66 11.52
CA TRP A 196 7.46 3.10 12.90
C TRP A 196 8.73 3.87 13.23
N ASP A 197 9.53 4.16 12.21
CA ASP A 197 10.67 5.07 12.36
C ASP A 197 10.28 6.49 11.96
N ASN A 198 9.06 6.64 11.42
CA ASN A 198 8.56 7.95 11.02
C ASN A 198 8.23 8.83 12.24
N THR A 199 8.30 10.14 12.06
CA THR A 199 7.51 11.03 12.90
C THR A 199 6.10 10.84 12.41
N ILE A 200 5.14 10.69 13.32
CA ILE A 200 3.74 10.62 12.90
C ILE A 200 2.93 11.50 13.83
N ASP A 201 2.34 12.56 13.27
CA ASP A 201 1.47 13.43 14.06
C ASP A 201 0.02 12.94 13.89
N MET A 202 -0.48 12.25 14.90
CA MET A 202 -1.77 11.56 14.82
C MET A 202 -2.88 12.40 15.46
N TRP A 203 -3.61 13.12 14.63
CA TRP A 203 -4.69 14.00 15.07
C TRP A 203 -6.03 13.28 15.06
N ASN A 204 -6.92 13.69 15.95
CA ASN A 204 -8.32 13.23 15.98
C ASN A 204 -9.20 14.34 16.55
N PHE A 205 -10.38 14.52 15.98
CA PHE A 205 -11.39 15.41 16.54
C PHE A 205 -12.63 14.62 16.92
N TRP A 206 -12.76 13.44 16.31
CA TRP A 206 -13.85 12.51 16.60
C TRP A 206 -13.25 11.16 16.95
N PRO A 207 -13.80 10.46 17.96
CA PRO A 207 -14.97 10.78 18.77
C PRO A 207 -14.66 11.79 19.88
N ARG A 208 -13.37 12.02 20.13
CA ARG A 208 -12.92 13.01 21.11
C ARG A 208 -11.71 13.71 20.56
N VAL A 209 -11.41 14.90 21.07
CA VAL A 209 -10.18 15.61 20.71
C VAL A 209 -9.01 15.00 21.47
N GLN A 210 -8.22 14.19 20.76
CA GLN A 210 -7.02 13.57 21.32
C GLN A 210 -6.00 13.46 20.20
N ARG A 211 -4.75 13.77 20.51
CA ARG A 211 -3.71 13.78 19.49
C ARG A 211 -2.45 13.20 20.12
N ILE A 212 -1.70 12.42 19.35
CA ILE A 212 -0.39 11.95 19.80
C ILE A 212 0.66 12.32 18.75
N LEU A 213 1.71 13.03 19.18
CA LEU A 213 2.86 13.24 18.32
C LEU A 213 3.87 12.14 18.64
N TYR A 214 4.10 11.28 17.65
CA TYR A 214 4.91 10.10 17.79
C TYR A 214 6.30 10.42 17.24
N SER A 215 7.33 10.33 18.08
CA SER A 215 8.65 10.88 17.72
C SER A 215 9.83 10.00 18.15
N PRO A 216 10.30 9.13 17.25
CA PRO A 216 11.41 8.26 17.63
C PRO A 216 12.70 9.06 17.87
N CYS A 217 13.40 8.78 18.97
CA CYS A 217 14.64 9.51 19.29
C CYS A 217 15.90 8.74 18.90
N ASN A 218 15.75 7.42 18.81
CA ASN A 218 16.84 6.50 18.49
C ASN A 218 16.30 5.08 18.54
N GLU A 219 17.19 4.09 18.51
CA GLU A 219 16.78 2.68 18.50
C GLU A 219 16.09 2.23 19.78
N ASN A 220 16.34 2.95 20.89
CA ASN A 220 15.82 2.55 22.19
C ASN A 220 14.66 3.39 22.73
N GLU A 221 14.65 4.68 22.41
CA GLU A 221 13.73 5.62 23.05
C GLU A 221 12.72 6.27 22.10
N LEU A 222 11.47 6.33 22.53
CA LEU A 222 10.40 6.98 21.79
C LEU A 222 9.87 8.17 22.59
N TYR A 223 9.76 9.32 21.93
CA TYR A 223 9.21 10.51 22.55
C TYR A 223 7.73 10.61 22.13
N LEU A 224 6.83 10.67 23.11
CA LEU A 224 5.40 10.80 22.84
C LEU A 224 4.88 12.09 23.45
N GLY A 225 4.09 12.83 22.70
CA GLY A 225 3.33 13.94 23.26
C GLY A 225 1.87 13.55 23.17
N LEU A 226 1.19 13.52 24.32
CA LEU A 226 -0.23 13.18 24.36
C LEU A 226 -1.04 14.44 24.66
N MET A 227 -1.79 14.89 23.66
CA MET A 227 -2.52 16.14 23.77
CA MET A 227 -2.52 16.15 23.74
C MET A 227 -4.03 15.93 23.89
N ALA A 228 -4.60 16.48 24.95
CA ALA A 228 -6.04 16.41 25.20
C ALA A 228 -6.43 17.69 25.93
N PRO A 229 -7.69 18.13 25.76
CA PRO A 229 -8.10 19.39 26.40
C PRO A 229 -7.99 19.31 27.92
N ALA A 230 -7.68 20.43 28.57
CA ALA A 230 -7.63 20.46 30.03
C ALA A 230 -8.98 20.08 30.67
N ALA A 231 -10.07 20.42 29.98
CA ALA A 231 -11.41 20.08 30.45
C ALA A 231 -11.76 18.59 30.35
N ASP A 232 -10.90 17.80 29.71
CA ASP A 232 -11.08 16.35 29.62
C ASP A 232 -10.38 15.69 30.82
N PRO A 233 -11.17 15.22 31.80
CA PRO A 233 -10.58 14.73 33.04
C PRO A 233 -9.81 13.43 32.89
N ARG A 234 -10.07 12.67 31.83
CA ARG A 234 -9.37 11.41 31.62
C ARG A 234 -8.14 11.59 30.74
N GLY A 235 -8.33 12.31 29.63
CA GLY A 235 -7.26 12.54 28.67
C GLY A 235 -6.12 13.38 29.22
N SER A 236 -6.43 14.28 30.15
CA SER A 236 -5.43 15.15 30.74
C SER A 236 -4.81 14.59 32.02
N SER A 237 -5.28 13.42 32.46
CA SER A 237 -4.82 12.83 33.72
CA SER A 237 -4.81 12.86 33.73
C SER A 237 -3.40 12.27 33.67
N VAL A 238 -2.65 12.44 34.75
CA VAL A 238 -1.35 11.80 34.93
C VAL A 238 -1.31 11.08 36.28
N PRO A 239 -0.77 9.84 36.33
CA PRO A 239 -0.25 9.03 35.23
C PRO A 239 -1.38 8.77 34.22
N ILE A 240 -1.03 8.45 32.98
CA ILE A 240 -2.04 8.46 31.94
C ILE A 240 -3.16 7.45 32.17
N ASP A 241 -4.36 7.82 31.73
CA ASP A 241 -5.51 6.93 31.72
C ASP A 241 -5.29 6.04 30.51
N LEU A 242 -4.74 4.85 30.74
CA LEU A 242 -4.33 3.96 29.66
C LEU A 242 -5.49 3.69 28.70
N GLU A 243 -6.67 3.45 29.27
CA GLU A 243 -7.87 3.11 28.50
C GLU A 243 -8.29 4.13 27.42
N VAL A 244 -8.34 5.42 27.78
CA VAL A 244 -8.79 6.41 26.80
C VAL A 244 -7.74 6.67 25.72
N TRP A 245 -6.49 6.33 26.01
CA TRP A 245 -5.45 6.52 25.00
C TRP A 245 -5.38 5.31 24.04
N VAL A 246 -5.40 4.11 24.61
CA VAL A 246 -5.41 2.88 23.82
C VAL A 246 -6.64 2.85 22.91
N GLU A 247 -7.76 3.37 23.41
CA GLU A 247 -9.02 3.34 22.66
C GLU A 247 -8.90 4.11 21.36
N MET A 248 -8.23 5.26 21.38
CA MET A 248 -8.10 6.04 20.16
C MET A 248 -6.79 5.85 19.40
N PHE A 249 -5.85 5.17 20.03
CA PHE A 249 -4.56 4.86 19.39
C PHE A 249 -4.19 3.41 19.66
N PRO A 250 -5.04 2.47 19.21
CA PRO A 250 -4.86 1.07 19.60
C PRO A 250 -3.56 0.47 19.07
N PHE A 251 -3.13 0.92 17.89
CA PHE A 251 -1.88 0.52 17.28
C PHE A 251 -0.65 0.91 18.13
N LEU A 252 -0.82 1.80 19.11
CA LEU A 252 0.29 2.21 19.97
C LEU A 252 0.25 1.54 21.34
N GLU A 253 -0.67 0.59 21.50
CA GLU A 253 -0.87 -0.06 22.80
C GLU A 253 0.38 -0.53 23.56
N PRO A 254 1.35 -1.18 22.88
CA PRO A 254 2.55 -1.61 23.61
C PRO A 254 3.32 -0.44 24.23
N CYS A 255 3.39 0.68 23.50
CA CYS A 255 4.08 1.87 23.98
C CYS A 255 3.29 2.58 25.08
N LEU A 256 1.96 2.65 24.89
CA LEU A 256 1.08 3.31 25.85
C LEU A 256 1.07 2.56 27.19
N ILE A 257 1.14 1.23 27.12
CA ILE A 257 1.25 0.41 28.33
C ILE A 257 2.49 0.82 29.13
N GLU A 258 3.61 1.02 28.44
CA GLU A 258 4.83 1.47 29.09
C GLU A 258 4.69 2.89 29.66
N ALA A 259 4.01 3.75 28.91
CA ALA A 259 3.77 5.12 29.34
C ALA A 259 2.97 5.17 30.64
N ALA A 260 2.02 4.24 30.79
CA ALA A 260 1.18 4.21 31.98
C ALA A 260 1.94 3.87 33.26
N LYS A 261 3.14 3.32 33.13
CA LYS A 261 3.97 2.99 34.29
C LYS A 261 4.70 4.22 34.86
N LEU A 262 4.70 5.30 34.10
CA LEU A 262 5.45 6.51 34.44
C LEU A 262 4.70 7.37 35.45
N LYS A 263 5.05 7.21 36.73
CA LYS A 263 4.33 7.87 37.82
C LYS A 263 4.55 9.39 37.90
N THR A 264 5.62 9.88 37.29
CA THR A 264 5.95 11.31 37.39
C THR A 264 5.67 12.11 36.11
N ALA A 265 4.78 11.61 35.25
CA ALA A 265 4.35 12.37 34.08
C ALA A 265 3.60 13.62 34.53
N ARG A 266 3.59 14.66 33.69
CA ARG A 266 2.94 15.91 34.01
C ARG A 266 2.12 16.38 32.84
N TYR A 267 1.04 17.09 33.13
CA TYR A 267 0.24 17.80 32.13
C TYR A 267 0.64 19.28 32.15
N ASP A 268 1.31 19.73 31.10
CA ASP A 268 1.84 21.11 31.06
C ASP A 268 1.10 21.97 30.05
N LYS A 269 0.78 23.20 30.43
CA LYS A 269 0.14 24.13 29.50
C LYS A 269 1.19 24.94 28.75
N TYR A 270 0.81 25.55 27.62
CA TYR A 270 1.72 26.30 26.78
C TYR A 270 1.77 27.75 27.26
N GLU A 271 2.88 28.42 26.99
CA GLU A 271 3.05 29.77 27.45
C GLU A 271 3.92 30.54 26.45
N THR A 272 3.52 31.77 26.11
CA THR A 272 4.28 32.56 25.15
C THR A 272 4.59 33.94 25.69
N THR A 273 5.64 34.56 25.18
CA THR A 273 5.85 35.97 25.46
C THR A 273 6.49 36.68 24.30
N LYS A 274 6.11 37.94 24.10
CA LYS A 274 6.74 38.78 23.11
C LYS A 274 7.07 40.13 23.73
N LEU A 275 8.30 40.57 23.52
CA LEU A 275 8.85 41.75 24.16
C LEU A 275 9.15 42.83 23.14
N ASP A 276 8.91 44.08 23.52
CA ASP A 276 9.26 45.22 22.68
C ASP A 276 10.78 45.33 22.47
N SER A 277 11.54 44.89 23.48
CA SER A 277 12.99 45.00 23.45
C SER A 277 13.63 43.79 24.14
N TRP A 278 14.79 43.36 23.65
CA TRP A 278 15.48 42.21 24.23
C TRP A 278 16.68 42.64 25.04
N THR A 279 17.00 43.93 25.05
CA THR A 279 18.21 44.39 25.70
C THR A 279 17.97 45.66 26.51
N ARG A 280 18.77 45.85 27.55
CA ARG A 280 18.79 47.11 28.27
C ARG A 280 20.18 47.27 28.86
N GLY A 281 20.91 48.29 28.42
CA GLY A 281 22.30 48.46 28.85
C GLY A 281 23.13 47.22 28.54
N LYS A 282 23.74 46.62 29.56
CA LYS A 282 24.57 45.42 29.38
C LYS A 282 23.82 44.09 29.57
N VAL A 283 22.50 44.13 29.66
CA VAL A 283 21.68 42.94 29.89
C VAL A 283 21.06 42.47 28.56
N ALA A 284 21.22 41.19 28.21
CA ALA A 284 20.56 40.63 27.02
C ALA A 284 19.65 39.49 27.44
N LEU A 285 18.42 39.49 26.94
CA LEU A 285 17.48 38.41 27.22
C LEU A 285 17.49 37.43 26.04
N VAL A 286 17.66 36.15 26.32
CA VAL A 286 17.72 35.13 25.26
CA VAL A 286 17.76 35.13 25.29
C VAL A 286 16.82 33.94 25.58
N GLY A 287 16.24 33.35 24.54
CA GLY A 287 15.42 32.18 24.71
C GLY A 287 14.01 32.52 25.18
N ASP A 288 13.41 31.61 25.92
CA ASP A 288 12.03 31.79 26.37
C ASP A 288 11.84 33.08 27.18
N ALA A 289 12.90 33.55 27.83
CA ALA A 289 12.85 34.81 28.57
C ALA A 289 12.44 35.99 27.67
N ALA A 290 12.83 35.89 26.41
CA ALA A 290 12.54 36.95 25.44
C ALA A 290 11.43 36.61 24.45
N HIS A 291 11.27 35.33 24.12
CA HIS A 291 10.42 35.00 22.97
C HIS A 291 9.79 33.60 22.98
N ALA A 292 9.37 33.14 24.15
CA ALA A 292 8.65 31.86 24.25
C ALA A 292 7.51 31.86 23.21
N MET A 293 7.35 30.76 22.49
CA MET A 293 6.37 30.73 21.41
C MET A 293 5.61 29.41 21.39
N CYS A 294 4.56 29.32 20.56
CA CYS A 294 3.82 28.07 20.37
C CYS A 294 4.73 27.04 19.68
N PRO A 295 4.58 25.76 20.02
CA PRO A 295 5.58 24.82 19.51
C PRO A 295 5.27 24.19 18.15
N ALA A 296 4.26 24.69 17.43
CA ALA A 296 3.87 24.11 16.15
C ALA A 296 5.02 23.90 15.17
N LEU A 297 5.92 24.87 15.08
CA LEU A 297 7.02 24.77 14.13
C LEU A 297 8.27 24.14 14.74
N ALA A 298 8.20 23.81 16.03
CA ALA A 298 9.29 23.13 16.74
C ALA A 298 10.61 23.91 16.61
N GLN A 299 10.53 25.17 17.03
CA GLN A 299 11.58 26.15 16.80
C GLN A 299 11.88 27.00 18.03
N GLY A 300 11.21 26.73 19.14
CA GLY A 300 11.44 27.48 20.36
C GLY A 300 12.90 27.44 20.80
N ALA A 301 13.44 26.24 20.94
CA ALA A 301 14.84 26.10 21.33
C ALA A 301 15.78 26.40 20.17
N GLY A 302 15.34 26.10 18.95
CA GLY A 302 16.11 26.43 17.77
C GLY A 302 16.38 27.92 17.68
N CYS A 303 15.32 28.72 17.84
CA CYS A 303 15.50 30.16 17.83
C CYS A 303 16.31 30.63 19.04
N ALA A 304 16.04 30.04 20.19
CA ALA A 304 16.81 30.38 21.39
C ALA A 304 18.31 30.13 21.17
N MET A 305 18.65 29.00 20.56
CA MET A 305 20.06 28.70 20.30
C MET A 305 20.68 29.63 19.24
N VAL A 306 19.95 29.87 18.15
CA VAL A 306 20.42 30.81 17.13
C VAL A 306 20.65 32.22 17.72
N ASN A 307 19.74 32.66 18.57
CA ASN A 307 19.86 34.00 19.12
C ASN A 307 21.02 34.10 20.11
N ALA A 308 21.19 33.08 20.94
CA ALA A 308 22.29 33.04 21.89
C ALA A 308 23.62 32.98 21.16
N PHE A 309 23.71 32.16 20.13
CA PHE A 309 24.93 32.07 19.34
C PHE A 309 25.23 33.38 18.62
N SER A 310 24.20 33.99 18.05
CA SER A 310 24.35 35.22 17.29
C SER A 310 24.76 36.37 18.21
N LEU A 311 24.37 36.30 19.48
CA LEU A 311 24.77 37.33 20.46
C LEU A 311 26.29 37.38 20.58
N SER A 312 26.87 36.18 20.69
CA SER A 312 28.31 36.10 20.81
CA SER A 312 28.32 36.03 20.79
C SER A 312 29.03 36.62 19.56
N GLN A 313 28.40 36.50 18.40
CA GLN A 313 28.94 37.01 17.15
C GLN A 313 29.00 38.54 17.13
N ASP A 314 27.91 39.18 17.54
CA ASP A 314 27.89 40.64 17.56
C ASP A 314 28.82 41.24 18.60
N LEU A 315 29.17 40.46 19.60
CA LEU A 315 30.10 40.90 20.64
C LEU A 315 31.57 40.83 20.20
N GLU A 316 31.80 40.38 18.96
CA GLU A 316 33.16 40.29 18.41
C GLU A 316 33.50 41.45 17.48
N GLU A 317 32.64 42.46 17.41
CA GLU A 317 32.78 43.52 16.41
C GLU A 317 33.56 44.74 16.90
N GLY A 318 34.04 44.69 18.13
CA GLY A 318 34.85 45.76 18.68
C GLY A 318 34.03 46.91 19.24
N SER A 319 32.72 46.70 19.37
CA SER A 319 31.83 47.71 19.89
C SER A 319 31.83 47.70 21.41
N SER A 320 31.21 48.71 22.03
CA SER A 320 30.85 48.59 23.43
C SER A 320 29.84 47.46 23.51
N VAL A 321 29.71 46.82 24.68
CA VAL A 321 28.70 45.80 24.86
C VAL A 321 27.30 46.33 24.54
N GLU A 322 27.01 47.55 25.00
CA GLU A 322 25.70 48.16 24.81
C GLU A 322 25.32 48.27 23.34
N ASP A 323 26.25 48.76 22.52
CA ASP A 323 26.01 48.89 21.09
C ASP A 323 25.89 47.54 20.39
N ALA A 324 26.73 46.59 20.80
CA ALA A 324 26.72 45.26 20.21
C ALA A 324 25.37 44.58 20.45
N LEU A 325 24.81 44.77 21.64
CA LEU A 325 23.53 44.18 22.01
C LEU A 325 22.38 44.75 21.16
N VAL A 326 22.43 46.04 20.89
CA VAL A 326 21.44 46.69 20.04
C VAL A 326 21.57 46.20 18.60
N ALA A 327 22.81 46.05 18.14
CA ALA A 327 23.05 45.54 16.79
C ALA A 327 22.56 44.09 16.65
N TRP A 328 22.80 43.30 17.70
CA TRP A 328 22.37 41.89 17.72
C TRP A 328 20.87 41.76 17.54
N GLU A 329 20.12 42.43 18.40
CA GLU A 329 18.67 42.33 18.32
C GLU A 329 18.17 42.82 16.97
N THR A 330 18.69 43.94 16.50
CA THR A 330 18.29 44.46 15.19
C THR A 330 18.52 43.45 14.07
N ARG A 331 19.63 42.73 14.13
CA ARG A 331 19.99 41.79 13.07
C ARG A 331 19.14 40.51 13.09
N ILE A 332 18.91 39.98 14.29
CA ILE A 332 18.47 38.60 14.43
C ILE A 332 16.99 38.44 14.81
N ARG A 333 16.42 39.44 15.46
CA ARG A 333 15.07 39.24 15.99
C ARG A 333 13.94 39.03 14.95
N PRO A 334 14.01 39.68 13.77
CA PRO A 334 12.90 39.45 12.85
C PRO A 334 12.65 37.99 12.47
N ILE A 335 13.70 37.15 12.44
CA ILE A 335 13.52 35.74 12.11
C ILE A 335 12.66 35.08 13.17
N THR A 336 12.96 35.39 14.42
CA THR A 336 12.22 34.87 15.57
C THR A 336 10.80 35.44 15.64
N ASP A 337 10.65 36.75 15.44
CA ASP A 337 9.32 37.34 15.41
C ASP A 337 8.40 36.67 14.40
N ARG A 338 8.91 36.46 13.19
CA ARG A 338 8.09 35.88 12.12
C ARG A 338 7.78 34.43 12.44
N CYS A 339 8.77 33.71 12.97
CA CYS A 339 8.57 32.32 13.34
C CYS A 339 7.54 32.18 14.48
N GLN A 340 7.70 32.98 15.53
CA GLN A 340 6.74 33.01 16.63
C GLN A 340 5.31 33.31 16.13
N ALA A 341 5.18 34.31 15.27
CA ALA A 341 3.87 34.69 14.76
C ALA A 341 3.20 33.58 13.96
N LEU A 342 3.96 32.94 13.08
CA LEU A 342 3.41 31.90 12.22
C LEU A 342 3.07 30.66 13.04
N SER A 343 3.92 30.32 13.99
CA SER A 343 3.66 29.17 14.85
C SER A 343 2.41 29.42 15.71
N GLY A 344 2.18 30.68 16.09
CA GLY A 344 0.99 31.02 16.86
C GLY A 344 -0.26 30.86 16.01
N ASP A 345 -0.18 31.28 14.74
CA ASP A 345 -1.29 31.15 13.81
CA ASP A 345 -1.28 31.13 13.81
C ASP A 345 -1.63 29.67 13.59
N TYR A 346 -0.60 28.84 13.42
CA TYR A 346 -0.79 27.40 13.23
C TYR A 346 -1.48 26.79 14.44
N ALA A 347 -1.03 27.18 15.62
CA ALA A 347 -1.61 26.64 16.84
C ALA A 347 -3.08 27.04 16.97
N ALA A 348 -3.39 28.30 16.73
CA ALA A 348 -4.76 28.78 16.91
C ALA A 348 -5.71 28.17 15.88
N ASN A 349 -5.20 27.91 14.67
CA ASN A 349 -6.02 27.34 13.61
C ASN A 349 -5.92 25.80 13.46
N ARG A 350 -5.18 25.17 14.37
CA ARG A 350 -4.89 23.73 14.25
C ARG A 350 -4.39 23.36 12.85
N SER A 351 -3.63 24.27 12.23
CA SER A 351 -3.18 24.10 10.86
C SER A 351 -2.44 22.79 10.60
N LEU A 352 -1.71 22.29 11.59
CA LEU A 352 -0.88 21.10 11.37
C LEU A 352 -1.73 19.87 11.09
N SER A 353 -2.98 19.91 11.53
CA SER A 353 -3.89 18.78 11.32
C SER A 353 -4.19 18.53 9.84
N LYS A 354 -3.95 19.53 9.00
CA LYS A 354 -4.21 19.39 7.57
C LYS A 354 -3.08 18.67 6.83
N GLY A 355 -1.90 18.63 7.43
CA GLY A 355 -0.73 18.07 6.76
C GLY A 355 -0.19 19.02 5.71
N ASN A 356 1.02 18.72 5.22
CA ASN A 356 1.69 19.56 4.22
C ASN A 356 1.91 21.00 4.63
N MET A 357 1.97 21.27 5.93
CA MET A 357 2.06 22.64 6.41
C MET A 357 3.49 23.18 6.59
N PHE A 358 4.49 22.33 6.41
CA PHE A 358 5.86 22.85 6.45
C PHE A 358 6.21 23.43 5.08
N THR A 359 5.65 24.62 4.85
CA THR A 359 5.80 25.39 3.63
C THR A 359 7.12 26.16 3.69
N PRO A 360 7.51 26.82 2.58
CA PRO A 360 8.70 27.66 2.63
C PRO A 360 8.64 28.69 3.75
N ALA A 361 7.49 29.33 3.93
CA ALA A 361 7.32 30.27 5.03
C ALA A 361 7.48 29.60 6.41
N ALA A 362 6.92 28.42 6.58
CA ALA A 362 7.03 27.74 7.87
C ALA A 362 8.48 27.39 8.20
N LEU A 363 9.24 27.06 7.16
CA LEU A 363 10.60 26.62 7.32
C LEU A 363 11.64 27.75 7.29
N GLU A 364 11.21 29.02 7.29
CA GLU A 364 12.16 30.13 7.23
C GLU A 364 13.22 30.04 8.33
N ALA A 365 12.78 29.85 9.56
CA ALA A 365 13.73 29.81 10.66
C ALA A 365 14.66 28.61 10.53
N ALA A 366 14.10 27.44 10.24
CA ALA A 366 14.92 26.25 10.03
C ALA A 366 15.97 26.42 8.92
N ARG A 367 15.64 27.21 7.88
CA ARG A 367 16.55 27.37 6.73
C ARG A 367 17.73 28.27 7.06
N TYR A 368 17.61 29.05 8.13
CA TYR A 368 18.64 30.03 8.45
C TYR A 368 19.91 29.32 8.94
N ASP A 369 21.06 29.74 8.40
CA ASP A 369 22.36 29.27 8.82
C ASP A 369 23.04 30.37 9.61
N PRO A 370 23.07 30.23 10.95
CA PRO A 370 23.66 31.25 11.82
C PRO A 370 25.17 31.40 11.62
N LEU A 371 25.83 30.36 11.09
CA LEU A 371 27.28 30.40 10.92
C LEU A 371 27.70 31.28 9.74
N ARG A 372 27.00 31.14 8.62
CA ARG A 372 27.29 31.90 7.41
C ARG A 372 26.35 33.10 7.27
N ARG A 373 25.32 33.17 8.12
CA ARG A 373 24.33 34.25 8.09
C ARG A 373 23.59 34.35 6.77
N VAL A 374 23.18 33.20 6.22
CA VAL A 374 22.39 33.18 5.00
C VAL A 374 21.29 32.13 5.15
N TYR A 375 20.34 32.11 4.23
CA TYR A 375 19.34 31.05 4.23
C TYR A 375 19.76 29.95 3.26
N SER A 376 19.68 28.71 3.73
CA SER A 376 20.10 27.57 2.94
C SER A 376 18.90 26.67 2.66
N TRP A 377 19.14 25.48 2.14
CA TRP A 377 18.10 24.48 1.85
C TRP A 377 16.76 25.05 1.32
N PRO A 378 16.78 25.66 0.14
CA PRO A 378 15.61 26.31 -0.44
C PRO A 378 14.42 25.35 -0.63
N GLN A 379 13.21 25.90 -0.49
CA GLN A 379 11.99 25.11 -0.51
C GLN A 379 11.09 25.50 -1.70
N GLY B 9 56.57 37.29 -7.14
CA GLY B 9 56.96 37.82 -5.85
C GLY B 9 55.87 38.68 -5.22
N LYS B 10 55.33 38.22 -4.10
CA LYS B 10 55.70 36.96 -3.49
C LYS B 10 54.56 35.95 -3.63
N THR B 11 53.77 36.11 -4.68
CA THR B 11 52.55 35.33 -4.83
C THR B 11 52.78 33.94 -5.41
N ARG B 12 52.38 32.93 -4.64
CA ARG B 12 52.44 31.54 -5.06
C ARG B 12 51.61 31.37 -6.32
N ARG B 13 52.14 30.65 -7.30
CA ARG B 13 51.43 30.45 -8.55
C ARG B 13 51.08 28.97 -8.77
N ALA B 14 49.87 28.73 -9.25
CA ALA B 14 49.40 27.38 -9.53
C ALA B 14 48.89 27.29 -10.96
N GLU B 15 49.30 26.25 -11.68
CA GLU B 15 48.76 25.97 -13.00
C GLU B 15 47.90 24.71 -12.88
N VAL B 16 46.64 24.80 -13.28
CA VAL B 16 45.72 23.67 -13.14
C VAL B 16 45.35 23.12 -14.51
N ALA B 17 45.63 21.84 -14.75
CA ALA B 17 45.26 21.21 -16.02
C ALA B 17 43.96 20.44 -15.84
N GLY B 18 42.90 20.89 -16.50
CA GLY B 18 41.63 20.20 -16.44
C GLY B 18 40.54 21.07 -15.85
N GLY B 19 39.46 21.25 -16.62
CA GLY B 19 38.35 22.10 -16.23
C GLY B 19 37.08 21.33 -15.89
N GLY B 20 37.26 20.22 -15.17
CA GLY B 20 36.17 19.41 -14.66
C GLY B 20 35.94 19.73 -13.19
N PHE B 21 35.21 18.87 -12.49
CA PHE B 21 34.92 19.12 -11.08
C PHE B 21 36.19 19.22 -10.21
N ALA B 22 37.18 18.36 -10.47
CA ALA B 22 38.37 18.38 -9.63
C ALA B 22 39.20 19.63 -9.89
N GLY B 23 39.37 19.97 -11.16
CA GLY B 23 40.16 21.14 -11.52
C GLY B 23 39.51 22.42 -11.05
N LEU B 24 38.21 22.52 -11.20
CA LEU B 24 37.52 23.74 -10.79
C LEU B 24 37.57 23.87 -9.27
N THR B 25 37.38 22.76 -8.57
CA THR B 25 37.44 22.76 -7.11
C THR B 25 38.82 23.19 -6.61
N ALA B 26 39.87 22.64 -7.20
CA ALA B 26 41.22 23.02 -6.83
C ALA B 26 41.48 24.51 -7.10
N ALA B 27 41.04 24.99 -8.27
CA ALA B 27 41.30 26.37 -8.65
C ALA B 27 40.61 27.36 -7.69
N ILE B 28 39.35 27.10 -7.38
CA ILE B 28 38.61 27.91 -6.40
C ILE B 28 39.27 27.88 -5.03
N ALA B 29 39.60 26.69 -4.55
CA ALA B 29 40.14 26.57 -3.18
C ALA B 29 41.51 27.26 -3.05
N LEU B 30 42.33 27.13 -4.08
CA LEU B 30 43.64 27.77 -4.08
C LEU B 30 43.51 29.28 -4.17
N LYS B 31 42.62 29.72 -5.05
CA LYS B 31 42.38 31.13 -5.26
C LYS B 31 41.85 31.81 -4.00
N GLN B 32 40.98 31.12 -3.27
CA GLN B 32 40.47 31.63 -2.00
C GLN B 32 41.61 31.80 -0.99
N ASN B 33 42.65 30.99 -1.13
CA ASN B 33 43.81 31.08 -0.25
C ASN B 33 44.91 32.03 -0.74
N GLY B 34 44.61 32.79 -1.78
CA GLY B 34 45.52 33.82 -2.25
C GLY B 34 46.51 33.37 -3.30
N TRP B 35 46.36 32.15 -3.80
CA TRP B 35 47.20 31.70 -4.91
C TRP B 35 46.85 32.47 -6.17
N ASP B 36 47.84 32.71 -7.02
CA ASP B 36 47.59 33.16 -8.38
C ASP B 36 47.35 31.89 -9.21
N VAL B 37 46.10 31.70 -9.66
CA VAL B 37 45.71 30.43 -10.27
C VAL B 37 45.33 30.59 -11.72
N ARG B 38 45.90 29.74 -12.58
CA ARG B 38 45.51 29.68 -13.97
C ARG B 38 45.01 28.25 -14.28
N LEU B 39 43.90 28.16 -15.00
CA LEU B 39 43.27 26.87 -15.30
C LEU B 39 43.23 26.64 -16.80
N HIS B 40 43.61 25.44 -17.22
CA HIS B 40 43.64 25.11 -18.63
C HIS B 40 42.65 23.98 -18.95
N GLU B 41 41.74 24.25 -19.86
CA GLU B 41 40.77 23.27 -20.32
C GLU B 41 41.06 22.93 -21.79
N LYS B 42 41.29 21.66 -22.05
CA LYS B 42 41.66 21.20 -23.39
C LYS B 42 40.58 21.47 -24.43
N SER B 43 39.32 21.24 -24.06
CA SER B 43 38.21 21.36 -25.02
C SER B 43 37.91 22.84 -25.31
N SER B 44 36.98 23.08 -26.24
CA SER B 44 36.68 24.45 -26.67
C SER B 44 35.79 25.21 -25.71
N GLU B 45 35.19 24.50 -24.75
CA GLU B 45 34.26 25.13 -23.82
C GLU B 45 34.28 24.45 -22.44
N LEU B 46 34.22 25.25 -21.38
CA LEU B 46 34.00 24.68 -20.07
C LEU B 46 32.64 23.99 -20.06
N ARG B 47 32.63 22.69 -19.76
CA ARG B 47 31.39 21.94 -19.87
C ARG B 47 31.53 20.57 -19.25
N ALA B 48 30.46 20.08 -18.63
CA ALA B 48 30.45 18.74 -18.04
C ALA B 48 29.58 17.81 -18.86
N PHE B 49 30.02 16.56 -19.00
CA PHE B 49 29.25 15.52 -19.68
C PHE B 49 28.86 14.41 -18.69
N GLY B 50 27.82 13.64 -19.01
CA GLY B 50 27.39 12.57 -18.13
C GLY B 50 25.98 12.77 -17.59
N ALA B 51 25.32 13.81 -18.05
CA ALA B 51 23.92 14.10 -17.74
C ALA B 51 23.66 14.56 -16.30
N GLY B 52 23.70 13.64 -15.34
CA GLY B 52 23.32 13.95 -13.97
C GLY B 52 24.37 13.45 -12.99
N ILE B 53 24.25 13.83 -11.73
CA ILE B 53 25.23 13.44 -10.74
C ILE B 53 24.64 13.52 -9.31
N TYR B 54 25.09 12.63 -8.43
CA TYR B 54 24.72 12.62 -7.02
C TYR B 54 25.88 13.18 -6.20
N LEU B 55 25.58 14.03 -5.22
CA LEU B 55 26.58 14.44 -4.24
C LEU B 55 26.04 14.10 -2.86
N TRP B 56 26.95 13.92 -1.90
CA TRP B 56 26.56 13.57 -0.55
C TRP B 56 27.13 14.62 0.39
N HIS B 57 26.86 14.43 1.67
CA HIS B 57 27.40 15.31 2.72
C HIS B 57 28.84 15.77 2.44
N ASN B 58 29.71 14.83 2.09
CA ASN B 58 31.11 15.22 1.87
C ASN B 58 31.32 16.25 0.76
N GLY B 59 30.70 16.03 -0.39
CA GLY B 59 30.77 16.93 -1.51
C GLY B 59 30.02 18.24 -1.25
N LEU B 60 28.91 18.15 -0.52
CA LEU B 60 28.16 19.35 -0.16
C LEU B 60 28.98 20.23 0.76
N ARG B 61 29.77 19.59 1.63
CA ARG B 61 30.62 20.33 2.54
C ARG B 61 31.75 21.00 1.74
N VAL B 62 32.31 20.29 0.77
CA VAL B 62 33.27 20.94 -0.12
C VAL B 62 32.64 22.20 -0.76
N LEU B 63 31.43 22.08 -1.28
CA LEU B 63 30.76 23.23 -1.90
C LEU B 63 30.59 24.40 -0.91
N GLU B 64 30.29 24.07 0.35
CA GLU B 64 30.22 25.09 1.39
C GLU B 64 31.58 25.77 1.51
N GLY B 65 32.63 24.97 1.56
CA GLY B 65 33.98 25.50 1.63
C GLY B 65 34.39 26.35 0.43
N LEU B 66 33.77 26.10 -0.72
CA LEU B 66 34.06 26.84 -1.95
C LEU B 66 33.17 28.07 -2.13
N GLY B 67 32.20 28.24 -1.24
CA GLY B 67 31.25 29.33 -1.38
C GLY B 67 30.32 29.11 -2.55
N ALA B 68 29.99 27.85 -2.84
CA ALA B 68 29.09 27.54 -3.94
C ALA B 68 27.94 26.60 -3.53
N LEU B 69 27.74 26.42 -2.23
CA LEU B 69 26.70 25.49 -1.77
C LEU B 69 25.30 25.97 -2.14
N ASP B 70 24.99 27.21 -1.81
CA ASP B 70 23.63 27.64 -1.98
C ASP B 70 23.24 27.83 -3.45
N ASP B 71 24.21 28.10 -4.32
CA ASP B 71 23.95 28.14 -5.76
C ASP B 71 23.66 26.74 -6.29
N VAL B 72 24.26 25.72 -5.67
CA VAL B 72 23.98 24.35 -6.09
C VAL B 72 22.63 23.86 -5.53
N LEU B 73 22.36 24.13 -4.25
CA LEU B 73 21.12 23.66 -3.65
C LEU B 73 19.88 24.21 -4.36
N GLN B 74 19.94 25.48 -4.75
CA GLN B 74 18.85 26.07 -5.51
C GLN B 74 18.81 25.45 -6.91
N GLY B 75 17.74 24.72 -7.23
CA GLY B 75 17.62 24.07 -8.52
C GLY B 75 18.14 22.64 -8.58
N SER B 76 18.37 22.04 -7.42
CA SER B 76 18.68 20.60 -7.30
C SER B 76 17.68 19.91 -6.36
N HIS B 77 17.84 18.60 -6.11
CA HIS B 77 16.76 17.84 -5.50
C HIS B 77 17.27 16.79 -4.51
N THR B 78 16.62 16.68 -3.34
CA THR B 78 16.87 15.53 -2.48
C THR B 78 15.61 14.67 -2.42
N PRO B 79 15.67 13.46 -2.99
CA PRO B 79 14.50 12.58 -2.96
C PRO B 79 14.09 12.27 -1.54
N PRO B 80 12.79 12.01 -1.32
CA PRO B 80 12.26 11.59 -0.01
C PRO B 80 12.89 10.28 0.41
N THR B 81 13.29 9.45 -0.55
CA THR B 81 13.96 8.21 -0.23
CA THR B 81 13.88 8.16 -0.27
C THR B 81 14.74 7.70 -1.45
N TYR B 82 15.71 6.84 -1.17
CA TYR B 82 16.51 6.16 -2.19
C TYR B 82 15.95 4.74 -2.23
N GLU B 83 15.19 4.44 -3.29
CA GLU B 83 14.49 3.16 -3.37
C GLU B 83 15.21 2.19 -4.34
N THR B 84 15.21 0.90 -4.04
CA THR B 84 15.74 -0.12 -4.95
C THR B 84 14.64 -1.12 -5.34
N TRP B 85 14.51 -1.40 -6.63
CA TRP B 85 13.59 -2.42 -7.14
C TRP B 85 14.36 -3.60 -7.76
N MET B 86 13.82 -4.80 -7.60
CA MET B 86 14.31 -5.98 -8.33
C MET B 86 13.10 -6.60 -9.01
N HIS B 87 13.11 -6.61 -10.33
CA HIS B 87 11.98 -7.12 -11.11
C HIS B 87 10.68 -6.44 -10.67
N ASN B 88 10.76 -5.12 -10.51
CA ASN B 88 9.62 -4.23 -10.22
C ASN B 88 9.10 -4.32 -8.80
N LYS B 89 9.75 -5.14 -7.99
CA LYS B 89 9.40 -5.29 -6.58
C LYS B 89 10.33 -4.43 -5.74
N SER B 90 9.76 -3.64 -4.85
CA SER B 90 10.56 -2.80 -3.97
C SER B 90 11.26 -3.65 -2.93
N VAL B 91 12.59 -3.63 -2.91
CA VAL B 91 13.34 -4.44 -1.97
C VAL B 91 13.98 -3.63 -0.85
N SER B 92 14.02 -2.30 -1.00
CA SER B 92 14.57 -1.44 0.05
C SER B 92 14.25 0.04 -0.15
N LYS B 93 14.19 0.76 0.96
CA LYS B 93 14.02 2.19 0.97
C LYS B 93 14.99 2.74 2.00
N GLU B 94 15.87 3.65 1.58
CA GLU B 94 16.95 4.11 2.45
C GLU B 94 16.98 5.62 2.52
N THR B 95 17.14 6.17 3.73
CA THR B 95 17.22 7.61 3.90
C THR B 95 18.48 8.04 4.62
N PHE B 96 19.33 7.05 4.94
CA PHE B 96 20.70 7.30 5.40
C PHE B 96 20.80 8.01 6.74
N ASN B 97 19.82 7.79 7.62
CA ASN B 97 19.84 8.39 8.96
C ASN B 97 20.14 9.89 8.91
N GLY B 98 19.50 10.60 7.99
CA GLY B 98 19.59 12.05 7.92
C GLY B 98 20.79 12.62 7.19
N LEU B 99 21.72 11.76 6.76
CA LEU B 99 22.89 12.20 6.03
C LEU B 99 22.49 12.97 4.77
N PRO B 100 22.96 14.22 4.63
CA PRO B 100 22.55 15.05 3.50
C PRO B 100 23.05 14.51 2.17
N TRP B 101 22.23 14.64 1.13
CA TRP B 101 22.58 14.18 -0.21
C TRP B 101 21.73 14.96 -1.23
N ARG B 102 22.07 14.89 -2.50
CA ARG B 102 21.48 15.79 -3.49
C ARG B 102 21.71 15.26 -4.90
N ILE B 103 20.73 15.43 -5.77
CA ILE B 103 20.86 15.04 -7.17
C ILE B 103 20.73 16.30 -8.00
N MET B 104 21.44 16.39 -9.12
CA MET B 104 21.42 17.60 -9.93
C MET B 104 21.94 17.23 -11.32
N THR B 105 21.63 18.03 -12.32
CA THR B 105 22.26 17.77 -13.61
C THR B 105 23.75 18.14 -13.46
N ARG B 106 24.62 17.53 -14.27
CA ARG B 106 26.04 17.88 -14.24
C ARG B 106 26.30 19.37 -14.57
N SER B 107 25.53 19.90 -15.51
CA SER B 107 25.67 21.30 -15.93
CA SER B 107 25.74 21.29 -15.91
C SER B 107 25.34 22.25 -14.78
N HIS B 108 24.36 21.88 -13.97
CA HIS B 108 23.98 22.71 -12.83
C HIS B 108 25.16 22.80 -11.86
N LEU B 109 25.77 21.67 -11.54
CA LEU B 109 26.95 21.68 -10.65
C LEU B 109 28.13 22.38 -11.30
N HIS B 110 28.37 22.05 -12.56
CA HIS B 110 29.52 22.59 -13.27
C HIS B 110 29.37 24.11 -13.47
N ASP B 111 28.18 24.58 -13.82
CA ASP B 111 27.95 26.02 -13.96
C ASP B 111 28.24 26.75 -12.66
N ALA B 112 27.83 26.16 -11.55
CA ALA B 112 28.03 26.81 -10.27
C ALA B 112 29.51 26.94 -9.94
N LEU B 113 30.29 25.90 -10.25
CA LEU B 113 31.73 25.96 -10.04
C LEU B 113 32.41 26.96 -11.01
N VAL B 114 31.99 26.95 -12.27
CA VAL B 114 32.55 27.90 -13.23
C VAL B 114 32.27 29.35 -12.78
N ASN B 115 31.02 29.62 -12.42
CA ASN B 115 30.64 30.96 -11.97
C ASN B 115 31.49 31.43 -10.79
N ARG B 116 31.73 30.53 -9.85
CA ARG B 116 32.52 30.83 -8.67
C ARG B 116 34.01 31.02 -8.97
N ALA B 117 34.58 30.12 -9.77
CA ALA B 117 35.97 30.26 -10.18
C ALA B 117 36.17 31.58 -10.94
N ARG B 118 35.26 31.88 -11.86
CA ARG B 118 35.34 33.12 -12.63
C ARG B 118 35.21 34.37 -11.74
N ALA B 119 34.23 34.36 -10.84
CA ALA B 119 34.01 35.50 -9.98
C ALA B 119 35.21 35.77 -9.07
N LEU B 120 35.91 34.71 -8.70
CA LEU B 120 37.08 34.85 -7.83
C LEU B 120 38.31 35.34 -8.59
N GLY B 121 38.20 35.37 -9.90
CA GLY B 121 39.31 35.86 -10.71
C GLY B 121 40.27 34.79 -11.16
N VAL B 122 39.87 33.52 -11.17
CA VAL B 122 40.71 32.47 -11.75
C VAL B 122 40.95 32.76 -13.23
N ASP B 123 42.21 32.72 -13.64
CA ASP B 123 42.58 32.89 -15.04
C ASP B 123 42.20 31.62 -15.83
N ILE B 124 41.22 31.75 -16.71
CA ILE B 124 40.65 30.61 -17.44
C ILE B 124 41.05 30.61 -18.91
N SER B 125 41.65 29.51 -19.37
CA SER B 125 41.96 29.33 -20.79
C SER B 125 41.31 28.05 -21.33
N VAL B 126 40.55 28.14 -22.41
CA VAL B 126 40.03 26.94 -23.08
C VAL B 126 40.85 26.71 -24.35
N ASN B 127 40.62 25.59 -25.03
CA ASN B 127 41.51 25.17 -26.13
C ASN B 127 42.96 25.19 -25.65
N SER B 128 43.16 24.79 -24.40
CA SER B 128 44.48 24.82 -23.80
C SER B 128 44.75 23.45 -23.19
N GLU B 129 45.53 22.64 -23.91
CA GLU B 129 45.76 21.26 -23.54
C GLU B 129 47.14 21.05 -22.93
N ALA B 130 47.20 20.52 -21.71
CA ALA B 130 48.48 20.15 -21.12
C ALA B 130 48.95 18.83 -21.74
N VAL B 131 50.19 18.77 -22.22
CA VAL B 131 50.70 17.53 -22.81
C VAL B 131 51.91 16.98 -22.05
N ALA B 132 52.49 17.81 -21.19
CA ALA B 132 53.61 17.38 -20.36
C ALA B 132 53.68 18.22 -19.09
N ALA B 133 54.13 17.60 -18.01
CA ALA B 133 54.39 18.31 -16.78
C ALA B 133 55.71 17.82 -16.21
N ASP B 134 56.41 18.71 -15.52
CA ASP B 134 57.70 18.39 -14.90
C ASP B 134 57.58 18.68 -13.41
N PRO B 135 57.99 17.71 -12.56
CA PRO B 135 57.98 17.85 -11.09
C PRO B 135 58.71 19.08 -10.55
N VAL B 136 59.62 19.68 -11.30
CA VAL B 136 60.27 20.91 -10.83
C VAL B 136 59.35 22.13 -10.93
N GLY B 137 58.21 21.95 -11.57
CA GLY B 137 57.21 23.00 -11.64
C GLY B 137 57.04 23.58 -13.03
N ARG B 138 56.92 22.72 -14.02
CA ARG B 138 56.72 23.14 -15.40
C ARG B 138 55.54 22.42 -16.08
N LEU B 139 54.67 23.19 -16.72
CA LEU B 139 53.58 22.61 -17.47
C LEU B 139 53.74 22.99 -18.94
N THR B 140 53.80 22.00 -19.81
CA THR B 140 53.91 22.26 -21.25
C THR B 140 52.57 22.06 -21.97
N LEU B 141 52.16 23.06 -22.74
CA LEU B 141 50.92 22.97 -23.49
C LEU B 141 51.15 22.40 -24.88
N GLN B 142 50.07 21.99 -25.54
CA GLN B 142 50.13 21.47 -26.90
C GLN B 142 50.71 22.50 -27.87
N THR B 143 50.54 23.79 -27.55
CA THR B 143 51.10 24.87 -28.38
C THR B 143 52.63 24.93 -28.33
N GLY B 144 53.21 24.21 -27.37
CA GLY B 144 54.64 24.25 -27.15
C GLY B 144 54.99 25.22 -26.03
N GLU B 145 54.03 26.07 -25.66
CA GLU B 145 54.24 27.01 -24.58
C GLU B 145 54.56 26.30 -23.25
N VAL B 146 55.61 26.75 -22.58
CA VAL B 146 56.03 26.19 -21.31
C VAL B 146 55.73 27.15 -20.16
N LEU B 147 55.02 26.67 -19.15
CA LEU B 147 54.60 27.49 -18.01
C LEU B 147 55.31 27.05 -16.74
N GLU B 148 55.86 28.01 -16.01
CA GLU B 148 56.50 27.69 -14.74
C GLU B 148 55.56 28.08 -13.62
N ALA B 149 55.56 27.30 -12.54
CA ALA B 149 54.67 27.58 -11.41
C ALA B 149 55.17 26.86 -10.18
N ASP B 150 54.63 27.24 -9.03
CA ASP B 150 55.05 26.66 -7.77
C ASP B 150 54.29 25.38 -7.49
N LEU B 151 53.18 25.20 -8.19
CA LEU B 151 52.33 24.04 -8.03
C LEU B 151 51.69 23.69 -9.37
N ILE B 152 51.70 22.41 -9.70
CA ILE B 152 51.00 21.93 -10.88
CA ILE B 152 51.02 21.91 -10.89
C ILE B 152 49.95 20.90 -10.48
N VAL B 153 48.71 21.12 -10.90
CA VAL B 153 47.63 20.20 -10.57
C VAL B 153 47.20 19.46 -11.82
N GLY B 154 47.40 18.15 -11.81
CA GLY B 154 46.87 17.29 -12.85
C GLY B 154 45.44 16.91 -12.51
N ALA B 155 44.49 17.67 -13.04
CA ALA B 155 43.07 17.33 -12.83
C ALA B 155 42.49 17.05 -14.19
N ASP B 156 43.26 16.33 -15.00
CA ASP B 156 42.88 16.21 -16.40
C ASP B 156 42.21 14.88 -16.78
N GLY B 157 41.52 14.25 -15.83
CA GLY B 157 40.65 13.14 -16.15
C GLY B 157 41.36 11.80 -16.16
N VAL B 158 40.62 10.73 -16.42
CA VAL B 158 41.19 9.39 -16.35
C VAL B 158 42.31 9.15 -17.39
N GLY B 159 42.29 9.90 -18.48
CA GLY B 159 43.36 9.81 -19.47
C GLY B 159 44.44 10.87 -19.28
N SER B 160 44.67 11.30 -18.03
CA SER B 160 45.61 12.37 -17.71
C SER B 160 46.99 12.34 -18.40
N LYS B 161 47.27 13.37 -19.18
CA LYS B 161 48.59 13.50 -19.79
C LYS B 161 49.60 14.05 -18.79
N VAL B 162 49.12 14.79 -17.80
CA VAL B 162 50.00 15.28 -16.75
C VAL B 162 50.61 14.06 -16.05
N ARG B 163 49.76 13.08 -15.76
CA ARG B 163 50.20 11.85 -15.11
C ARG B 163 51.09 11.03 -16.04
N ASP B 164 50.62 10.77 -17.25
CA ASP B 164 51.33 9.84 -18.12
C ASP B 164 52.62 10.40 -18.72
N SER B 165 52.74 11.73 -18.74
CA SER B 165 53.97 12.35 -19.22
C SER B 165 55.07 12.21 -18.19
N ILE B 166 54.68 11.97 -16.94
CA ILE B 166 55.64 11.84 -15.86
C ILE B 166 55.94 10.36 -15.62
N GLY B 167 54.93 9.51 -15.84
CA GLY B 167 55.11 8.08 -15.73
C GLY B 167 54.86 7.54 -14.33
N PHE B 168 53.62 7.63 -13.87
CA PHE B 168 53.25 7.13 -12.55
C PHE B 168 52.87 5.65 -12.65
N LYS B 169 53.26 4.86 -11.67
CA LYS B 169 52.84 3.47 -11.61
C LYS B 169 51.34 3.41 -11.40
N GLN B 170 50.65 2.62 -12.22
CA GLN B 170 49.22 2.53 -12.08
C GLN B 170 48.66 1.14 -12.33
N ASP B 171 47.44 0.94 -11.86
CA ASP B 171 46.66 -0.23 -12.22
C ASP B 171 45.37 0.29 -12.84
N ARG B 172 45.31 0.24 -14.18
CA ARG B 172 44.25 0.89 -14.94
C ARG B 172 43.33 -0.19 -15.55
N TRP B 173 42.01 0.02 -15.48
CA TRP B 173 41.05 -0.99 -15.89
C TRP B 173 39.89 -0.39 -16.69
N VAL B 174 39.43 -1.11 -17.71
CA VAL B 174 38.28 -0.66 -18.48
C VAL B 174 37.18 -1.73 -18.46
N SER B 175 35.94 -1.31 -18.27
CA SER B 175 34.83 -2.24 -18.16
C SER B 175 34.47 -2.91 -19.47
N LYS B 176 33.80 -4.04 -19.34
CA LYS B 176 33.20 -4.77 -20.43
C LYS B 176 31.91 -4.06 -20.87
N ASP B 177 31.06 -3.76 -19.91
CA ASP B 177 29.76 -3.18 -20.21
C ASP B 177 29.69 -1.70 -19.85
N GLY B 178 28.62 -1.04 -20.29
CA GLY B 178 28.48 0.38 -20.05
C GLY B 178 27.04 0.82 -19.91
N LEU B 179 26.78 2.10 -20.15
CA LEU B 179 25.44 2.65 -19.94
C LEU B 179 25.21 3.93 -20.72
N ILE B 180 23.93 4.27 -20.86
CA ILE B 180 23.50 5.48 -21.53
C ILE B 180 22.94 6.41 -20.46
N ARG B 181 23.43 7.65 -20.40
CA ARG B 181 22.95 8.60 -19.40
C ARG B 181 22.34 9.80 -20.09
N LEU B 182 21.16 10.20 -19.64
CA LEU B 182 20.35 11.20 -20.33
C LEU B 182 19.59 12.10 -19.35
N ILE B 183 19.33 13.33 -19.75
CA ILE B 183 18.39 14.19 -19.02
C ILE B 183 17.13 14.31 -19.88
N VAL B 184 15.97 14.04 -19.28
CA VAL B 184 14.68 14.17 -19.96
C VAL B 184 13.70 14.91 -19.04
N PRO B 185 12.58 15.41 -19.59
CA PRO B 185 11.58 16.03 -18.72
C PRO B 185 11.03 15.03 -17.68
N ARG B 186 10.60 15.51 -16.53
CA ARG B 186 10.05 14.64 -15.49
C ARG B 186 8.81 13.86 -15.92
N MET B 187 7.96 14.49 -16.72
CA MET B 187 6.68 13.90 -17.13
C MET B 187 5.88 13.37 -15.95
N LYS B 188 6.01 14.04 -14.81
CA LYS B 188 5.51 13.48 -13.54
C LYS B 188 4.03 13.16 -13.60
N LYS B 189 3.24 14.09 -14.11
CA LYS B 189 1.81 13.91 -14.27
C LYS B 189 1.51 12.66 -15.08
N GLU B 190 2.20 12.50 -16.22
CA GLU B 190 2.02 11.36 -17.11
C GLU B 190 2.42 10.03 -16.46
N LEU B 191 3.26 10.07 -15.44
CA LEU B 191 3.70 8.84 -14.78
C LEU B 191 2.60 8.31 -13.85
N GLY B 192 1.61 9.14 -13.57
CA GLY B 192 0.47 8.72 -12.78
C GLY B 192 0.83 8.38 -11.35
N HIS B 193 0.13 7.42 -10.78
CA HIS B 193 0.27 7.08 -9.38
C HIS B 193 1.62 6.46 -9.04
N GLY B 194 2.26 6.96 -7.98
CA GLY B 194 3.53 6.41 -7.54
C GLY B 194 4.35 7.36 -6.68
N GLU B 195 5.61 7.00 -6.44
CA GLU B 195 6.51 7.84 -5.65
C GLU B 195 7.59 8.37 -6.56
N TRP B 196 7.21 9.28 -7.46
CA TRP B 196 8.07 9.60 -8.58
C TRP B 196 9.10 10.69 -8.29
N ASP B 197 9.19 11.10 -7.03
CA ASP B 197 10.26 12.00 -6.58
C ASP B 197 11.41 11.21 -5.97
N ASN B 198 11.21 9.90 -5.82
CA ASN B 198 12.24 9.01 -5.27
C ASN B 198 13.36 8.81 -6.28
N THR B 199 14.56 8.52 -5.77
CA THR B 199 15.52 7.78 -6.57
C THR B 199 14.99 6.37 -6.61
N ILE B 200 14.97 5.75 -7.77
CA ILE B 200 14.58 4.36 -7.84
C ILE B 200 15.59 3.62 -8.71
N ASP B 201 16.29 2.67 -8.12
CA ASP B 201 17.24 1.85 -8.86
C ASP B 201 16.52 0.57 -9.29
N MET B 202 16.15 0.52 -10.57
CA MET B 202 15.29 -0.55 -11.09
C MET B 202 16.12 -1.63 -11.79
N TRP B 203 16.40 -2.71 -11.08
CA TRP B 203 17.24 -3.80 -11.56
C TRP B 203 16.39 -4.89 -12.17
N ASN B 204 16.92 -5.54 -13.20
CA ASN B 204 16.30 -6.73 -13.77
C ASN B 204 17.37 -7.68 -14.28
N PHE B 205 17.17 -8.99 -14.10
CA PHE B 205 18.03 -9.99 -14.71
C PHE B 205 17.21 -10.88 -15.63
N TRP B 206 15.91 -10.92 -15.40
CA TRP B 206 14.97 -11.65 -16.25
C TRP B 206 13.91 -10.68 -16.74
N PRO B 207 13.49 -10.79 -18.02
CA PRO B 207 13.90 -11.75 -19.04
C PRO B 207 15.22 -11.39 -19.70
N ARG B 208 15.68 -10.16 -19.48
CA ARG B 208 16.99 -9.72 -19.96
C ARG B 208 17.68 -8.91 -18.88
N VAL B 209 18.99 -8.75 -18.97
CA VAL B 209 19.70 -7.88 -18.04
C VAL B 209 19.54 -6.44 -18.50
N GLN B 210 18.67 -5.68 -17.83
CA GLN B 210 18.48 -4.26 -18.14
C GLN B 210 18.15 -3.53 -16.85
N ARG B 211 18.75 -2.36 -16.67
CA ARG B 211 18.59 -1.61 -15.42
C ARG B 211 18.40 -0.15 -15.75
N ILE B 212 17.53 0.51 -15.00
CA ILE B 212 17.44 1.96 -15.11
C ILE B 212 17.62 2.57 -13.73
N LEU B 213 18.56 3.51 -13.61
CA LEU B 213 18.64 4.34 -12.40
C LEU B 213 17.85 5.61 -12.66
N TYR B 214 16.78 5.78 -11.88
CA TYR B 214 15.82 6.85 -12.06
C TYR B 214 16.15 7.92 -11.03
N SER B 215 16.46 9.14 -11.49
CA SER B 215 17.06 10.16 -10.61
C SER B 215 16.54 11.57 -10.87
N PRO B 216 15.48 11.99 -10.14
CA PRO B 216 14.97 13.35 -10.33
C PRO B 216 16.00 14.41 -9.92
N CYS B 217 16.22 15.42 -10.76
CA CYS B 217 17.19 16.49 -10.48
C CYS B 217 16.53 17.76 -9.94
N ASN B 218 15.25 17.91 -10.21
CA ASN B 218 14.44 19.06 -9.83
C ASN B 218 13.04 18.87 -10.41
N GLU B 219 12.19 19.90 -10.37
CA GLU B 219 10.81 19.80 -10.86
CA GLU B 219 10.82 19.74 -10.85
C GLU B 219 10.72 19.61 -12.37
N ASN B 220 11.77 20.01 -13.10
CA ASN B 220 11.74 19.95 -14.55
C ASN B 220 12.55 18.80 -15.18
N GLU B 221 13.65 18.41 -14.54
CA GLU B 221 14.62 17.51 -15.17
C GLU B 221 14.76 16.16 -14.48
N LEU B 222 14.76 15.11 -15.28
CA LEU B 222 14.95 13.75 -14.80
C LEU B 222 16.22 13.15 -15.38
N TYR B 223 17.08 12.60 -14.52
CA TYR B 223 18.32 11.97 -14.95
C TYR B 223 18.10 10.46 -14.99
N LEU B 224 18.33 9.85 -16.16
CA LEU B 224 18.18 8.42 -16.33
C LEU B 224 19.51 7.80 -16.71
N GLY B 225 19.85 6.69 -16.07
CA GLY B 225 20.96 5.87 -16.51
C GLY B 225 20.37 4.57 -17.03
N LEU B 226 20.60 4.26 -18.29
CA LEU B 226 20.08 3.02 -18.87
C LEU B 226 21.22 2.03 -19.07
N MET B 227 21.19 0.95 -18.30
CA MET B 227 22.28 0.01 -18.30
CA MET B 227 22.28 0.00 -18.27
C MET B 227 21.91 -1.34 -18.92
N ALA B 228 22.69 -1.74 -19.90
CA ALA B 228 22.47 -2.98 -20.62
C ALA B 228 23.85 -3.47 -21.08
N PRO B 229 24.03 -4.78 -21.24
CA PRO B 229 25.34 -5.30 -21.65
C PRO B 229 25.77 -4.77 -23.02
N ALA B 230 27.08 -4.57 -23.20
CA ALA B 230 27.62 -4.17 -24.50
C ALA B 230 27.27 -5.17 -25.63
N ALA B 231 27.20 -6.45 -25.28
CA ALA B 231 26.83 -7.48 -26.25
C ALA B 231 25.33 -7.52 -26.60
N ASP B 232 24.54 -6.68 -25.95
CA ASP B 232 23.12 -6.53 -26.27
C ASP B 232 22.96 -5.44 -27.34
N PRO B 233 22.72 -5.83 -28.59
CA PRO B 233 22.75 -4.86 -29.67
C PRO B 233 21.60 -3.87 -29.62
N ARG B 234 20.52 -4.21 -28.93
CA ARG B 234 19.37 -3.30 -28.84
C ARG B 234 19.43 -2.42 -27.59
N GLY B 235 19.70 -3.06 -26.45
CA GLY B 235 19.78 -2.36 -25.18
C GLY B 235 20.92 -1.36 -25.10
N SER B 236 22.01 -1.63 -25.82
CA SER B 236 23.15 -0.72 -25.86
C SER B 236 23.10 0.34 -26.98
N SER B 237 22.10 0.28 -27.83
CA SER B 237 22.02 1.18 -28.99
CA SER B 237 22.03 1.18 -28.99
C SER B 237 21.69 2.62 -28.61
N VAL B 238 22.31 3.57 -29.31
CA VAL B 238 21.94 4.98 -29.20
C VAL B 238 21.71 5.53 -30.62
N PRO B 239 20.67 6.37 -30.80
CA PRO B 239 19.62 6.74 -29.86
C PRO B 239 18.87 5.50 -29.40
N ILE B 240 18.22 5.57 -28.24
CA ILE B 240 17.73 4.35 -27.62
C ILE B 240 16.69 3.61 -28.44
N ASP B 241 16.72 2.29 -28.32
CA ASP B 241 15.72 1.41 -28.89
C ASP B 241 14.53 1.50 -27.95
N LEU B 242 13.55 2.32 -28.30
CA LEU B 242 12.42 2.61 -27.42
C LEU B 242 11.72 1.34 -26.98
N GLU B 243 11.47 0.46 -27.93
CA GLU B 243 10.73 -0.78 -27.68
C GLU B 243 11.31 -1.67 -26.57
N VAL B 244 12.62 -1.91 -26.59
CA VAL B 244 13.19 -2.81 -25.58
C VAL B 244 13.24 -2.18 -24.19
N TRP B 245 13.23 -0.86 -24.13
CA TRP B 245 13.24 -0.19 -22.83
C TRP B 245 11.83 -0.08 -22.22
N VAL B 246 10.87 0.30 -23.06
CA VAL B 246 9.47 0.38 -22.66
C VAL B 246 8.96 -0.99 -22.24
N GLU B 247 9.42 -2.02 -22.94
CA GLU B 247 9.01 -3.38 -22.65
C GLU B 247 9.33 -3.79 -21.22
N MET B 248 10.51 -3.41 -20.74
CA MET B 248 10.90 -3.80 -19.39
C MET B 248 10.65 -2.72 -18.32
N PHE B 249 10.36 -1.51 -18.78
CA PHE B 249 10.07 -0.39 -17.89
C PHE B 249 8.83 0.35 -18.39
N PRO B 250 7.70 -0.35 -18.50
CA PRO B 250 6.52 0.26 -19.13
C PRO B 250 5.97 1.48 -18.38
N PHE B 251 6.10 1.47 -17.05
CA PHE B 251 5.71 2.60 -16.21
C PHE B 251 6.52 3.88 -16.48
N LEU B 252 7.61 3.76 -17.23
CA LEU B 252 8.43 4.93 -17.57
C LEU B 252 8.22 5.40 -19.00
N GLU B 253 7.28 4.77 -19.70
CA GLU B 253 7.04 5.09 -21.11
C GLU B 253 7.03 6.58 -21.49
N PRO B 254 6.35 7.44 -20.72
CA PRO B 254 6.36 8.87 -21.07
C PRO B 254 7.77 9.47 -21.13
N CYS B 255 8.62 9.12 -20.16
CA CYS B 255 9.98 9.64 -20.13
C CYS B 255 10.87 8.99 -21.19
N LEU B 256 10.66 7.69 -21.43
CA LEU B 256 11.45 6.96 -22.41
C LEU B 256 11.14 7.45 -23.82
N ILE B 257 9.89 7.80 -24.08
CA ILE B 257 9.51 8.40 -25.35
C ILE B 257 10.32 9.69 -25.60
N GLU B 258 10.50 10.50 -24.57
CA GLU B 258 11.27 11.74 -24.70
C GLU B 258 12.78 11.42 -24.86
N ALA B 259 13.23 10.37 -24.18
CA ALA B 259 14.63 9.95 -24.26
C ALA B 259 15.01 9.49 -25.67
N ALA B 260 14.06 8.89 -26.36
CA ALA B 260 14.32 8.38 -27.69
C ALA B 260 14.48 9.49 -28.73
N LYS B 261 14.10 10.72 -28.35
CA LYS B 261 14.27 11.87 -29.24
C LYS B 261 15.69 12.45 -29.22
N LEU B 262 16.49 12.03 -28.26
CA LEU B 262 17.84 12.55 -28.09
C LEU B 262 18.83 11.83 -28.98
N LYS B 263 19.16 12.44 -30.11
CA LYS B 263 20.00 11.79 -31.11
C LYS B 263 21.48 11.68 -30.73
N THR B 264 21.95 12.50 -29.79
CA THR B 264 23.36 12.48 -29.40
C THR B 264 23.63 11.77 -28.07
N ALA B 265 22.80 10.80 -27.70
CA ALA B 265 23.05 9.96 -26.54
C ALA B 265 24.29 9.09 -26.82
N ARG B 266 25.03 8.72 -25.77
CA ARG B 266 26.19 7.85 -25.95
C ARG B 266 26.13 6.67 -25.01
N TYR B 267 26.70 5.55 -25.45
CA TYR B 267 26.90 4.39 -24.60
C TYR B 267 28.34 4.42 -24.11
N ASP B 268 28.55 4.64 -22.81
CA ASP B 268 29.90 4.78 -22.26
C ASP B 268 30.31 3.62 -21.35
N LYS B 269 31.56 3.18 -21.46
CA LYS B 269 32.07 2.14 -20.58
C LYS B 269 32.72 2.73 -19.32
N TYR B 270 32.81 1.92 -18.28
CA TYR B 270 33.38 2.34 -17.01
C TYR B 270 34.90 2.23 -17.11
N GLU B 271 35.60 3.05 -16.35
CA GLU B 271 37.05 2.99 -16.36
C GLU B 271 37.59 3.36 -14.99
N THR B 272 38.58 2.63 -14.51
CA THR B 272 39.14 2.91 -13.18
C THR B 272 40.66 3.02 -13.20
N THR B 273 41.21 3.69 -12.21
CA THR B 273 42.65 3.64 -12.04
C THR B 273 43.07 3.83 -10.59
N LYS B 274 44.10 3.09 -10.20
CA LYS B 274 44.67 3.25 -8.87
C LYS B 274 46.17 3.44 -9.03
N LEU B 275 46.68 4.45 -8.35
CA LEU B 275 48.10 4.82 -8.46
C LEU B 275 48.86 4.57 -7.16
N ASP B 276 50.12 4.19 -7.28
CA ASP B 276 50.98 3.99 -6.12
CA ASP B 276 50.99 4.00 -6.13
C ASP B 276 51.19 5.31 -5.39
N SER B 277 51.28 6.40 -6.15
CA SER B 277 51.56 7.71 -5.63
C SER B 277 50.72 8.75 -6.36
N TRP B 278 50.30 9.80 -5.65
CA TRP B 278 49.51 10.87 -6.24
C TRP B 278 50.36 12.12 -6.50
N THR B 279 51.61 12.11 -6.08
CA THR B 279 52.40 13.33 -6.20
C THR B 279 53.81 13.02 -6.69
N ARG B 280 54.43 13.99 -7.34
CA ARG B 280 55.86 13.94 -7.60
C ARG B 280 56.39 15.36 -7.66
N GLY B 281 57.30 15.69 -6.77
CA GLY B 281 57.80 17.06 -6.70
C GLY B 281 56.64 18.03 -6.46
N LYS B 282 56.49 19.01 -7.35
CA LYS B 282 55.44 20.03 -7.23
C LYS B 282 54.16 19.67 -8.01
N VAL B 283 54.05 18.43 -8.48
CA VAL B 283 52.89 18.00 -9.26
C VAL B 283 51.95 17.19 -8.36
N ALA B 284 50.67 17.55 -8.31
CA ALA B 284 49.67 16.74 -7.60
C ALA B 284 48.60 16.29 -8.56
N LEU B 285 48.25 15.00 -8.52
CA LEU B 285 47.19 14.46 -9.35
C LEU B 285 45.91 14.41 -8.52
N VAL B 286 44.82 14.91 -9.07
CA VAL B 286 43.56 14.94 -8.33
CA VAL B 286 43.56 14.98 -8.34
C VAL B 286 42.40 14.48 -9.21
N GLY B 287 41.45 13.79 -8.62
CA GLY B 287 40.27 13.37 -9.35
C GLY B 287 40.52 12.07 -10.10
N ASP B 288 39.81 11.88 -11.21
CA ASP B 288 39.92 10.65 -12.00
C ASP B 288 41.35 10.41 -12.48
N ALA B 289 42.14 11.46 -12.62
CA ALA B 289 43.55 11.31 -12.98
C ALA B 289 44.32 10.42 -11.98
N ALA B 290 43.90 10.48 -10.71
CA ALA B 290 44.53 9.72 -9.65
C ALA B 290 43.74 8.49 -9.20
N HIS B 291 42.40 8.55 -9.29
CA HIS B 291 41.60 7.55 -8.59
C HIS B 291 40.21 7.31 -9.18
N ALA B 292 40.11 7.29 -10.50
CA ALA B 292 38.85 6.93 -11.15
C ALA B 292 38.32 5.61 -10.56
N MET B 293 37.05 5.55 -10.23
CA MET B 293 36.55 4.38 -9.54
C MET B 293 35.19 3.92 -10.11
N CYS B 294 34.73 2.75 -9.69
CA CYS B 294 33.39 2.30 -10.08
C CYS B 294 32.32 3.19 -9.43
N PRO B 295 31.22 3.45 -10.14
CA PRO B 295 30.28 4.46 -9.63
C PRO B 295 29.22 3.98 -8.63
N ALA B 296 29.32 2.75 -8.16
CA ALA B 296 28.30 2.17 -7.27
C ALA B 296 27.99 3.05 -6.04
N LEU B 297 29.00 3.62 -5.43
CA LEU B 297 28.75 4.42 -4.23
C LEU B 297 28.51 5.91 -4.57
N ALA B 298 28.58 6.22 -5.86
CA ALA B 298 28.37 7.59 -6.36
C ALA B 298 29.26 8.59 -5.60
N GLN B 299 30.56 8.30 -5.59
CA GLN B 299 31.55 9.05 -4.85
C GLN B 299 32.75 9.48 -5.69
N GLY B 300 32.74 9.20 -6.99
CA GLY B 300 33.88 9.56 -7.83
C GLY B 300 34.17 11.06 -7.79
N ALA B 301 33.16 11.88 -8.06
CA ALA B 301 33.36 13.32 -8.00
C ALA B 301 33.43 13.83 -6.55
N GLY B 302 32.69 13.17 -5.66
CA GLY B 302 32.76 13.51 -4.26
C GLY B 302 34.17 13.40 -3.71
N CYS B 303 34.82 12.27 -3.96
CA CYS B 303 36.20 12.11 -3.54
C CYS B 303 37.13 13.08 -4.27
N ALA B 304 36.90 13.25 -5.57
CA ALA B 304 37.71 14.17 -6.34
C ALA B 304 37.65 15.58 -5.72
N MET B 305 36.47 15.98 -5.30
CA MET B 305 36.30 17.33 -4.73
C MET B 305 36.89 17.44 -3.33
N VAL B 306 36.67 16.41 -2.50
CA VAL B 306 37.28 16.37 -1.17
C VAL B 306 38.80 16.43 -1.28
N ASN B 307 39.35 15.69 -2.24
CA ASN B 307 40.80 15.65 -2.39
C ASN B 307 41.39 16.96 -2.87
N ALA B 308 40.74 17.58 -3.86
CA ALA B 308 41.19 18.86 -4.38
C ALA B 308 41.05 19.94 -3.31
N PHE B 309 39.96 19.91 -2.55
CA PHE B 309 39.80 20.88 -1.47
C PHE B 309 40.83 20.66 -0.36
N SER B 310 41.06 19.41 -0.01
CA SER B 310 42.03 19.07 1.03
C SER B 310 43.47 19.44 0.64
N LEU B 311 43.77 19.39 -0.66
CA LEU B 311 45.10 19.79 -1.16
C LEU B 311 45.37 21.25 -0.78
N SER B 312 44.38 22.10 -1.01
CA SER B 312 44.49 23.51 -0.66
CA SER B 312 44.47 23.51 -0.66
C SER B 312 44.74 23.70 0.84
N GLN B 313 44.15 22.83 1.66
CA GLN B 313 44.33 22.92 3.11
C GLN B 313 45.78 22.62 3.52
N ASP B 314 46.36 21.57 2.97
CA ASP B 314 47.73 21.21 3.35
C ASP B 314 48.77 22.22 2.85
N LEU B 315 48.40 22.97 1.82
CA LEU B 315 49.28 24.01 1.29
C LEU B 315 49.27 25.28 2.14
N GLU B 316 48.49 25.28 3.22
CA GLU B 316 48.44 26.43 4.13
C GLU B 316 49.34 26.29 5.38
N GLU B 317 50.14 25.22 5.45
CA GLU B 317 50.84 24.89 6.69
C GLU B 317 52.27 25.47 6.81
N GLY B 318 52.72 26.21 5.81
CA GLY B 318 54.02 26.84 5.87
C GLY B 318 55.14 25.98 5.31
N SER B 319 54.81 24.74 4.95
CA SER B 319 55.79 23.80 4.41
C SER B 319 56.19 24.17 2.99
N SER B 320 57.21 23.50 2.45
CA SER B 320 57.47 23.59 1.03
C SER B 320 56.29 22.95 0.31
N VAL B 321 56.07 23.31 -0.95
CA VAL B 321 55.02 22.67 -1.72
C VAL B 321 55.20 21.15 -1.74
N GLU B 322 56.44 20.69 -1.97
CA GLU B 322 56.73 19.27 -2.04
C GLU B 322 56.31 18.50 -0.79
N ASP B 323 56.62 19.06 0.38
CA ASP B 323 56.28 18.43 1.64
C ASP B 323 54.77 18.46 1.90
N ALA B 324 54.14 19.58 1.56
CA ALA B 324 52.70 19.70 1.75
C ALA B 324 51.95 18.66 0.92
N LEU B 325 52.46 18.40 -0.28
CA LEU B 325 51.83 17.44 -1.18
C LEU B 325 51.92 16.02 -0.63
N VAL B 326 53.06 15.70 -0.02
CA VAL B 326 53.25 14.39 0.59
C VAL B 326 52.35 14.24 1.83
N ALA B 327 52.25 15.31 2.61
CA ALA B 327 51.37 15.30 3.77
C ALA B 327 49.90 15.16 3.35
N TRP B 328 49.54 15.85 2.28
CA TRP B 328 48.17 15.79 1.74
C TRP B 328 47.78 14.34 1.42
N GLU B 329 48.57 13.68 0.58
CA GLU B 329 48.22 12.33 0.16
C GLU B 329 48.13 11.40 1.35
N THR B 330 49.10 11.49 2.25
CA THR B 330 49.14 10.66 3.44
C THR B 330 47.88 10.80 4.29
N ARG B 331 47.42 12.04 4.43
CA ARG B 331 46.25 12.34 5.26
C ARG B 331 44.94 11.86 4.63
N ILE B 332 44.78 12.08 3.32
CA ILE B 332 43.45 12.00 2.69
C ILE B 332 43.20 10.77 1.82
N ARG B 333 44.25 10.17 1.30
CA ARG B 333 44.07 9.08 0.34
C ARG B 333 43.37 7.81 0.87
N PRO B 334 43.60 7.42 2.14
CA PRO B 334 42.92 6.21 2.58
C PRO B 334 41.40 6.22 2.47
N ILE B 335 40.78 7.39 2.61
CA ILE B 335 39.33 7.48 2.50
C ILE B 335 38.90 7.09 1.08
N THR B 336 39.64 7.63 0.12
CA THR B 336 39.42 7.35 -1.29
C THR B 336 39.75 5.90 -1.65
N ASP B 337 40.89 5.40 -1.19
CA ASP B 337 41.26 4.01 -1.44
C ASP B 337 40.18 3.04 -0.97
N ARG B 338 39.67 3.25 0.24
CA ARG B 338 38.66 2.36 0.81
C ARG B 338 37.36 2.47 0.03
N CYS B 339 37.00 3.69 -0.33
CA CYS B 339 35.78 3.93 -1.11
C CYS B 339 35.86 3.30 -2.50
N GLN B 340 36.99 3.50 -3.18
CA GLN B 340 37.23 2.88 -4.48
C GLN B 340 37.13 1.35 -4.42
N ALA B 341 37.75 0.75 -3.39
CA ALA B 341 37.77 -0.70 -3.27
C ALA B 341 36.39 -1.28 -3.01
N LEU B 342 35.62 -0.64 -2.12
CA LEU B 342 34.30 -1.15 -1.78
C LEU B 342 33.34 -0.98 -2.97
N SER B 343 33.45 0.16 -3.64
CA SER B 343 32.62 0.40 -4.81
C SER B 343 32.94 -0.59 -5.95
N GLY B 344 34.20 -0.99 -6.06
CA GLY B 344 34.60 -1.99 -7.03
C GLY B 344 34.01 -3.35 -6.68
N ASP B 345 33.99 -3.68 -5.39
CA ASP B 345 33.40 -4.93 -4.91
C ASP B 345 31.90 -4.96 -5.21
N TYR B 346 31.23 -3.84 -4.95
CA TYR B 346 29.79 -3.73 -5.21
C TYR B 346 29.50 -3.89 -6.70
N ALA B 347 30.31 -3.27 -7.53
CA ALA B 347 30.12 -3.38 -8.96
C ALA B 347 30.32 -4.81 -9.43
N ALA B 348 31.39 -5.45 -8.99
CA ALA B 348 31.68 -6.81 -9.43
C ALA B 348 30.61 -7.80 -9.00
N ASN B 349 30.04 -7.57 -7.82
CA ASN B 349 29.05 -8.49 -7.27
C ASN B 349 27.59 -8.07 -7.50
N ARG B 350 27.38 -6.99 -8.23
CA ARG B 350 26.05 -6.40 -8.40
C ARG B 350 25.35 -6.22 -7.05
N SER B 351 26.11 -5.87 -6.03
CA SER B 351 25.57 -5.78 -4.67
C SER B 351 24.35 -4.89 -4.54
N LEU B 352 24.31 -3.79 -5.31
CA LEU B 352 23.24 -2.81 -5.16
C LEU B 352 21.87 -3.40 -5.50
N SER B 353 21.88 -4.45 -6.32
CA SER B 353 20.63 -5.11 -6.69
C SER B 353 19.89 -5.69 -5.49
N LYS B 354 20.60 -5.96 -4.41
CA LYS B 354 19.97 -6.55 -3.22
C LYS B 354 19.25 -5.50 -2.37
N GLY B 355 19.60 -4.22 -2.54
CA GLY B 355 19.04 -3.17 -1.71
C GLY B 355 19.65 -3.18 -0.31
N ASN B 356 19.40 -2.11 0.44
CA ASN B 356 19.96 -1.93 1.77
C ASN B 356 21.49 -1.97 1.84
N MET B 357 22.16 -1.61 0.74
CA MET B 357 23.61 -1.72 0.71
C MET B 357 24.37 -0.44 1.11
N PHE B 358 23.65 0.65 1.37
CA PHE B 358 24.32 1.85 1.90
C PHE B 358 24.52 1.71 3.41
N THR B 359 25.43 0.79 3.74
CA THR B 359 25.81 0.45 5.10
C THR B 359 26.73 1.51 5.67
N PRO B 360 27.07 1.42 6.97
CA PRO B 360 28.06 2.34 7.52
C PRO B 360 29.38 2.35 6.76
N ALA B 361 29.89 1.18 6.42
CA ALA B 361 31.10 1.09 5.62
C ALA B 361 30.95 1.77 4.25
N ALA B 362 29.81 1.56 3.61
CA ALA B 362 29.59 2.12 2.28
C ALA B 362 29.50 3.65 2.31
N LEU B 363 28.98 4.18 3.42
CA LEU B 363 28.77 5.62 3.55
C LEU B 363 29.96 6.33 4.21
N GLU B 364 31.06 5.62 4.41
CA GLU B 364 32.24 6.21 5.02
C GLU B 364 32.71 7.51 4.35
N ALA B 365 32.86 7.49 3.03
CA ALA B 365 33.34 8.68 2.34
C ALA B 365 32.32 9.82 2.42
N ALA B 366 31.05 9.48 2.25
CA ALA B 366 29.98 10.47 2.39
C ALA B 366 29.93 11.15 3.78
N ARG B 367 30.29 10.42 4.84
CA ARG B 367 30.20 10.93 6.21
C ARG B 367 31.35 11.88 6.53
N TYR B 368 32.42 11.79 5.75
CA TYR B 368 33.58 12.63 5.98
C TYR B 368 33.24 14.09 5.76
N ASP B 369 33.59 14.93 6.74
CA ASP B 369 33.47 16.37 6.60
C ASP B 369 34.87 16.97 6.40
N PRO B 370 35.17 17.40 5.15
CA PRO B 370 36.48 17.95 4.83
C PRO B 370 36.77 19.27 5.53
N LEU B 371 35.74 20.00 5.96
CA LEU B 371 35.95 21.31 6.57
C LEU B 371 36.47 21.20 8.01
N ARG B 372 35.90 20.27 8.77
CA ARG B 372 36.28 20.07 10.15
C ARG B 372 37.21 18.85 10.29
N ARG B 373 37.39 18.11 9.21
CA ARG B 373 38.24 16.92 9.20
C ARG B 373 37.79 15.83 10.19
N VAL B 374 36.48 15.61 10.26
CA VAL B 374 35.92 14.56 11.11
C VAL B 374 34.84 13.81 10.34
N TYR B 375 34.43 12.65 10.87
CA TYR B 375 33.30 11.94 10.29
C TYR B 375 32.02 12.36 11.02
N SER B 376 30.99 12.70 10.26
CA SER B 376 29.73 13.15 10.86
C SER B 376 28.61 12.16 10.52
N TRP B 377 27.36 12.56 10.70
CA TRP B 377 26.17 11.74 10.37
C TRP B 377 26.35 10.21 10.54
N PRO B 378 26.51 9.77 11.79
CA PRO B 378 26.80 8.38 12.16
C PRO B 378 25.69 7.43 11.71
N GLN B 379 26.07 6.21 11.36
CA GLN B 379 25.15 5.26 10.76
C GLN B 379 24.98 4.03 11.65
N LYS C 10 -61.02 -26.29 -12.35
CA LYS C 10 -60.21 -26.41 -11.14
C LYS C 10 -59.03 -25.45 -11.15
N THR C 11 -59.01 -24.51 -12.09
CA THR C 11 -57.91 -23.55 -12.15
C THR C 11 -57.97 -22.54 -11.01
N ARG C 12 -57.01 -22.63 -10.10
CA ARG C 12 -56.92 -21.73 -8.97
C ARG C 12 -56.68 -20.32 -9.47
N ARG C 13 -57.25 -19.34 -8.77
CA ARG C 13 -57.13 -17.96 -9.21
C ARG C 13 -56.56 -17.06 -8.12
N ALA C 14 -55.56 -16.26 -8.49
CA ALA C 14 -54.93 -15.34 -7.56
C ALA C 14 -55.04 -13.92 -8.07
N GLU C 15 -55.32 -12.98 -7.17
CA GLU C 15 -55.23 -11.56 -7.48
C GLU C 15 -54.11 -10.96 -6.63
N VAL C 16 -53.15 -10.31 -7.29
CA VAL C 16 -52.00 -9.74 -6.61
C VAL C 16 -52.05 -8.21 -6.67
N ALA C 17 -52.02 -7.57 -5.50
CA ALA C 17 -52.04 -6.12 -5.44
C ALA C 17 -50.62 -5.61 -5.27
N GLY C 18 -50.10 -4.92 -6.27
CA GLY C 18 -48.79 -4.30 -6.17
C GLY C 18 -47.81 -4.85 -7.19
N GLY C 19 -47.22 -3.98 -8.00
CA GLY C 19 -46.29 -4.41 -9.03
C GLY C 19 -44.84 -4.07 -8.75
N GLY C 20 -44.41 -4.26 -7.50
CA GLY C 20 -43.01 -4.10 -7.12
C GLY C 20 -42.37 -5.47 -7.10
N PHE C 21 -41.20 -5.60 -6.46
CA PHE C 21 -40.49 -6.88 -6.44
C PHE C 21 -41.30 -8.02 -5.80
N ALA C 22 -42.00 -7.73 -4.71
CA ALA C 22 -42.76 -8.77 -4.03
C ALA C 22 -43.93 -9.26 -4.87
N GLY C 23 -44.69 -8.33 -5.46
CA GLY C 23 -45.85 -8.68 -6.26
C GLY C 23 -45.50 -9.46 -7.51
N LEU C 24 -44.47 -8.99 -8.20
CA LEU C 24 -44.02 -9.64 -9.42
C LEU C 24 -43.49 -11.04 -9.12
N THR C 25 -42.73 -11.19 -8.05
CA THR C 25 -42.22 -12.50 -7.64
C THR C 25 -43.35 -13.48 -7.35
N ALA C 26 -44.33 -13.03 -6.57
CA ALA C 26 -45.48 -13.88 -6.26
C ALA C 26 -46.23 -14.28 -7.53
N ALA C 27 -46.46 -13.31 -8.41
CA ALA C 27 -47.20 -13.56 -9.64
C ALA C 27 -46.50 -14.57 -10.56
N ILE C 28 -45.19 -14.41 -10.73
CA ILE C 28 -44.42 -15.36 -11.52
C ILE C 28 -44.46 -16.76 -10.91
N ALA C 29 -44.18 -16.85 -9.61
CA ALA C 29 -44.09 -18.15 -8.95
C ALA C 29 -45.43 -18.88 -8.98
N LEU C 30 -46.52 -18.14 -8.76
CA LEU C 30 -47.87 -18.70 -8.82
C LEU C 30 -48.19 -19.20 -10.22
N LYS C 31 -47.90 -18.35 -11.21
CA LYS C 31 -48.17 -18.66 -12.60
C LYS C 31 -47.42 -19.92 -13.04
N GLN C 32 -46.16 -20.03 -12.62
CA GLN C 32 -45.37 -21.21 -12.94
C GLN C 32 -46.02 -22.50 -12.42
N ASN C 33 -46.78 -22.38 -11.33
CA ASN C 33 -47.48 -23.51 -10.73
C ASN C 33 -48.93 -23.67 -11.22
N GLY C 34 -49.24 -23.05 -12.35
CA GLY C 34 -50.54 -23.20 -12.98
C GLY C 34 -51.66 -22.35 -12.39
N TRP C 35 -51.33 -21.34 -11.59
CA TRP C 35 -52.37 -20.41 -11.14
C TRP C 35 -52.77 -19.51 -12.30
N ASP C 36 -54.02 -19.09 -12.28
CA ASP C 36 -54.50 -18.00 -13.09
C ASP C 36 -54.19 -16.76 -12.25
N VAL C 37 -53.29 -15.89 -12.73
CA VAL C 37 -52.85 -14.75 -11.92
C VAL C 37 -53.10 -13.40 -12.59
N ARG C 38 -53.72 -12.47 -11.86
CA ARG C 38 -53.79 -11.09 -12.32
C ARG C 38 -53.09 -10.20 -11.30
N LEU C 39 -52.34 -9.22 -11.80
CA LEU C 39 -51.58 -8.33 -10.92
C LEU C 39 -52.05 -6.91 -11.18
N HIS C 40 -52.24 -6.16 -10.10
CA HIS C 40 -52.73 -4.78 -10.17
C HIS C 40 -51.66 -3.81 -9.68
N GLU C 41 -51.21 -2.90 -10.55
CA GLU C 41 -50.24 -1.88 -10.18
C GLU C 41 -50.92 -0.50 -10.15
N LYS C 42 -50.90 0.13 -8.97
CA LYS C 42 -51.61 1.39 -8.77
C LYS C 42 -51.11 2.53 -9.66
N SER C 43 -49.80 2.61 -9.85
CA SER C 43 -49.23 3.67 -10.68
C SER C 43 -49.52 3.45 -12.17
N SER C 44 -49.36 4.50 -12.97
CA SER C 44 -49.73 4.46 -14.38
CA SER C 44 -49.73 4.45 -14.38
C SER C 44 -48.73 3.69 -15.24
N GLU C 45 -47.58 3.35 -14.67
CA GLU C 45 -46.61 2.52 -15.40
C GLU C 45 -45.80 1.64 -14.47
N LEU C 46 -45.41 0.47 -14.96
CA LEU C 46 -44.55 -0.42 -14.19
C LEU C 46 -43.19 0.23 -14.10
N ARG C 47 -42.71 0.41 -12.88
CA ARG C 47 -41.46 1.11 -12.65
C ARG C 47 -40.97 0.90 -11.23
N ALA C 48 -39.66 0.74 -11.06
CA ALA C 48 -39.10 0.62 -9.72
C ALA C 48 -38.35 1.90 -9.40
N PHE C 49 -38.52 2.40 -8.18
CA PHE C 49 -37.81 3.59 -7.73
C PHE C 49 -36.77 3.21 -6.68
N GLY C 50 -35.78 4.07 -6.48
CA GLY C 50 -34.76 3.84 -5.47
C GLY C 50 -33.36 3.68 -6.05
N ALA C 51 -33.25 3.93 -7.35
CA ALA C 51 -31.99 3.89 -8.09
C ALA C 51 -31.36 2.50 -8.25
N GLY C 52 -30.77 1.97 -7.18
CA GLY C 52 -30.03 0.72 -7.27
C GLY C 52 -30.37 -0.22 -6.12
N ILE C 53 -29.86 -1.46 -6.17
CA ILE C 53 -30.24 -2.45 -5.17
C ILE C 53 -29.22 -3.58 -5.14
N TYR C 54 -28.98 -4.13 -3.94
CA TYR C 54 -28.12 -5.29 -3.75
C TYR C 54 -29.00 -6.54 -3.60
N LEU C 55 -28.62 -7.63 -4.25
CA LEU C 55 -29.19 -8.93 -3.96
C LEU C 55 -28.10 -9.87 -3.47
N TRP C 56 -28.48 -10.86 -2.67
CA TRP C 56 -27.53 -11.84 -2.15
C TRP C 56 -27.97 -13.21 -2.62
N HIS C 57 -27.21 -14.22 -2.20
CA HIS C 57 -27.51 -15.62 -2.50
C HIS C 57 -29.01 -15.94 -2.41
N ASN C 58 -29.65 -15.57 -1.32
CA ASN C 58 -31.08 -15.88 -1.15
C ASN C 58 -31.96 -15.32 -2.28
N GLY C 59 -31.75 -14.05 -2.64
CA GLY C 59 -32.53 -13.43 -3.69
C GLY C 59 -32.15 -13.92 -5.07
N LEU C 60 -30.87 -14.18 -5.28
CA LEU C 60 -30.42 -14.76 -6.55
C LEU C 60 -31.00 -16.16 -6.74
N ARG C 61 -31.17 -16.91 -5.65
CA ARG C 61 -31.80 -18.22 -5.75
C ARG C 61 -33.29 -18.11 -6.13
N VAL C 62 -33.96 -17.10 -5.58
CA VAL C 62 -35.35 -16.85 -5.97
C VAL C 62 -35.41 -16.62 -7.48
N LEU C 63 -34.53 -15.76 -7.99
CA LEU C 63 -34.48 -15.48 -9.42
C LEU C 63 -34.25 -16.75 -10.23
N GLU C 64 -33.41 -17.64 -9.72
CA GLU C 64 -33.22 -18.92 -10.38
C GLU C 64 -34.55 -19.66 -10.42
N GLY C 65 -35.24 -19.68 -9.29
CA GLY C 65 -36.54 -20.32 -9.19
C GLY C 65 -37.62 -19.69 -10.05
N LEU C 66 -37.44 -18.41 -10.38
CA LEU C 66 -38.37 -17.67 -11.24
C LEU C 66 -37.99 -17.76 -12.71
N GLY C 67 -36.88 -18.41 -13.01
CA GLY C 67 -36.34 -18.44 -14.36
C GLY C 67 -35.94 -17.06 -14.87
N ALA C 68 -35.46 -16.20 -13.98
CA ALA C 68 -35.03 -14.86 -14.37
C ALA C 68 -33.58 -14.54 -13.96
N LEU C 69 -32.85 -15.52 -13.49
CA LEU C 69 -31.50 -15.27 -12.98
C LEU C 69 -30.53 -14.74 -14.04
N ASP C 70 -30.50 -15.40 -15.19
CA ASP C 70 -29.49 -15.03 -16.18
C ASP C 70 -29.71 -13.66 -16.82
N ASP C 71 -30.97 -13.24 -16.94
CA ASP C 71 -31.30 -11.89 -17.39
C ASP C 71 -30.84 -10.84 -16.38
N VAL C 72 -30.83 -11.21 -15.10
CA VAL C 72 -30.34 -10.30 -14.07
C VAL C 72 -28.80 -10.27 -14.04
N LEU C 73 -28.17 -11.44 -14.09
CA LEU C 73 -26.71 -11.50 -14.01
C LEU C 73 -26.03 -10.76 -15.17
N GLN C 74 -26.63 -10.86 -16.34
CA GLN C 74 -26.13 -10.12 -17.49
C GLN C 74 -26.50 -8.64 -17.33
N GLY C 75 -25.51 -7.78 -17.10
CA GLY C 75 -25.76 -6.36 -16.93
C GLY C 75 -25.76 -5.90 -15.49
N SER C 76 -25.33 -6.78 -14.57
CA SER C 76 -25.15 -6.42 -13.18
C SER C 76 -23.71 -6.73 -12.72
N HIS C 77 -23.40 -6.53 -11.45
CA HIS C 77 -21.98 -6.50 -11.03
C HIS C 77 -21.75 -7.10 -9.65
N THR C 78 -20.71 -7.93 -9.51
CA THR C 78 -20.23 -8.31 -8.17
C THR C 78 -18.87 -7.65 -7.91
N PRO C 79 -18.82 -6.73 -6.94
CA PRO C 79 -17.53 -6.12 -6.60
C PRO C 79 -16.51 -7.14 -6.11
N PRO C 80 -15.22 -6.87 -6.32
CA PRO C 80 -14.15 -7.72 -5.77
C PRO C 80 -14.23 -7.82 -4.26
N THR C 81 -14.74 -6.76 -3.62
CA THR C 81 -14.82 -6.70 -2.17
CA THR C 81 -14.86 -6.72 -2.18
C THR C 81 -15.85 -5.66 -1.73
N TYR C 82 -16.43 -5.86 -0.56
CA TYR C 82 -17.30 -4.88 0.07
C TYR C 82 -16.42 -4.14 1.08
N GLU C 83 -16.13 -2.88 0.81
CA GLU C 83 -15.18 -2.14 1.63
C GLU C 83 -15.88 -1.09 2.48
N THR C 84 -15.37 -0.85 3.69
CA THR C 84 -15.89 0.20 4.54
C THR C 84 -14.78 1.19 4.92
N TRP C 85 -15.10 2.48 4.82
CA TRP C 85 -14.20 3.56 5.25
C TRP C 85 -14.83 4.34 6.40
N MET C 86 -13.99 4.80 7.33
CA MET C 86 -14.40 5.77 8.33
C MET C 86 -13.43 6.93 8.26
N HIS C 87 -13.92 8.12 7.88
CA HIS C 87 -13.07 9.29 7.74
C HIS C 87 -11.94 9.01 6.74
N ASN C 88 -12.32 8.37 5.64
CA ASN C 88 -11.42 8.03 4.52
C ASN C 88 -10.40 6.91 4.79
N LYS C 89 -10.39 6.39 6.01
CA LYS C 89 -9.52 5.29 6.35
C LYS C 89 -10.28 3.98 6.13
N SER C 90 -9.69 3.06 5.36
CA SER C 90 -10.29 1.74 5.16
C SER C 90 -10.25 0.92 6.44
N VAL C 91 -11.42 0.54 6.94
CA VAL C 91 -11.49 -0.18 8.21
C VAL C 91 -11.87 -1.66 8.03
N SER C 92 -12.32 -2.05 6.84
CA SER C 92 -12.62 -3.46 6.58
C SER C 92 -12.81 -3.73 5.11
N LYS C 93 -12.55 -4.97 4.74
CA LYS C 93 -12.83 -5.46 3.40
C LYS C 93 -13.40 -6.86 3.56
N GLU C 94 -14.62 -7.07 3.06
CA GLU C 94 -15.34 -8.32 3.31
C GLU C 94 -15.74 -8.96 2.00
N THR C 95 -15.55 -10.28 1.91
CA THR C 95 -15.99 -11.02 0.72
C THR C 95 -16.93 -12.18 1.05
N PHE C 96 -17.28 -12.30 2.32
CA PHE C 96 -18.39 -13.18 2.73
C PHE C 96 -18.14 -14.66 2.43
N ASN C 97 -16.88 -15.09 2.47
CA ASN C 97 -16.55 -16.50 2.31
C ASN C 97 -17.22 -17.12 1.07
N GLY C 98 -17.22 -16.39 -0.03
CA GLY C 98 -17.72 -16.89 -1.30
C GLY C 98 -19.22 -16.77 -1.52
N LEU C 99 -19.95 -16.32 -0.50
CA LEU C 99 -21.40 -16.15 -0.63
C LEU C 99 -21.73 -15.22 -1.82
N PRO C 100 -22.52 -15.72 -2.77
CA PRO C 100 -22.82 -14.92 -3.97
C PRO C 100 -23.61 -13.64 -3.65
N TRP C 101 -23.25 -12.55 -4.30
CA TRP C 101 -23.99 -11.30 -4.17
C TRP C 101 -23.87 -10.49 -5.45
N ARG C 102 -24.67 -9.44 -5.58
CA ARG C 102 -24.78 -8.74 -6.85
C ARG C 102 -25.41 -7.36 -6.65
N ILE C 103 -24.93 -6.38 -7.41
CA ILE C 103 -25.47 -5.03 -7.34
C ILE C 103 -26.04 -4.71 -8.71
N MET C 104 -27.15 -3.98 -8.76
CA MET C 104 -27.75 -3.70 -10.06
C MET C 104 -28.64 -2.47 -9.96
N THR C 105 -28.98 -1.86 -11.09
CA THR C 105 -29.98 -0.80 -10.99
C THR C 105 -31.32 -1.46 -10.67
N ARG C 106 -32.21 -0.73 -10.01
CA ARG C 106 -33.53 -1.27 -9.73
C ARG C 106 -34.32 -1.53 -11.01
N SER C 107 -34.12 -0.70 -12.03
CA SER C 107 -34.85 -0.90 -13.27
C SER C 107 -34.38 -2.17 -13.98
N HIS C 108 -33.11 -2.53 -13.76
CA HIS C 108 -32.57 -3.77 -14.34
C HIS C 108 -33.26 -4.99 -13.74
N LEU C 109 -33.40 -5.02 -12.43
CA LEU C 109 -34.09 -6.11 -11.75
C LEU C 109 -35.56 -6.09 -12.10
N HIS C 110 -36.17 -4.91 -12.05
CA HIS C 110 -37.61 -4.78 -12.29
C HIS C 110 -37.98 -5.23 -13.70
N ASP C 111 -37.18 -4.82 -14.69
CA ASP C 111 -37.38 -5.22 -16.09
C ASP C 111 -37.30 -6.72 -16.30
N ALA C 112 -36.34 -7.39 -15.65
CA ALA C 112 -36.24 -8.83 -15.78
C ALA C 112 -37.49 -9.51 -15.23
N LEU C 113 -37.98 -9.01 -14.09
CA LEU C 113 -39.18 -9.58 -13.49
C LEU C 113 -40.44 -9.36 -14.35
N VAL C 114 -40.61 -8.13 -14.83
CA VAL C 114 -41.72 -7.79 -15.71
C VAL C 114 -41.68 -8.63 -16.99
N ASN C 115 -40.51 -8.73 -17.62
CA ASN C 115 -40.39 -9.50 -18.85
C ASN C 115 -40.75 -10.97 -18.65
N ARG C 116 -40.37 -11.52 -17.50
CA ARG C 116 -40.67 -12.90 -17.17
C ARG C 116 -42.17 -13.12 -16.91
N ALA C 117 -42.79 -12.23 -16.13
CA ALA C 117 -44.22 -12.33 -15.88
C ALA C 117 -45.01 -12.27 -17.19
N ARG C 118 -44.57 -11.38 -18.09
CA ARG C 118 -45.23 -11.21 -19.39
CA ARG C 118 -45.23 -11.22 -19.38
C ARG C 118 -45.04 -12.44 -20.28
N ALA C 119 -43.85 -13.04 -20.25
CA ALA C 119 -43.60 -14.26 -21.02
C ALA C 119 -44.45 -15.42 -20.52
N LEU C 120 -44.78 -15.41 -19.23
CA LEU C 120 -45.57 -16.49 -18.65
C LEU C 120 -47.08 -16.30 -18.82
N GLY C 121 -47.45 -15.11 -19.25
CA GLY C 121 -48.86 -14.78 -19.44
C GLY C 121 -49.53 -14.25 -18.19
N VAL C 122 -48.76 -13.64 -17.28
CA VAL C 122 -49.40 -12.99 -16.14
C VAL C 122 -50.15 -11.74 -16.65
N ASP C 123 -51.41 -11.62 -16.27
CA ASP C 123 -52.23 -10.47 -16.66
CA ASP C 123 -52.21 -10.46 -16.68
C ASP C 123 -51.93 -9.26 -15.76
N ILE C 124 -51.38 -8.20 -16.33
CA ILE C 124 -51.01 -7.04 -15.54
C ILE C 124 -51.84 -5.80 -15.90
N SER C 125 -52.47 -5.21 -14.89
CA SER C 125 -53.22 -3.97 -15.09
C SER C 125 -52.54 -2.81 -14.39
N VAL C 126 -52.06 -1.83 -15.15
CA VAL C 126 -51.55 -0.60 -14.56
C VAL C 126 -52.71 0.36 -14.27
N ASN C 127 -52.45 1.38 -13.47
CA ASN C 127 -53.51 2.28 -12.99
C ASN C 127 -54.67 1.48 -12.39
N SER C 128 -54.32 0.41 -11.70
CA SER C 128 -55.32 -0.40 -11.03
C SER C 128 -54.97 -0.52 -9.56
N GLU C 129 -55.75 0.15 -8.70
CA GLU C 129 -55.43 0.20 -7.29
C GLU C 129 -56.38 -0.67 -6.47
N ALA C 130 -55.83 -1.57 -5.65
CA ALA C 130 -56.64 -2.28 -4.67
C ALA C 130 -56.92 -1.33 -3.51
N VAL C 131 -58.20 -1.13 -3.19
CA VAL C 131 -58.55 -0.19 -2.14
C VAL C 131 -59.14 -0.89 -0.92
N ALA C 132 -59.55 -2.15 -1.10
CA ALA C 132 -60.08 -2.95 0.00
C ALA C 132 -59.92 -4.42 -0.31
N ALA C 133 -59.80 -5.24 0.74
CA ALA C 133 -59.74 -6.69 0.58
C ALA C 133 -60.58 -7.39 1.63
N ASP C 134 -61.04 -8.59 1.31
CA ASP C 134 -61.88 -9.38 2.19
C ASP C 134 -61.29 -10.80 2.30
N PRO C 135 -60.99 -11.24 3.52
CA PRO C 135 -60.41 -12.55 3.82
C PRO C 135 -61.15 -13.74 3.17
N VAL C 136 -62.43 -13.57 2.83
CA VAL C 136 -63.16 -14.63 2.12
C VAL C 136 -62.72 -14.75 0.67
N GLY C 137 -61.88 -13.82 0.23
CA GLY C 137 -61.34 -13.89 -1.12
C GLY C 137 -61.92 -12.90 -2.10
N ARG C 138 -62.00 -11.63 -1.68
CA ARG C 138 -62.49 -10.57 -2.55
C ARG C 138 -61.56 -9.35 -2.52
N LEU C 139 -61.31 -8.77 -3.67
CA LEU C 139 -60.46 -7.59 -3.76
C LEU C 139 -61.26 -6.50 -4.46
N THR C 140 -61.34 -5.32 -3.85
CA THR C 140 -62.04 -4.20 -4.47
C THR C 140 -61.06 -3.22 -5.09
N LEU C 141 -61.32 -2.82 -6.34
CA LEU C 141 -60.47 -1.87 -7.05
C LEU C 141 -61.04 -0.46 -6.96
N GLN C 142 -60.26 0.53 -7.42
CA GLN C 142 -60.70 1.91 -7.38
C GLN C 142 -61.77 2.22 -8.43
N THR C 143 -62.03 1.26 -9.31
CA THR C 143 -63.15 1.33 -10.25
C THR C 143 -64.43 0.86 -9.57
N GLY C 144 -64.30 0.38 -8.34
CA GLY C 144 -65.41 -0.22 -7.64
C GLY C 144 -65.63 -1.67 -7.99
N GLU C 145 -64.91 -2.20 -8.98
CA GLU C 145 -65.05 -3.61 -9.32
C GLU C 145 -64.60 -4.49 -8.16
N VAL C 146 -65.38 -5.52 -7.85
CA VAL C 146 -65.01 -6.49 -6.83
C VAL C 146 -64.57 -7.77 -7.50
N LEU C 147 -63.34 -8.18 -7.22
CA LEU C 147 -62.77 -9.36 -7.85
C LEU C 147 -62.83 -10.51 -6.86
N GLU C 148 -63.17 -11.70 -7.35
CA GLU C 148 -63.17 -12.87 -6.48
C GLU C 148 -62.02 -13.80 -6.83
N ALA C 149 -61.41 -14.39 -5.81
CA ALA C 149 -60.23 -15.21 -6.04
C ALA C 149 -60.04 -16.20 -4.92
N ASP C 150 -59.24 -17.23 -5.20
CA ASP C 150 -58.91 -18.25 -4.23
C ASP C 150 -57.78 -17.77 -3.33
N LEU C 151 -57.02 -16.79 -3.82
CA LEU C 151 -55.91 -16.21 -3.07
C LEU C 151 -55.80 -14.72 -3.39
N ILE C 152 -55.63 -13.90 -2.36
CA ILE C 152 -55.32 -12.48 -2.54
C ILE C 152 -53.96 -12.17 -1.94
N VAL C 153 -53.05 -11.63 -2.74
CA VAL C 153 -51.73 -11.27 -2.24
C VAL C 153 -51.58 -9.76 -2.03
N GLY C 154 -51.41 -9.34 -0.79
CA GLY C 154 -51.15 -7.95 -0.50
C GLY C 154 -49.67 -7.67 -0.63
N ALA C 155 -49.26 -7.24 -1.82
CA ALA C 155 -47.86 -6.91 -2.06
C ALA C 155 -47.80 -5.43 -2.41
N ASP C 156 -48.61 -4.64 -1.72
CA ASP C 156 -48.81 -3.24 -2.12
C ASP C 156 -48.02 -2.22 -1.30
N GLY C 157 -46.88 -2.65 -0.77
CA GLY C 157 -45.92 -1.73 -0.18
C GLY C 157 -46.25 -1.34 1.25
N VAL C 158 -45.37 -0.51 1.83
CA VAL C 158 -45.46 -0.16 3.24
C VAL C 158 -46.79 0.54 3.60
N GLY C 159 -47.42 1.16 2.62
CA GLY C 159 -48.72 1.77 2.82
C GLY C 159 -49.89 0.90 2.37
N SER C 160 -49.69 -0.42 2.40
CA SER C 160 -50.68 -1.42 1.96
C SER C 160 -52.13 -1.16 2.35
N LYS C 161 -53.00 -1.01 1.35
CA LYS C 161 -54.43 -0.84 1.60
C LYS C 161 -55.10 -2.19 1.79
N VAL C 162 -54.55 -3.22 1.15
CA VAL C 162 -54.98 -4.57 1.40
C VAL C 162 -54.87 -4.86 2.91
N ARG C 163 -53.71 -4.53 3.48
CA ARG C 163 -53.49 -4.67 4.92
C ARG C 163 -54.43 -3.78 5.75
N ASP C 164 -54.45 -2.49 5.45
CA ASP C 164 -55.16 -1.53 6.29
C ASP C 164 -56.69 -1.59 6.15
N SER C 165 -57.19 -2.05 5.01
CA SER C 165 -58.64 -2.21 4.86
C SER C 165 -59.12 -3.34 5.74
N ILE C 166 -58.27 -4.34 5.96
CA ILE C 166 -58.61 -5.47 6.80
C ILE C 166 -58.39 -5.14 8.29
N GLY C 167 -57.28 -4.46 8.59
CA GLY C 167 -56.98 -4.12 9.97
C GLY C 167 -56.06 -5.13 10.62
N PHE C 168 -54.77 -5.03 10.33
CA PHE C 168 -53.76 -5.87 10.96
C PHE C 168 -53.09 -5.03 12.04
N LYS C 169 -52.93 -5.60 13.22
CA LYS C 169 -52.17 -4.93 14.28
C LYS C 169 -50.76 -4.77 13.78
N GLN C 170 -50.23 -3.56 13.89
CA GLN C 170 -48.89 -3.32 13.39
C GLN C 170 -48.17 -2.28 14.21
N ASP C 171 -46.85 -2.29 14.11
CA ASP C 171 -46.03 -1.22 14.64
C ASP C 171 -45.34 -0.59 13.45
N ARG C 172 -45.86 0.54 12.99
CA ARG C 172 -45.35 1.19 11.81
C ARG C 172 -44.56 2.41 12.26
N TRP C 173 -43.48 2.72 11.54
CA TRP C 173 -42.53 3.75 11.97
C TRP C 173 -41.88 4.47 10.79
N VAL C 174 -41.77 5.79 10.88
CA VAL C 174 -41.06 6.58 9.89
C VAL C 174 -39.95 7.36 10.59
N SER C 175 -38.78 7.44 9.95
CA SER C 175 -37.66 8.19 10.51
CA SER C 175 -37.65 8.19 10.50
C SER C 175 -37.75 9.67 10.17
N LYS C 176 -37.00 10.48 10.91
CA LYS C 176 -36.88 11.89 10.58
C LYS C 176 -35.79 12.04 9.53
N ASP C 177 -34.81 11.14 9.57
CA ASP C 177 -33.68 11.23 8.65
C ASP C 177 -33.83 10.32 7.42
N GLY C 178 -33.09 10.63 6.37
CA GLY C 178 -33.23 9.92 5.11
C GLY C 178 -31.99 10.01 4.26
N LEU C 179 -32.17 9.81 2.96
CA LEU C 179 -31.03 9.79 2.05
C LEU C 179 -31.49 10.02 0.63
N ILE C 180 -30.53 10.32 -0.23
CA ILE C 180 -30.75 10.58 -1.63
C ILE C 180 -30.08 9.45 -2.42
N ARG C 181 -30.86 8.74 -3.23
CA ARG C 181 -30.31 7.64 -4.02
C ARG C 181 -30.34 7.98 -5.50
N LEU C 182 -29.20 7.83 -6.17
CA LEU C 182 -29.07 8.22 -7.56
C LEU C 182 -28.28 7.21 -8.38
N ILE C 183 -28.55 7.16 -9.68
CA ILE C 183 -27.70 6.46 -10.63
C ILE C 183 -26.94 7.50 -11.45
N VAL C 184 -25.62 7.38 -11.50
CA VAL C 184 -24.79 8.30 -12.28
C VAL C 184 -23.79 7.47 -13.10
N PRO C 185 -23.10 8.10 -14.08
CA PRO C 185 -22.06 7.34 -14.78
C PRO C 185 -20.91 6.96 -13.85
N ARG C 186 -20.16 5.91 -14.20
CA ARG C 186 -19.07 5.43 -13.36
C ARG C 186 -17.93 6.47 -13.31
N MET C 187 -17.71 7.17 -14.42
CA MET C 187 -16.58 8.10 -14.55
C MET C 187 -15.28 7.46 -14.05
N LYS C 188 -15.14 6.16 -14.29
CA LYS C 188 -14.06 5.38 -13.71
C LYS C 188 -12.67 5.94 -14.00
N LYS C 189 -12.42 6.29 -15.26
CA LYS C 189 -11.14 6.88 -15.64
C LYS C 189 -10.87 8.18 -14.87
N GLU C 190 -11.90 9.03 -14.77
CA GLU C 190 -11.78 10.30 -14.06
C GLU C 190 -11.51 10.11 -12.56
N LEU C 191 -11.86 8.94 -12.03
CA LEU C 191 -11.65 8.68 -10.62
C LEU C 191 -10.18 8.36 -10.34
N GLY C 192 -9.43 8.06 -11.39
CA GLY C 192 -8.01 7.81 -11.25
C GLY C 192 -7.68 6.58 -10.43
N HIS C 193 -6.53 6.60 -9.76
CA HIS C 193 -6.05 5.45 -9.01
C HIS C 193 -6.93 5.11 -7.81
N GLY C 194 -7.23 3.82 -7.66
CA GLY C 194 -8.06 3.36 -6.56
C GLY C 194 -8.65 1.99 -6.85
N GLU C 195 -9.63 1.58 -6.07
CA GLU C 195 -10.31 0.30 -6.30
C GLU C 195 -11.77 0.61 -6.54
N TRP C 196 -12.03 1.20 -7.70
CA TRP C 196 -13.32 1.81 -7.98
C TRP C 196 -14.39 0.82 -8.46
N ASP C 197 -14.05 -0.47 -8.47
CA ASP C 197 -15.04 -1.51 -8.73
C ASP C 197 -15.61 -2.05 -7.42
N ASN C 198 -15.02 -1.63 -6.29
CA ASN C 198 -15.48 -2.06 -4.99
C ASN C 198 -16.82 -1.43 -4.61
N THR C 199 -17.56 -2.10 -3.72
CA THR C 199 -18.53 -1.40 -2.90
C THR C 199 -17.70 -0.66 -1.87
N ILE C 200 -17.97 0.63 -1.66
CA ILE C 200 -17.27 1.37 -0.61
C ILE C 200 -18.29 2.16 0.20
N ASP C 201 -18.47 1.78 1.46
CA ASP C 201 -19.37 2.48 2.35
C ASP C 201 -18.55 3.53 3.10
N MET C 202 -18.70 4.79 2.71
CA MET C 202 -17.83 5.86 3.16
C MET C 202 -18.47 6.69 4.28
N TRP C 203 -18.15 6.34 5.53
CA TRP C 203 -18.72 6.99 6.70
C TRP C 203 -17.91 8.21 7.18
N ASN C 204 -18.63 9.21 7.70
CA ASN C 204 -18.02 10.37 8.34
C ASN C 204 -18.94 10.88 9.45
N PHE C 205 -18.36 11.25 10.58
CA PHE C 205 -19.10 11.95 11.63
C PHE C 205 -18.48 13.34 11.83
N TRP C 206 -17.25 13.51 11.35
CA TRP C 206 -16.53 14.77 11.44
C TRP C 206 -15.95 15.13 10.08
N PRO C 207 -15.99 16.41 9.70
CA PRO C 207 -16.50 17.60 10.39
C PRO C 207 -18.03 17.68 10.40
N ARG C 208 -18.68 16.86 9.59
CA ARG C 208 -20.14 16.80 9.53
C ARG C 208 -20.56 15.35 9.37
N VAL C 209 -21.80 15.05 9.75
CA VAL C 209 -22.34 13.71 9.56
C VAL C 209 -22.77 13.58 8.10
N GLN C 210 -21.94 12.90 7.32
CA GLN C 210 -22.22 12.67 5.90
C GLN C 210 -21.65 11.33 5.48
N ARG C 211 -22.42 10.56 4.72
CA ARG C 211 -21.99 9.23 4.33
C ARG C 211 -22.38 9.01 2.88
N ILE C 212 -21.53 8.33 2.13
CA ILE C 212 -21.90 7.89 0.79
C ILE C 212 -21.71 6.37 0.67
N LEU C 213 -22.78 5.67 0.28
CA LEU C 213 -22.62 4.27 -0.12
C LEU C 213 -22.37 4.23 -1.62
N TYR C 214 -21.16 3.78 -1.96
CA TYR C 214 -20.68 3.75 -3.35
C TYR C 214 -20.85 2.34 -3.89
N SER C 215 -21.66 2.20 -4.94
CA SER C 215 -22.12 0.87 -5.39
C SER C 215 -22.16 0.71 -6.91
N PRO C 216 -21.07 0.24 -7.52
CA PRO C 216 -21.07 0.07 -8.98
C PRO C 216 -22.07 -1.00 -9.42
N CYS C 217 -22.87 -0.71 -10.45
CA CYS C 217 -23.90 -1.63 -10.95
C CYS C 217 -23.45 -2.39 -12.19
N ASN C 218 -22.49 -1.82 -12.92
CA ASN C 218 -21.95 -2.40 -14.14
C ASN C 218 -20.92 -1.42 -14.69
N GLU C 219 -20.46 -1.68 -15.92
CA GLU C 219 -19.43 -0.85 -16.54
C GLU C 219 -19.86 0.59 -16.71
N ASN C 220 -21.16 0.85 -16.79
CA ASN C 220 -21.66 2.18 -17.13
C ASN C 220 -22.30 2.95 -15.97
N GLU C 221 -22.94 2.24 -15.06
CA GLU C 221 -23.77 2.89 -14.06
C GLU C 221 -23.25 2.72 -12.64
N LEU C 222 -23.29 3.80 -11.87
CA LEU C 222 -22.88 3.78 -10.49
C LEU C 222 -24.07 4.14 -9.64
N TYR C 223 -24.29 3.39 -8.57
CA TYR C 223 -25.38 3.69 -7.66
C TYR C 223 -24.83 4.39 -6.42
N LEU C 224 -25.29 5.61 -6.16
CA LEU C 224 -24.84 6.35 -4.99
C LEU C 224 -25.99 6.55 -4.01
N GLY C 225 -25.70 6.39 -2.72
CA GLY C 225 -26.65 6.76 -1.69
C GLY C 225 -25.97 7.82 -0.86
N LEU C 226 -26.55 9.03 -0.84
CA LEU C 226 -25.98 10.15 -0.10
C LEU C 226 -26.80 10.36 1.17
N MET C 227 -26.20 10.05 2.31
CA MET C 227 -26.92 10.09 3.57
CA MET C 227 -26.90 10.06 3.59
C MET C 227 -26.48 11.24 4.45
N ALA C 228 -27.43 12.14 4.73
CA ALA C 228 -27.19 13.27 5.62
C ALA C 228 -28.47 13.49 6.46
N PRO C 229 -28.34 14.05 7.66
CA PRO C 229 -29.51 14.24 8.51
C PRO C 229 -30.49 15.27 7.92
N ALA C 230 -31.79 15.10 8.19
CA ALA C 230 -32.81 16.01 7.66
C ALA C 230 -32.60 17.44 8.15
N ALA C 231 -32.07 17.59 9.36
CA ALA C 231 -31.79 18.90 9.93
C ALA C 231 -30.57 19.58 9.34
N ASP C 232 -29.87 18.90 8.43
CA ASP C 232 -28.79 19.51 7.65
C ASP C 232 -29.36 20.01 6.31
N PRO C 233 -29.63 21.32 6.21
CA PRO C 233 -30.26 21.91 5.03
C PRO C 233 -29.42 21.81 3.77
N ARG C 234 -28.10 21.63 3.90
CA ARG C 234 -27.25 21.48 2.72
C ARG C 234 -27.14 20.02 2.26
N GLY C 235 -26.75 19.13 3.17
CA GLY C 235 -26.58 17.73 2.86
C GLY C 235 -27.86 17.03 2.46
N SER C 236 -28.99 17.47 2.99
CA SER C 236 -30.28 16.86 2.66
C SER C 236 -30.98 17.50 1.45
N SER C 237 -30.37 18.52 0.87
CA SER C 237 -30.96 19.27 -0.24
CA SER C 237 -30.98 19.26 -0.24
C SER C 237 -31.02 18.48 -1.55
N VAL C 238 -32.13 18.63 -2.29
CA VAL C 238 -32.24 18.10 -3.64
C VAL C 238 -32.76 19.20 -4.57
N PRO C 239 -32.16 19.36 -5.76
CA PRO C 239 -30.97 18.68 -6.29
C PRO C 239 -29.78 18.90 -5.36
N ILE C 240 -28.79 18.02 -5.40
CA ILE C 240 -27.78 18.02 -4.34
C ILE C 240 -26.98 19.32 -4.29
N ASP C 241 -26.66 19.74 -3.09
CA ASP C 241 -25.72 20.83 -2.86
C ASP C 241 -24.34 20.28 -3.21
N LEU C 242 -23.88 20.52 -4.43
CA LEU C 242 -22.65 19.91 -4.93
C LEU C 242 -21.47 20.15 -4.00
N GLU C 243 -21.29 21.40 -3.60
CA GLU C 243 -20.17 21.81 -2.77
C GLU C 243 -20.00 21.01 -1.47
N VAL C 244 -21.07 20.79 -0.71
CA VAL C 244 -20.90 20.07 0.55
C VAL C 244 -20.60 18.60 0.39
N TRP C 245 -21.00 18.02 -0.73
CA TRP C 245 -20.67 16.61 -1.01
C TRP C 245 -19.23 16.48 -1.53
N VAL C 246 -18.83 17.35 -2.43
CA VAL C 246 -17.47 17.34 -2.94
C VAL C 246 -16.46 17.62 -1.83
N GLU C 247 -16.84 18.50 -0.91
CA GLU C 247 -16.02 18.83 0.25
C GLU C 247 -15.58 17.60 1.03
N MET C 248 -16.51 16.71 1.33
CA MET C 248 -16.19 15.58 2.19
C MET C 248 -15.89 14.31 1.42
N PHE C 249 -16.14 14.34 0.11
CA PHE C 249 -15.85 13.22 -0.76
C PHE C 249 -15.19 13.71 -2.05
N PRO C 250 -14.04 14.41 -1.93
CA PRO C 250 -13.44 15.05 -3.11
C PRO C 250 -12.96 14.05 -4.16
N PHE C 251 -12.62 12.85 -3.72
CA PHE C 251 -12.22 11.76 -4.59
C PHE C 251 -13.37 11.25 -5.46
N LEU C 252 -14.59 11.72 -5.19
CA LEU C 252 -15.76 11.34 -6.01
C LEU C 252 -16.30 12.49 -6.87
N GLU C 253 -15.58 13.60 -6.89
CA GLU C 253 -16.01 14.80 -7.62
C GLU C 253 -16.58 14.59 -9.05
N PRO C 254 -15.91 13.78 -9.90
CA PRO C 254 -16.46 13.58 -11.24
C PRO C 254 -17.87 12.96 -11.26
N CYS C 255 -18.14 12.06 -10.33
CA CYS C 255 -19.45 11.43 -10.22
C CYS C 255 -20.46 12.36 -9.58
N LEU C 256 -20.00 13.12 -8.58
CA LEU C 256 -20.90 14.04 -7.89
C LEU C 256 -21.34 15.19 -8.80
N ILE C 257 -20.44 15.63 -9.68
CA ILE C 257 -20.76 16.64 -10.68
C ILE C 257 -21.92 16.17 -11.56
N GLU C 258 -21.90 14.90 -11.95
CA GLU C 258 -23.00 14.33 -12.72
C GLU C 258 -24.25 14.16 -11.86
N ALA C 259 -24.06 13.84 -10.58
CA ALA C 259 -25.18 13.69 -9.64
C ALA C 259 -25.94 15.00 -9.48
N ALA C 260 -25.20 16.09 -9.49
CA ALA C 260 -25.79 17.42 -9.30
C ALA C 260 -26.67 17.84 -10.46
N LYS C 261 -26.56 17.18 -11.60
CA LYS C 261 -27.36 17.49 -12.77
C LYS C 261 -28.76 16.89 -12.66
N LEU C 262 -28.94 15.96 -11.73
CA LEU C 262 -30.20 15.23 -11.62
C LEU C 262 -31.25 16.02 -10.87
N LYS C 263 -32.15 16.64 -11.63
CA LYS C 263 -33.12 17.57 -11.06
C LYS C 263 -34.25 16.89 -10.29
N THR C 264 -34.50 15.61 -10.59
CA THR C 264 -35.59 14.89 -9.95
C THR C 264 -35.16 14.10 -8.73
N ALA C 265 -33.98 14.40 -8.18
CA ALA C 265 -33.49 13.71 -6.99
C ALA C 265 -34.46 13.89 -5.82
N ARG C 266 -34.60 12.87 -4.98
CA ARG C 266 -35.48 12.96 -3.81
C ARG C 266 -34.73 12.62 -2.53
N TYR C 267 -35.12 13.26 -1.45
CA TYR C 267 -34.67 12.86 -0.13
C TYR C 267 -35.77 11.96 0.46
N ASP C 268 -35.50 10.66 0.51
CA ASP C 268 -36.49 9.69 0.99
C ASP C 268 -36.25 9.30 2.44
N LYS C 269 -37.31 9.23 3.24
CA LYS C 269 -37.18 8.85 4.65
C LYS C 269 -37.32 7.33 4.83
N TYR C 270 -36.69 6.79 5.86
CA TYR C 270 -36.77 5.37 6.16
C TYR C 270 -38.11 5.02 6.79
N GLU C 271 -38.65 3.86 6.43
CA GLU C 271 -39.95 3.41 6.96
C GLU C 271 -39.91 1.92 7.29
N THR C 272 -40.43 1.56 8.45
CA THR C 272 -40.48 0.15 8.82
C THR C 272 -41.88 -0.26 9.27
N THR C 273 -42.17 -1.54 9.23
CA THR C 273 -43.38 -2.03 9.88
C THR C 273 -43.21 -3.47 10.31
N LYS C 274 -43.85 -3.80 11.42
CA LYS C 274 -43.86 -5.17 11.88
C LYS C 274 -45.27 -5.54 12.29
N LEU C 275 -45.76 -6.66 11.79
CA LEU C 275 -47.14 -7.08 12.05
C LEU C 275 -47.18 -8.29 12.95
N ASP C 276 -48.22 -8.38 13.78
CA ASP C 276 -48.46 -9.58 14.58
C ASP C 276 -48.75 -10.77 13.69
N SER C 277 -49.36 -10.49 12.53
CA SER C 277 -49.78 -11.55 11.63
C SER C 277 -49.62 -11.12 10.17
N TRP C 278 -49.32 -12.09 9.29
CA TRP C 278 -49.16 -11.81 7.87
C TRP C 278 -50.34 -12.33 7.06
N THR C 279 -51.23 -13.10 7.69
CA THR C 279 -52.33 -13.71 6.94
C THR C 279 -53.69 -13.47 7.60
N ARG C 280 -54.73 -13.46 6.78
CA ARG C 280 -56.11 -13.43 7.27
C ARG C 280 -56.96 -14.11 6.22
N GLY C 281 -57.45 -15.31 6.53
CA GLY C 281 -58.26 -16.06 5.58
C GLY C 281 -57.47 -16.38 4.31
N LYS C 282 -57.95 -15.90 3.17
CA LYS C 282 -57.28 -16.16 1.89
C LYS C 282 -56.35 -15.01 1.50
N VAL C 283 -56.08 -14.12 2.44
CA VAL C 283 -55.25 -12.95 2.18
C VAL C 283 -53.86 -13.11 2.79
N ALA C 284 -52.82 -12.99 1.97
CA ALA C 284 -51.43 -13.01 2.45
C ALA C 284 -50.75 -11.67 2.15
N LEU C 285 -50.12 -11.09 3.16
CA LEU C 285 -49.32 -9.88 2.99
C LEU C 285 -47.85 -10.24 2.77
N VAL C 286 -47.24 -9.70 1.72
CA VAL C 286 -45.85 -10.02 1.40
CA VAL C 286 -45.87 -10.03 1.36
C VAL C 286 -45.04 -8.76 1.14
N GLY C 287 -43.76 -8.79 1.53
CA GLY C 287 -42.88 -7.66 1.27
C GLY C 287 -43.06 -6.52 2.25
N ASP C 288 -42.86 -5.28 1.78
CA ASP C 288 -42.93 -4.12 2.65
C ASP C 288 -44.29 -3.98 3.34
N ALA C 289 -45.34 -4.51 2.69
CA ALA C 289 -46.68 -4.51 3.30
C ALA C 289 -46.66 -5.21 4.66
N ALA C 290 -45.81 -6.22 4.78
CA ALA C 290 -45.75 -7.00 6.00
C ALA C 290 -44.52 -6.73 6.89
N HIS C 291 -43.39 -6.37 6.29
CA HIS C 291 -42.12 -6.36 7.03
C HIS C 291 -41.04 -5.39 6.54
N ALA C 292 -41.44 -4.20 6.11
CA ALA C 292 -40.47 -3.18 5.74
C ALA C 292 -39.47 -3.01 6.89
N MET C 293 -38.19 -2.98 6.56
CA MET C 293 -37.14 -3.01 7.57
C MET C 293 -36.05 -1.97 7.28
N CYS C 294 -35.19 -1.70 8.25
CA CYS C 294 -34.03 -0.83 8.00
C CYS C 294 -33.10 -1.47 6.97
N PRO C 295 -32.45 -0.67 6.10
CA PRO C 295 -31.69 -1.22 4.97
C PRO C 295 -30.23 -1.62 5.23
N ALA C 296 -29.77 -1.57 6.48
CA ALA C 296 -28.40 -1.95 6.83
C ALA C 296 -27.93 -3.28 6.22
N LEU C 297 -28.76 -4.30 6.27
CA LEU C 297 -28.36 -5.63 5.79
C LEU C 297 -28.70 -5.88 4.31
N ALA C 298 -29.30 -4.87 3.69
CA ALA C 298 -29.65 -4.95 2.26
C ALA C 298 -30.46 -6.20 1.93
N GLN C 299 -31.51 -6.43 2.72
CA GLN C 299 -32.32 -7.64 2.67
C GLN C 299 -33.83 -7.40 2.55
N GLY C 300 -34.22 -6.14 2.41
CA GLY C 300 -35.64 -5.82 2.31
C GLY C 300 -36.32 -6.51 1.15
N ALA C 301 -35.77 -6.34 -0.05
CA ALA C 301 -36.31 -7.02 -1.22
C ALA C 301 -35.96 -8.50 -1.22
N GLY C 302 -34.77 -8.84 -0.72
CA GLY C 302 -34.36 -10.22 -0.56
C GLY C 302 -35.39 -11.02 0.21
N CYS C 303 -35.74 -10.55 1.40
CA CYS C 303 -36.75 -11.18 2.23
C CYS C 303 -38.12 -11.19 1.55
N ALA C 304 -38.50 -10.06 0.95
CA ALA C 304 -39.76 -9.98 0.21
C ALA C 304 -39.85 -11.06 -0.86
N MET C 305 -38.78 -11.22 -1.62
CA MET C 305 -38.76 -12.19 -2.71
C MET C 305 -38.73 -13.63 -2.18
N VAL C 306 -37.94 -13.89 -1.15
CA VAL C 306 -37.92 -15.20 -0.52
C VAL C 306 -39.33 -15.53 0.03
N ASN C 307 -39.97 -14.55 0.65
CA ASN C 307 -41.27 -14.81 1.23
C ASN C 307 -42.36 -15.02 0.18
N ALA C 308 -42.33 -14.22 -0.88
CA ALA C 308 -43.26 -14.37 -1.99
C ALA C 308 -43.08 -15.71 -2.70
N PHE C 309 -41.83 -16.10 -2.93
CA PHE C 309 -41.56 -17.39 -3.57
C PHE C 309 -42.00 -18.54 -2.67
N SER C 310 -41.75 -18.41 -1.37
CA SER C 310 -42.07 -19.45 -0.41
C SER C 310 -43.58 -19.65 -0.28
N LEU C 311 -44.34 -18.57 -0.46
CA LEU C 311 -45.79 -18.65 -0.42
C LEU C 311 -46.28 -19.61 -1.50
N SER C 312 -45.74 -19.48 -2.71
CA SER C 312 -46.15 -20.36 -3.81
C SER C 312 -45.80 -21.81 -3.51
N GLN C 313 -44.70 -22.03 -2.79
CA GLN C 313 -44.33 -23.38 -2.37
C GLN C 313 -45.38 -23.99 -1.43
N ASP C 314 -45.74 -23.27 -0.38
CA ASP C 314 -46.72 -23.82 0.57
C ASP C 314 -48.09 -24.07 -0.05
N LEU C 315 -48.41 -23.35 -1.13
CA LEU C 315 -49.68 -23.53 -1.82
C LEU C 315 -49.68 -24.77 -2.72
N GLU C 316 -48.57 -25.50 -2.75
CA GLU C 316 -48.48 -26.72 -3.55
C GLU C 316 -48.64 -28.00 -2.72
N GLU C 317 -49.14 -27.88 -1.50
CA GLU C 317 -49.16 -29.01 -0.56
C GLU C 317 -50.49 -29.81 -0.48
N GLY C 318 -51.54 -29.31 -1.15
CA GLY C 318 -52.82 -29.97 -1.13
C GLY C 318 -53.71 -29.54 0.02
N SER C 319 -53.30 -28.51 0.73
CA SER C 319 -54.10 -27.97 1.84
C SER C 319 -55.12 -27.00 1.28
N SER C 320 -56.00 -26.50 2.15
CA SER C 320 -56.78 -25.33 1.79
C SER C 320 -55.82 -24.15 1.70
N VAL C 321 -56.20 -23.12 0.95
CA VAL C 321 -55.40 -21.91 0.86
C VAL C 321 -55.18 -21.35 2.26
N GLU C 322 -56.25 -21.35 3.05
CA GLU C 322 -56.22 -20.85 4.42
C GLU C 322 -55.13 -21.53 5.27
N ASP C 323 -55.09 -22.86 5.23
CA ASP C 323 -54.13 -23.64 5.99
C ASP C 323 -52.71 -23.42 5.46
N ALA C 324 -52.59 -23.32 4.13
CA ALA C 324 -51.29 -23.14 3.49
C ALA C 324 -50.64 -21.82 3.90
N LEU C 325 -51.47 -20.78 4.01
CA LEU C 325 -51.00 -19.46 4.41
C LEU C 325 -50.46 -19.45 5.84
N VAL C 326 -51.17 -20.12 6.75
CA VAL C 326 -50.71 -20.24 8.11
C VAL C 326 -49.37 -21.01 8.17
N ALA C 327 -49.27 -22.11 7.43
CA ALA C 327 -48.05 -22.89 7.39
C ALA C 327 -46.89 -22.10 6.80
N TRP C 328 -47.20 -21.33 5.76
CA TRP C 328 -46.23 -20.46 5.10
C TRP C 328 -45.61 -19.48 6.09
N GLU C 329 -46.45 -18.75 6.83
CA GLU C 329 -45.95 -17.75 7.77
C GLU C 329 -45.11 -18.37 8.87
N THR C 330 -45.59 -19.50 9.40
CA THR C 330 -44.91 -20.22 10.45
C THR C 330 -43.53 -20.70 10.01
N ARG C 331 -43.47 -21.19 8.77
CA ARG C 331 -42.22 -21.73 8.22
C ARG C 331 -41.17 -20.63 7.98
N ILE C 332 -41.60 -19.52 7.39
CA ILE C 332 -40.68 -18.56 6.79
C ILE C 332 -40.44 -17.24 7.55
N ARG C 333 -41.39 -16.83 8.37
CA ARG C 333 -41.26 -15.51 9.00
C ARG C 333 -40.09 -15.29 10.00
N PRO C 334 -39.68 -16.34 10.76
CA PRO C 334 -38.60 -16.05 11.71
C PRO C 334 -37.31 -15.56 11.06
N ILE C 335 -37.02 -16.01 9.84
CA ILE C 335 -35.84 -15.54 9.12
C ILE C 335 -35.97 -14.04 8.90
N THR C 336 -37.15 -13.62 8.46
CA THR C 336 -37.41 -12.20 8.26
C THR C 336 -37.44 -11.40 9.57
N ASP C 337 -38.11 -11.94 10.57
CA ASP C 337 -38.14 -11.27 11.89
C ASP C 337 -36.74 -10.99 12.42
N ARG C 338 -35.86 -11.98 12.34
CA ARG C 338 -34.52 -11.86 12.90
C ARG C 338 -33.67 -10.90 12.08
N CYS C 339 -33.84 -10.95 10.77
CA CYS C 339 -33.10 -10.06 9.88
C CYS C 339 -33.54 -8.61 10.13
N GLN C 340 -34.85 -8.40 10.20
CA GLN C 340 -35.38 -7.07 10.49
C GLN C 340 -34.91 -6.54 11.85
N ALA C 341 -34.91 -7.40 12.86
CA ALA C 341 -34.49 -6.94 14.18
C ALA C 341 -33.00 -6.56 14.19
N LEU C 342 -32.15 -7.39 13.57
CA LEU C 342 -30.72 -7.09 13.54
C LEU C 342 -30.43 -5.84 12.72
N SER C 343 -31.11 -5.71 11.58
CA SER C 343 -30.92 -4.55 10.73
C SER C 343 -31.30 -3.24 11.44
N GLY C 344 -32.37 -3.25 12.23
CA GLY C 344 -32.77 -2.10 13.00
C GLY C 344 -31.76 -1.77 14.08
N ASP C 345 -31.18 -2.80 14.68
CA ASP C 345 -30.14 -2.63 15.68
CA ASP C 345 -30.14 -2.64 15.68
C ASP C 345 -28.91 -1.96 15.07
N TYR C 346 -28.52 -2.43 13.89
CA TYR C 346 -27.38 -1.86 13.18
C TYR C 346 -27.64 -0.40 12.84
N ALA C 347 -28.85 -0.11 12.38
CA ALA C 347 -29.18 1.24 11.99
C ALA C 347 -29.13 2.17 13.21
N ALA C 348 -29.71 1.72 14.32
CA ALA C 348 -29.76 2.53 15.52
C ALA C 348 -28.37 2.78 16.13
N ASN C 349 -27.51 1.78 16.07
CA ASN C 349 -26.17 1.92 16.62
C ASN C 349 -25.09 2.37 15.62
N ARG C 350 -25.50 2.61 14.38
CA ARG C 350 -24.57 2.94 13.30
C ARG C 350 -23.48 1.88 13.17
N SER C 351 -23.83 0.64 13.46
CA SER C 351 -22.86 -0.47 13.51
C SER C 351 -22.01 -0.64 12.24
N LEU C 352 -22.57 -0.32 11.07
CA LEU C 352 -21.85 -0.54 9.82
C LEU C 352 -20.61 0.34 9.73
N SER C 353 -20.60 1.41 10.52
CA SER C 353 -19.49 2.35 10.52
C SER C 353 -18.22 1.70 11.03
N LYS C 354 -18.37 0.61 11.80
CA LYS C 354 -17.21 -0.07 12.39
C LYS C 354 -16.53 -1.06 11.44
N GLY C 355 -17.26 -1.52 10.42
CA GLY C 355 -16.73 -2.50 9.49
C GLY C 355 -16.78 -3.90 10.05
N ASN C 356 -16.56 -4.89 9.18
CA ASN C 356 -16.61 -6.30 9.57
C ASN C 356 -17.92 -6.71 10.24
N MET C 357 -19.02 -6.06 9.89
CA MET C 357 -20.29 -6.35 10.54
C MET C 357 -21.16 -7.40 9.83
N PHE C 358 -20.73 -7.85 8.66
CA PHE C 358 -21.43 -8.96 8.02
C PHE C 358 -21.00 -10.29 8.62
N THR C 359 -21.44 -10.50 9.85
CA THR C 359 -21.16 -11.67 10.66
C THR C 359 -22.03 -12.83 10.20
N PRO C 360 -21.76 -14.05 10.69
CA PRO C 360 -22.66 -15.18 10.42
C PRO C 360 -24.12 -14.84 10.72
N ALA C 361 -24.39 -14.20 11.85
CA ALA C 361 -25.75 -13.81 12.22
C ALA C 361 -26.36 -12.79 11.26
N ALA C 362 -25.57 -11.80 10.86
CA ALA C 362 -26.05 -10.79 9.91
C ALA C 362 -26.36 -11.42 8.55
N LEU C 363 -25.59 -12.42 8.18
CA LEU C 363 -25.73 -13.05 6.87
C LEU C 363 -26.74 -14.21 6.86
N GLU C 364 -27.47 -14.41 7.96
CA GLU C 364 -28.40 -15.53 8.04
C GLU C 364 -29.40 -15.55 6.88
N ALA C 365 -30.02 -14.41 6.60
CA ALA C 365 -31.03 -14.37 5.55
C ALA C 365 -30.39 -14.62 4.19
N ALA C 366 -29.23 -14.01 3.98
CA ALA C 366 -28.52 -14.18 2.72
C ALA C 366 -28.14 -15.63 2.46
N ARG C 367 -27.83 -16.36 3.53
CA ARG C 367 -27.37 -17.74 3.42
C ARG C 367 -28.52 -18.70 3.09
N TYR C 368 -29.75 -18.27 3.34
CA TYR C 368 -30.88 -19.18 3.14
C TYR C 368 -31.12 -19.46 1.65
N ASP C 369 -31.28 -20.73 1.30
CA ASP C 369 -31.64 -21.12 -0.07
C ASP C 369 -33.11 -21.53 -0.08
N PRO C 370 -33.98 -20.69 -0.63
CA PRO C 370 -35.42 -20.96 -0.64
C PRO C 370 -35.78 -22.14 -1.55
N LEU C 371 -34.90 -22.52 -2.47
CA LEU C 371 -35.21 -23.60 -3.40
C LEU C 371 -35.07 -24.98 -2.75
N ARG C 372 -34.06 -25.15 -1.91
CA ARG C 372 -33.83 -26.40 -1.22
C ARG C 372 -34.17 -26.31 0.26
N ARG C 373 -34.57 -25.12 0.70
CA ARG C 373 -34.96 -24.87 2.08
C ARG C 373 -33.89 -25.19 3.11
N VAL C 374 -32.64 -24.86 2.81
CA VAL C 374 -31.56 -25.06 3.75
C VAL C 374 -30.67 -23.84 3.75
N TYR C 375 -29.81 -23.72 4.76
CA TYR C 375 -28.83 -22.65 4.78
C TYR C 375 -27.56 -23.12 4.07
N SER C 376 -27.02 -22.28 3.21
CA SER C 376 -25.83 -22.64 2.45
C SER C 376 -24.71 -21.66 2.76
N TRP C 377 -23.64 -21.66 1.96
CA TRP C 377 -22.49 -20.76 2.14
C TRP C 377 -22.16 -20.41 3.59
N PRO C 378 -21.71 -21.40 4.37
CA PRO C 378 -21.49 -21.21 5.80
C PRO C 378 -20.38 -20.18 6.09
N GLN C 379 -20.48 -19.50 7.22
CA GLN C 379 -19.62 -18.39 7.58
C GLN C 379 -18.83 -18.70 8.86
N THR D 11 -35.21 -53.14 -13.83
CA THR D 11 -34.34 -52.08 -13.34
C THR D 11 -33.01 -52.04 -14.12
N ARG D 12 -32.68 -50.87 -14.65
CA ARG D 12 -31.45 -50.68 -15.39
C ARG D 12 -30.23 -50.90 -14.50
N ARG D 13 -29.20 -51.53 -15.03
CA ARG D 13 -28.01 -51.79 -14.23
C ARG D 13 -26.75 -51.16 -14.82
N ALA D 14 -25.95 -50.53 -13.97
CA ALA D 14 -24.70 -49.92 -14.40
C ALA D 14 -23.54 -50.48 -13.60
N GLU D 15 -22.41 -50.71 -14.27
CA GLU D 15 -21.16 -51.03 -13.59
C GLU D 15 -20.18 -49.90 -13.88
N VAL D 16 -19.66 -49.29 -12.80
CA VAL D 16 -18.74 -48.18 -12.93
C VAL D 16 -17.35 -48.66 -12.53
N ALA D 17 -16.38 -48.48 -13.41
CA ALA D 17 -15.00 -48.81 -13.09
C ALA D 17 -14.30 -47.54 -12.65
N GLY D 18 -13.90 -47.49 -11.38
CA GLY D 18 -13.09 -46.39 -10.89
C GLY D 18 -13.80 -45.59 -9.81
N GLY D 19 -13.14 -45.47 -8.66
CA GLY D 19 -13.72 -44.74 -7.54
C GLY D 19 -13.10 -43.37 -7.28
N GLY D 20 -12.84 -42.62 -8.33
CA GLY D 20 -12.38 -41.25 -8.22
C GLY D 20 -13.56 -40.31 -8.34
N PHE D 21 -13.30 -39.04 -8.59
CA PHE D 21 -14.37 -38.04 -8.71
C PHE D 21 -15.36 -38.36 -9.85
N ALA D 22 -14.85 -38.80 -11.01
CA ALA D 22 -15.74 -39.09 -12.13
C ALA D 22 -16.63 -40.29 -11.86
N GLY D 23 -16.05 -41.36 -11.32
CA GLY D 23 -16.79 -42.57 -11.04
C GLY D 23 -17.85 -42.38 -9.97
N LEU D 24 -17.46 -41.73 -8.89
CA LEU D 24 -18.40 -41.47 -7.81
C LEU D 24 -19.55 -40.58 -8.28
N THR D 25 -19.22 -39.56 -9.07
CA THR D 25 -20.23 -38.67 -9.62
C THR D 25 -21.23 -39.44 -10.50
N ALA D 26 -20.71 -40.27 -11.39
CA ALA D 26 -21.58 -41.08 -12.24
C ALA D 26 -22.48 -42.01 -11.42
N ALA D 27 -21.87 -42.69 -10.45
CA ALA D 27 -22.60 -43.64 -9.62
C ALA D 27 -23.76 -42.98 -8.86
N ILE D 28 -23.48 -41.83 -8.25
CA ILE D 28 -24.52 -41.10 -7.52
C ILE D 28 -25.63 -40.63 -8.45
N ALA D 29 -25.24 -40.01 -9.57
CA ALA D 29 -26.20 -39.43 -10.49
C ALA D 29 -27.14 -40.51 -11.05
N LEU D 30 -26.56 -41.65 -11.42
CA LEU D 30 -27.33 -42.79 -11.93
C LEU D 30 -28.25 -43.39 -10.89
N LYS D 31 -27.71 -43.57 -9.69
CA LYS D 31 -28.47 -44.10 -8.56
C LYS D 31 -29.68 -43.22 -8.22
N GLN D 32 -29.46 -41.91 -8.21
CA GLN D 32 -30.56 -40.96 -8.01
C GLN D 32 -31.67 -41.12 -9.05
N ASN D 33 -31.31 -41.55 -10.25
CA ASN D 33 -32.28 -41.78 -11.31
C ASN D 33 -32.87 -43.21 -11.33
N GLY D 34 -32.61 -43.97 -10.27
CA GLY D 34 -33.18 -45.30 -10.13
C GLY D 34 -32.38 -46.44 -10.76
N TRP D 35 -31.16 -46.15 -11.19
CA TRP D 35 -30.31 -47.21 -11.69
C TRP D 35 -29.86 -48.09 -10.53
N ASP D 36 -29.62 -49.36 -10.82
CA ASP D 36 -28.91 -50.23 -9.89
CA ASP D 36 -28.90 -50.18 -9.87
C ASP D 36 -27.42 -50.09 -10.24
N VAL D 37 -26.63 -49.54 -9.32
CA VAL D 37 -25.23 -49.22 -9.62
C VAL D 37 -24.24 -49.94 -8.72
N ARG D 38 -23.24 -50.59 -9.31
CA ARG D 38 -22.09 -51.06 -8.54
C ARG D 38 -20.85 -50.35 -9.05
N LEU D 39 -19.97 -49.98 -8.14
CA LEU D 39 -18.74 -49.28 -8.51
C LEU D 39 -17.57 -50.11 -8.05
N HIS D 40 -16.53 -50.19 -8.89
CA HIS D 40 -15.35 -50.99 -8.59
C HIS D 40 -14.13 -50.07 -8.47
N GLU D 41 -13.49 -50.10 -7.30
CA GLU D 41 -12.26 -49.35 -7.07
C GLU D 41 -11.07 -50.30 -6.95
N LYS D 42 -10.10 -50.11 -7.84
CA LYS D 42 -8.93 -51.00 -7.94
C LYS D 42 -8.06 -51.03 -6.67
N SER D 43 -7.89 -49.88 -6.02
CA SER D 43 -7.05 -49.81 -4.85
C SER D 43 -7.81 -50.38 -3.65
N SER D 44 -7.06 -50.69 -2.59
CA SER D 44 -7.62 -51.40 -1.45
C SER D 44 -8.43 -50.52 -0.52
N GLU D 45 -8.41 -49.21 -0.74
CA GLU D 45 -9.28 -48.30 0.01
C GLU D 45 -9.70 -47.10 -0.83
N LEU D 46 -10.89 -46.57 -0.53
CA LEU D 46 -11.35 -45.37 -1.20
C LEU D 46 -10.50 -44.21 -0.70
N ARG D 47 -9.88 -43.50 -1.63
CA ARG D 47 -8.95 -42.45 -1.26
C ARG D 47 -8.65 -41.56 -2.47
N ALA D 48 -8.53 -40.26 -2.24
CA ALA D 48 -8.18 -39.35 -3.31
C ALA D 48 -6.78 -38.83 -3.04
N PHE D 49 -5.94 -38.83 -4.07
CA PHE D 49 -4.57 -38.34 -3.96
C PHE D 49 -4.41 -36.99 -4.68
N GLY D 50 -3.41 -36.21 -4.29
CA GLY D 50 -3.14 -34.96 -4.96
C GLY D 50 -3.31 -33.75 -4.06
N ALA D 51 -3.58 -34.01 -2.78
CA ALA D 51 -3.62 -33.00 -1.72
C ALA D 51 -4.86 -32.10 -1.76
N GLY D 52 -4.89 -31.13 -2.67
CA GLY D 52 -5.93 -30.11 -2.66
C GLY D 52 -6.56 -29.96 -4.03
N ILE D 53 -7.68 -29.27 -4.10
CA ILE D 53 -8.35 -29.13 -5.39
C ILE D 53 -9.22 -27.87 -5.43
N TYR D 54 -9.34 -27.26 -6.61
CA TYR D 54 -10.23 -26.13 -6.82
C TYR D 54 -11.47 -26.63 -7.54
N LEU D 55 -12.64 -26.17 -7.12
CA LEU D 55 -13.85 -26.35 -7.92
C LEU D 55 -14.43 -24.98 -8.27
N TRP D 56 -15.15 -24.90 -9.39
CA TRP D 56 -15.75 -23.64 -9.79
C TRP D 56 -17.26 -23.84 -9.86
N HIS D 57 -17.95 -22.78 -10.27
CA HIS D 57 -19.39 -22.82 -10.45
C HIS D 57 -19.90 -24.13 -11.09
N ASN D 58 -19.30 -24.57 -12.19
CA ASN D 58 -19.76 -25.80 -12.85
C ASN D 58 -19.71 -27.03 -11.95
N GLY D 59 -18.58 -27.20 -11.25
CA GLY D 59 -18.41 -28.32 -10.35
C GLY D 59 -19.31 -28.21 -9.13
N LEU D 60 -19.47 -26.99 -8.63
CA LEU D 60 -20.32 -26.76 -7.48
C LEU D 60 -21.78 -27.05 -7.82
N ARG D 61 -22.19 -26.73 -9.05
CA ARG D 61 -23.54 -27.06 -9.50
C ARG D 61 -23.74 -28.57 -9.59
N VAL D 62 -22.75 -29.30 -10.11
CA VAL D 62 -22.82 -30.76 -10.08
C VAL D 62 -23.10 -31.26 -8.66
N LEU D 63 -22.34 -30.76 -7.70
CA LEU D 63 -22.49 -31.15 -6.30
C LEU D 63 -23.90 -30.85 -5.79
N GLU D 64 -24.45 -29.73 -6.21
CA GLU D 64 -25.84 -29.43 -5.90
C GLU D 64 -26.74 -30.52 -6.47
N GLY D 65 -26.51 -30.88 -7.73
CA GLY D 65 -27.28 -31.92 -8.40
C GLY D 65 -27.12 -33.30 -7.78
N LEU D 66 -25.99 -33.52 -7.11
CA LEU D 66 -25.69 -34.79 -6.44
C LEU D 66 -26.19 -34.81 -4.99
N GLY D 67 -26.67 -33.66 -4.51
CA GLY D 67 -27.03 -33.53 -3.11
C GLY D 67 -25.85 -33.57 -2.16
N ALA D 68 -24.69 -33.10 -2.62
CA ALA D 68 -23.48 -33.12 -1.80
C ALA D 68 -22.86 -31.72 -1.64
N LEU D 69 -23.55 -30.69 -2.10
CA LEU D 69 -23.00 -29.34 -2.06
C LEU D 69 -22.70 -28.86 -0.64
N ASP D 70 -23.68 -28.94 0.25
CA ASP D 70 -23.47 -28.39 1.58
C ASP D 70 -22.42 -29.09 2.45
N ASP D 71 -22.29 -30.40 2.30
CA ASP D 71 -21.20 -31.12 2.93
C ASP D 71 -19.85 -30.66 2.40
N VAL D 72 -19.81 -30.23 1.14
CA VAL D 72 -18.56 -29.72 0.60
C VAL D 72 -18.29 -28.26 1.05
N LEU D 73 -19.31 -27.41 1.03
CA LEU D 73 -19.08 -26.01 1.40
C LEU D 73 -18.66 -25.85 2.85
N GLN D 74 -19.22 -26.68 3.71
CA GLN D 74 -18.81 -26.69 5.11
C GLN D 74 -17.42 -27.32 5.21
N GLY D 75 -16.42 -26.51 5.57
CA GLY D 75 -15.05 -27.00 5.69
C GLY D 75 -14.16 -26.73 4.49
N SER D 76 -14.63 -25.90 3.55
CA SER D 76 -13.83 -25.47 2.41
C SER D 76 -13.79 -23.93 2.36
N HIS D 77 -13.09 -23.36 1.38
CA HIS D 77 -12.71 -21.94 1.46
C HIS D 77 -12.86 -21.23 0.11
N THR D 78 -13.42 -20.03 0.11
CA THR D 78 -13.31 -19.17 -1.07
C THR D 78 -12.40 -17.99 -0.73
N PRO D 79 -11.22 -17.91 -1.35
CA PRO D 79 -10.35 -16.77 -1.08
C PRO D 79 -10.99 -15.44 -1.48
N PRO D 80 -10.60 -14.35 -0.81
CA PRO D 80 -11.11 -13.02 -1.19
C PRO D 80 -10.72 -12.65 -2.61
N THR D 81 -9.58 -13.16 -3.08
CA THR D 81 -9.15 -12.92 -4.44
CA THR D 81 -9.09 -12.89 -4.44
C THR D 81 -8.17 -14.01 -4.90
N TYR D 82 -8.04 -14.17 -6.21
CA TYR D 82 -7.06 -15.09 -6.78
C TYR D 82 -5.92 -14.17 -7.24
N GLU D 83 -4.78 -14.22 -6.56
CA GLU D 83 -3.68 -13.30 -6.83
C GLU D 83 -2.53 -14.00 -7.56
N THR D 84 -1.83 -13.28 -8.44
CA THR D 84 -0.66 -13.81 -9.15
C THR D 84 0.56 -12.91 -8.87
N TRP D 85 1.68 -13.53 -8.50
CA TRP D 85 2.96 -12.83 -8.34
C TRP D 85 3.96 -13.27 -9.40
N MET D 86 4.78 -12.33 -9.87
CA MET D 86 5.96 -12.65 -10.66
C MET D 86 7.16 -12.01 -9.98
N HIS D 87 8.11 -12.85 -9.54
CA HIS D 87 9.27 -12.40 -8.79
C HIS D 87 8.85 -11.56 -7.59
N ASN D 88 7.83 -12.05 -6.88
CA ASN D 88 7.30 -11.42 -5.67
C ASN D 88 6.53 -10.13 -5.88
N LYS D 89 6.41 -9.70 -7.14
CA LYS D 89 5.59 -8.55 -7.47
C LYS D 89 4.18 -9.01 -7.82
N SER D 90 3.18 -8.42 -7.16
CA SER D 90 1.80 -8.74 -7.47
C SER D 90 1.42 -8.19 -8.83
N VAL D 91 1.06 -9.06 -9.76
CA VAL D 91 0.77 -8.64 -11.12
C VAL D 91 -0.72 -8.67 -11.47
N SER D 92 -1.52 -9.32 -10.65
CA SER D 92 -2.97 -9.34 -10.89
C SER D 92 -3.73 -9.84 -9.67
N LYS D 93 -4.99 -9.40 -9.55
CA LYS D 93 -5.92 -9.93 -8.56
C LYS D 93 -7.27 -10.10 -9.25
N GLU D 94 -7.81 -11.32 -9.22
CA GLU D 94 -9.00 -11.62 -10.00
C GLU D 94 -10.07 -12.18 -9.10
N THR D 95 -11.31 -11.73 -9.31
CA THR D 95 -12.43 -12.25 -8.53
C THR D 95 -13.55 -12.79 -9.43
N PHE D 96 -13.31 -12.76 -10.73
CA PHE D 96 -14.15 -13.45 -11.70
C PHE D 96 -15.60 -12.95 -11.74
N ASN D 97 -15.80 -11.65 -11.50
CA ASN D 97 -17.14 -11.07 -11.58
C ASN D 97 -18.20 -11.90 -10.81
N GLY D 98 -17.84 -12.36 -9.63
CA GLY D 98 -18.79 -13.04 -8.76
C GLY D 98 -19.00 -14.53 -9.03
N LEU D 99 -18.36 -15.06 -10.07
CA LEU D 99 -18.45 -16.49 -10.36
C LEU D 99 -18.02 -17.33 -9.14
N PRO D 100 -18.88 -18.23 -8.67
CA PRO D 100 -18.52 -18.98 -7.46
C PRO D 100 -17.37 -19.97 -7.68
N TRP D 101 -16.52 -20.12 -6.66
CA TRP D 101 -15.40 -21.05 -6.71
C TRP D 101 -15.02 -21.43 -5.29
N ARG D 102 -14.16 -22.43 -5.14
CA ARG D 102 -13.94 -23.02 -3.83
C ARG D 102 -12.67 -23.85 -3.82
N ILE D 103 -11.93 -23.82 -2.72
CA ILE D 103 -10.72 -24.63 -2.61
C ILE D 103 -10.92 -25.58 -1.45
N MET D 104 -10.42 -26.80 -1.57
CA MET D 104 -10.65 -27.77 -0.50
C MET D 104 -9.60 -28.87 -0.59
N THR D 105 -9.41 -29.63 0.48
CA THR D 105 -8.53 -30.79 0.34
C THR D 105 -9.26 -31.82 -0.52
N ARG D 106 -8.50 -32.65 -1.21
CA ARG D 106 -9.12 -33.69 -2.03
C ARG D 106 -9.91 -34.69 -1.20
N SER D 107 -9.42 -34.99 0.00
CA SER D 107 -10.10 -35.94 0.85
C SER D 107 -11.44 -35.38 1.34
N HIS D 108 -11.53 -34.06 1.47
CA HIS D 108 -12.79 -33.42 1.84
C HIS D 108 -13.85 -33.63 0.76
N LEU D 109 -13.47 -33.38 -0.50
CA LEU D 109 -14.39 -33.58 -1.61
C LEU D 109 -14.69 -35.06 -1.77
N HIS D 110 -13.66 -35.89 -1.65
CA HIS D 110 -13.83 -37.32 -1.87
C HIS D 110 -14.72 -37.96 -0.81
N ASP D 111 -14.55 -37.55 0.44
CA ASP D 111 -15.41 -38.01 1.54
C ASP D 111 -16.89 -37.63 1.34
N ALA D 112 -17.14 -36.40 0.89
CA ALA D 112 -18.51 -35.98 0.64
C ALA D 112 -19.18 -36.86 -0.42
N LEU D 113 -18.44 -37.18 -1.48
CA LEU D 113 -18.96 -38.04 -2.54
C LEU D 113 -19.18 -39.48 -2.09
N VAL D 114 -18.20 -40.05 -1.39
CA VAL D 114 -18.33 -41.39 -0.85
C VAL D 114 -19.53 -41.50 0.10
N ASN D 115 -19.68 -40.52 0.99
CA ASN D 115 -20.78 -40.57 1.94
C ASN D 115 -22.14 -40.48 1.27
N ARG D 116 -22.23 -39.67 0.21
CA ARG D 116 -23.45 -39.57 -0.56
C ARG D 116 -23.76 -40.86 -1.30
N ALA D 117 -22.76 -41.43 -1.97
CA ALA D 117 -22.94 -42.71 -2.65
C ALA D 117 -23.44 -43.80 -1.68
N ARG D 118 -22.84 -43.85 -0.49
CA ARG D 118 -23.23 -44.84 0.52
CA ARG D 118 -23.23 -44.83 0.52
C ARG D 118 -24.65 -44.61 1.06
N ALA D 119 -25.00 -43.34 1.29
CA ALA D 119 -26.35 -43.00 1.75
C ALA D 119 -27.41 -43.42 0.72
N LEU D 120 -27.05 -43.38 -0.55
CA LEU D 120 -27.98 -43.74 -1.62
C LEU D 120 -28.07 -45.25 -1.89
N GLY D 121 -27.13 -46.00 -1.34
CA GLY D 121 -27.09 -47.43 -1.54
C GLY D 121 -26.28 -47.87 -2.74
N VAL D 122 -25.34 -47.04 -3.22
CA VAL D 122 -24.46 -47.48 -4.28
C VAL D 122 -23.58 -48.61 -3.74
N ASP D 123 -23.49 -49.72 -4.46
CA ASP D 123 -22.65 -50.84 -4.04
CA ASP D 123 -22.65 -50.83 -4.04
C ASP D 123 -21.20 -50.59 -4.47
N ILE D 124 -20.30 -50.51 -3.49
CA ILE D 124 -18.90 -50.21 -3.79
C ILE D 124 -18.01 -51.38 -3.39
N SER D 125 -17.19 -51.84 -4.33
CA SER D 125 -16.23 -52.90 -4.04
C SER D 125 -14.81 -52.36 -4.19
N VAL D 126 -14.06 -52.31 -3.09
CA VAL D 126 -12.64 -51.98 -3.19
C VAL D 126 -11.83 -53.22 -3.56
N ASN D 127 -10.57 -53.02 -3.95
CA ASN D 127 -9.73 -54.10 -4.46
C ASN D 127 -10.47 -54.86 -5.57
N SER D 128 -11.21 -54.11 -6.38
CA SER D 128 -11.90 -54.70 -7.51
C SER D 128 -11.48 -53.94 -8.76
N GLU D 129 -10.71 -54.58 -9.62
CA GLU D 129 -10.18 -53.95 -10.82
C GLU D 129 -10.87 -54.40 -12.10
N ALA D 130 -11.36 -53.46 -12.89
CA ALA D 130 -11.81 -53.74 -14.23
C ALA D 130 -10.60 -53.97 -15.13
N VAL D 131 -10.53 -55.12 -15.78
CA VAL D 131 -9.38 -55.43 -16.61
C VAL D 131 -9.74 -55.50 -18.09
N ALA D 132 -11.02 -55.62 -18.38
CA ALA D 132 -11.49 -55.65 -19.76
C ALA D 132 -12.95 -55.25 -19.81
N ALA D 133 -13.37 -54.71 -20.94
CA ALA D 133 -14.76 -54.33 -21.13
C ALA D 133 -15.22 -54.66 -22.54
N ASP D 134 -16.52 -54.85 -22.71
CA ASP D 134 -17.11 -55.23 -23.99
C ASP D 134 -18.31 -54.32 -24.25
N PRO D 135 -18.31 -53.65 -25.41
CA PRO D 135 -19.38 -52.74 -25.86
C PRO D 135 -20.78 -53.34 -25.81
N VAL D 136 -20.91 -54.66 -25.86
CA VAL D 136 -22.23 -55.29 -25.73
C VAL D 136 -22.75 -55.16 -24.30
N GLY D 137 -21.87 -54.81 -23.37
CA GLY D 137 -22.26 -54.59 -22.00
C GLY D 137 -21.71 -55.60 -21.02
N ARG D 138 -20.41 -55.88 -21.10
CA ARG D 138 -19.78 -56.81 -20.17
C ARG D 138 -18.49 -56.25 -19.60
N LEU D 139 -18.30 -56.42 -18.30
CA LEU D 139 -17.10 -55.95 -17.62
C LEU D 139 -16.42 -57.12 -16.93
N THR D 140 -15.14 -57.33 -17.22
CA THR D 140 -14.38 -58.40 -16.59
C THR D 140 -13.51 -57.85 -15.47
N LEU D 141 -13.56 -58.50 -14.30
CA LEU D 141 -12.77 -58.11 -13.14
C LEU D 141 -11.49 -58.92 -13.05
N GLN D 142 -10.59 -58.55 -12.14
CA GLN D 142 -9.34 -59.27 -11.96
C GLN D 142 -9.53 -60.62 -11.26
N THR D 143 -10.75 -60.87 -10.80
CA THR D 143 -11.14 -62.17 -10.27
C THR D 143 -11.60 -63.08 -11.42
N GLY D 144 -11.65 -62.52 -12.62
CA GLY D 144 -12.13 -63.23 -13.78
C GLY D 144 -13.66 -63.20 -13.91
N GLU D 145 -14.34 -62.67 -12.91
CA GLU D 145 -15.79 -62.59 -12.99
C GLU D 145 -16.18 -61.64 -14.14
N VAL D 146 -17.14 -62.06 -14.94
CA VAL D 146 -17.65 -61.22 -16.03
C VAL D 146 -19.01 -60.71 -15.60
N LEU D 147 -19.13 -59.38 -15.56
CA LEU D 147 -20.36 -58.75 -15.11
C LEU D 147 -21.14 -58.27 -16.31
N GLU D 148 -22.46 -58.43 -16.27
CA GLU D 148 -23.29 -57.94 -17.35
C GLU D 148 -24.10 -56.73 -16.91
N ALA D 149 -24.24 -55.76 -17.81
CA ALA D 149 -24.93 -54.53 -17.46
C ALA D 149 -25.45 -53.81 -18.68
N ASP D 150 -26.40 -52.92 -18.43
CA ASP D 150 -27.00 -52.08 -19.47
C ASP D 150 -26.09 -50.92 -19.82
N LEU D 151 -25.19 -50.60 -18.90
CA LEU D 151 -24.24 -49.49 -19.07
C LEU D 151 -22.94 -49.81 -18.33
N ILE D 152 -21.82 -49.56 -18.99
CA ILE D 152 -20.51 -49.68 -18.36
C ILE D 152 -19.87 -48.29 -18.39
N VAL D 153 -19.46 -47.78 -17.25
CA VAL D 153 -18.79 -46.48 -17.20
C VAL D 153 -17.30 -46.66 -16.96
N GLY D 154 -16.48 -46.25 -17.92
CA GLY D 154 -15.04 -46.28 -17.76
C GLY D 154 -14.59 -45.00 -17.11
N ALA D 155 -14.49 -45.02 -15.79
CA ALA D 155 -14.06 -43.87 -15.04
C ALA D 155 -12.77 -44.21 -14.31
N ASP D 156 -11.91 -44.98 -14.99
CA ASP D 156 -10.76 -45.57 -14.32
C ASP D 156 -9.43 -44.83 -14.55
N GLY D 157 -9.52 -43.54 -14.81
CA GLY D 157 -8.36 -42.67 -14.81
C GLY D 157 -7.56 -42.71 -16.09
N VAL D 158 -6.45 -41.97 -16.12
CA VAL D 158 -5.67 -41.79 -17.33
C VAL D 158 -5.10 -43.11 -17.88
N GLY D 159 -4.97 -44.11 -17.01
CA GLY D 159 -4.51 -45.43 -17.44
C GLY D 159 -5.63 -46.42 -17.67
N SER D 160 -6.82 -45.92 -18.00
CA SER D 160 -8.04 -46.71 -18.17
C SER D 160 -7.89 -48.04 -18.94
N LYS D 161 -8.18 -49.16 -18.27
CA LYS D 161 -8.19 -50.46 -18.91
C LYS D 161 -9.52 -50.72 -19.61
N VAL D 162 -10.58 -50.08 -19.14
CA VAL D 162 -11.83 -50.13 -19.86
C VAL D 162 -11.60 -49.59 -21.27
N ARG D 163 -10.94 -48.43 -21.34
CA ARG D 163 -10.58 -47.81 -22.62
C ARG D 163 -9.63 -48.67 -23.44
N ASP D 164 -8.51 -49.06 -22.83
CA ASP D 164 -7.45 -49.72 -23.59
C ASP D 164 -7.75 -51.18 -23.96
N SER D 165 -8.64 -51.84 -23.21
CA SER D 165 -9.02 -53.19 -23.58
C SER D 165 -9.89 -53.17 -24.82
N ILE D 166 -10.64 -52.09 -25.01
CA ILE D 166 -11.49 -51.96 -26.19
C ILE D 166 -10.69 -51.42 -27.39
N GLY D 167 -9.76 -50.51 -27.12
CA GLY D 167 -8.96 -49.91 -28.17
C GLY D 167 -9.63 -48.66 -28.71
N PHE D 168 -9.40 -47.56 -28.01
CA PHE D 168 -9.85 -46.26 -28.47
C PHE D 168 -8.63 -45.53 -29.02
N LYS D 169 -8.77 -44.95 -30.21
CA LYS D 169 -7.70 -44.12 -30.75
C LYS D 169 -7.49 -42.92 -29.84
N GLN D 170 -6.25 -42.69 -29.46
CA GLN D 170 -5.95 -41.63 -28.51
C GLN D 170 -4.61 -40.98 -28.78
N ASP D 171 -4.48 -39.76 -28.28
CA ASP D 171 -3.21 -39.08 -28.22
C ASP D 171 -2.90 -38.88 -26.76
N ARG D 172 -2.06 -39.75 -26.21
CA ARG D 172 -1.75 -39.74 -24.79
C ARG D 172 -0.32 -39.23 -24.60
N TRP D 173 -0.12 -38.40 -23.57
CA TRP D 173 1.14 -37.68 -23.40
C TRP D 173 1.53 -37.54 -21.94
N VAL D 174 2.82 -37.67 -21.63
CA VAL D 174 3.34 -37.43 -20.30
C VAL D 174 4.45 -36.37 -20.38
N SER D 175 4.50 -35.45 -19.42
CA SER D 175 5.56 -34.44 -19.38
CA SER D 175 5.56 -34.44 -19.38
C SER D 175 6.81 -34.99 -18.71
N LYS D 176 7.94 -34.33 -18.95
CA LYS D 176 9.16 -34.68 -18.25
C LYS D 176 9.12 -33.99 -16.88
N ASP D 177 8.43 -32.86 -16.80
CA ASP D 177 8.39 -32.09 -15.56
C ASP D 177 7.14 -32.34 -14.73
N GLY D 178 7.16 -31.89 -13.49
CA GLY D 178 6.06 -32.15 -12.60
C GLY D 178 6.08 -31.24 -11.39
N LEU D 179 5.46 -31.70 -10.31
CA LEU D 179 5.32 -30.87 -9.13
C LEU D 179 5.02 -31.72 -7.91
N ILE D 180 5.20 -31.11 -6.74
CA ILE D 180 4.95 -31.74 -5.46
C ILE D 180 3.75 -31.04 -4.85
N ARG D 181 2.71 -31.80 -4.51
CA ARG D 181 1.52 -31.22 -3.90
C ARG D 181 1.38 -31.75 -2.49
N LEU D 182 1.14 -30.84 -1.55
CA LEU D 182 1.10 -31.17 -0.12
C LEU D 182 0.03 -30.39 0.62
N ILE D 183 -0.50 -30.99 1.69
CA ILE D 183 -1.31 -30.26 2.67
C ILE D 183 -0.46 -30.02 3.91
N VAL D 184 -0.39 -28.75 4.35
CA VAL D 184 0.33 -28.37 5.55
C VAL D 184 -0.56 -27.46 6.39
N PRO D 185 -0.20 -27.22 7.66
CA PRO D 185 -0.98 -26.24 8.45
C PRO D 185 -0.88 -24.83 7.87
N ARG D 186 -1.87 -23.98 8.15
CA ARG D 186 -1.88 -22.62 7.61
C ARG D 186 -0.75 -21.78 8.18
N MET D 187 -0.44 -21.99 9.46
CA MET D 187 0.56 -21.20 10.17
C MET D 187 0.31 -19.71 9.96
N LYS D 188 -0.96 -19.32 9.88
CA LYS D 188 -1.33 -18.00 9.44
C LYS D 188 -0.69 -16.88 10.28
N LYS D 189 -0.71 -17.06 11.59
CA LYS D 189 -0.11 -16.11 12.50
C LYS D 189 1.40 -15.98 12.29
N GLU D 190 2.08 -17.11 12.08
CA GLU D 190 3.51 -17.11 11.82
C GLU D 190 3.85 -16.43 10.49
N LEU D 191 2.89 -16.34 9.59
CA LEU D 191 3.11 -15.70 8.30
C LEU D 191 3.10 -14.19 8.43
N GLY D 192 2.60 -13.70 9.56
CA GLY D 192 2.59 -12.27 9.83
C GLY D 192 1.75 -11.49 8.85
N HIS D 193 2.18 -10.26 8.56
CA HIS D 193 1.42 -9.33 7.73
C HIS D 193 1.34 -9.76 6.27
N GLY D 194 0.17 -9.60 5.67
CA GLY D 194 -0.06 -9.97 4.28
C GLY D 194 -1.51 -10.31 4.04
N GLU D 195 -1.80 -10.94 2.91
CA GLU D 195 -3.17 -11.34 2.57
C GLU D 195 -3.18 -12.86 2.41
N TRP D 196 -3.06 -13.54 3.55
CA TRP D 196 -2.75 -14.96 3.55
C TRP D 196 -3.97 -15.88 3.40
N ASP D 197 -5.14 -15.26 3.16
CA ASP D 197 -6.35 -16.01 2.81
C ASP D 197 -6.52 -16.10 1.29
N ASN D 198 -5.69 -15.38 0.55
CA ASN D 198 -5.77 -15.37 -0.90
C ASN D 198 -5.24 -16.68 -1.49
N THR D 199 -5.68 -17.00 -2.70
CA THR D 199 -4.89 -17.85 -3.57
C THR D 199 -3.76 -16.94 -4.06
N ILE D 200 -2.52 -17.43 -4.02
CA ILE D 200 -1.40 -16.69 -4.57
C ILE D 200 -0.56 -17.62 -5.42
N ASP D 201 -0.53 -17.37 -6.71
CA ASP D 201 0.29 -18.15 -7.64
C ASP D 201 1.62 -17.40 -7.79
N MET D 202 2.65 -17.95 -7.15
CA MET D 202 3.93 -17.28 -6.99
C MET D 202 4.96 -17.80 -8.00
N TRP D 203 5.11 -17.09 -9.11
CA TRP D 203 5.98 -17.49 -10.20
C TRP D 203 7.38 -16.87 -10.08
N ASN D 204 8.38 -17.63 -10.52
CA ASN D 204 9.75 -17.14 -10.62
C ASN D 204 10.44 -17.85 -11.78
N PHE D 205 11.25 -17.12 -12.53
CA PHE D 205 12.17 -17.73 -13.50
C PHE D 205 13.62 -17.39 -13.11
N TRP D 206 13.79 -16.38 -12.26
CA TRP D 206 15.13 -15.99 -11.81
C TRP D 206 15.11 -15.89 -10.29
N PRO D 207 16.18 -16.32 -9.61
CA PRO D 207 17.45 -16.88 -10.09
C PRO D 207 17.31 -18.31 -10.59
N ARG D 208 16.16 -18.92 -10.31
CA ARG D 208 15.87 -20.29 -10.72
C ARG D 208 14.41 -20.40 -11.08
N VAL D 209 14.05 -21.44 -11.83
CA VAL D 209 12.67 -21.68 -12.19
C VAL D 209 12.01 -22.46 -11.04
N GLN D 210 11.25 -21.73 -10.22
CA GLN D 210 10.55 -22.31 -9.08
C GLN D 210 9.24 -21.57 -8.86
N ARG D 211 8.18 -22.32 -8.57
CA ARG D 211 6.86 -21.72 -8.44
C ARG D 211 6.12 -22.41 -7.31
N ILE D 212 5.38 -21.63 -6.53
CA ILE D 212 4.45 -22.20 -5.56
C ILE D 212 3.03 -21.67 -5.83
N LEU D 213 2.08 -22.59 -6.00
CA LEU D 213 0.67 -22.22 -5.96
C LEU D 213 0.21 -22.37 -4.51
N TYR D 214 -0.11 -21.23 -3.89
CA TYR D 214 -0.51 -21.14 -2.49
C TYR D 214 -2.05 -21.13 -2.42
N SER D 215 -2.63 -22.14 -1.74
CA SER D 215 -4.07 -22.38 -1.83
C SER D 215 -4.73 -22.77 -0.49
N PRO D 216 -5.24 -21.79 0.27
CA PRO D 216 -5.86 -22.11 1.56
C PRO D 216 -7.15 -22.93 1.37
N CYS D 217 -7.31 -24.02 2.13
CA CYS D 217 -8.46 -24.90 2.03
C CYS D 217 -9.51 -24.60 3.09
N ASN D 218 -9.07 -23.99 4.19
CA ASN D 218 -9.91 -23.69 5.35
C ASN D 218 -9.02 -23.11 6.43
N GLU D 219 -9.56 -22.93 7.63
CA GLU D 219 -8.83 -22.32 8.73
C GLU D 219 -7.59 -23.10 9.15
N ASN D 220 -7.58 -24.41 8.91
CA ASN D 220 -6.49 -25.28 9.39
C ASN D 220 -5.51 -25.73 8.32
N GLU D 221 -5.98 -25.94 7.10
CA GLU D 221 -5.19 -26.63 6.09
C GLU D 221 -4.84 -25.74 4.91
N LEU D 222 -3.58 -25.81 4.50
CA LEU D 222 -3.10 -25.07 3.35
C LEU D 222 -2.65 -26.06 2.29
N TYR D 223 -3.03 -25.79 1.05
CA TYR D 223 -2.64 -26.64 -0.06
C TYR D 223 -1.55 -25.94 -0.87
N LEU D 224 -0.39 -26.61 -0.97
CA LEU D 224 0.73 -26.06 -1.71
C LEU D 224 1.08 -26.94 -2.90
N GLY D 225 1.34 -26.32 -4.03
CA GLY D 225 1.93 -27.02 -5.16
C GLY D 225 3.30 -26.40 -5.38
N LEU D 226 4.35 -27.22 -5.27
CA LEU D 226 5.72 -26.74 -5.48
C LEU D 226 6.20 -27.23 -6.83
N MET D 227 6.38 -26.31 -7.77
CA MET D 227 6.71 -26.70 -9.12
CA MET D 227 6.70 -26.66 -9.14
C MET D 227 8.15 -26.31 -9.51
N ALA D 228 8.92 -27.31 -9.90
CA ALA D 228 10.29 -27.10 -10.35
C ALA D 228 10.57 -28.17 -11.41
N PRO D 229 11.50 -27.88 -12.34
CA PRO D 229 11.78 -28.84 -13.41
C PRO D 229 12.39 -30.14 -12.90
N ALA D 230 12.13 -31.24 -13.61
CA ALA D 230 12.69 -32.54 -13.24
C ALA D 230 14.23 -32.51 -13.27
N ALA D 231 14.79 -31.70 -14.17
CA ALA D 231 16.24 -31.57 -14.29
C ALA D 231 16.87 -30.74 -13.17
N ASP D 232 16.03 -30.22 -12.28
CA ASP D 232 16.49 -29.54 -11.07
C ASP D 232 16.46 -30.52 -9.90
N PRO D 233 17.63 -31.11 -9.55
CA PRO D 233 17.74 -32.16 -8.54
C PRO D 233 17.36 -31.69 -7.14
N ARG D 234 17.40 -30.38 -6.89
CA ARG D 234 17.02 -29.87 -5.58
C ARG D 234 15.54 -29.53 -5.48
N GLY D 235 15.07 -28.71 -6.42
CA GLY D 235 13.69 -28.29 -6.46
C GLY D 235 12.73 -29.45 -6.62
N SER D 236 13.15 -30.47 -7.37
CA SER D 236 12.28 -31.61 -7.63
C SER D 236 12.39 -32.74 -6.61
N SER D 237 13.25 -32.60 -5.61
CA SER D 237 13.49 -33.64 -4.60
CA SER D 237 13.46 -33.69 -4.66
C SER D 237 12.33 -33.85 -3.63
N VAL D 238 12.08 -35.10 -3.26
CA VAL D 238 11.13 -35.42 -2.21
C VAL D 238 11.81 -36.38 -1.22
N PRO D 239 11.67 -36.14 0.09
CA PRO D 239 11.01 -35.02 0.77
C PRO D 239 11.70 -33.72 0.38
N ILE D 240 11.03 -32.59 0.53
CA ILE D 240 11.52 -31.37 -0.09
C ILE D 240 12.86 -30.92 0.45
N ASP D 241 13.69 -30.40 -0.47
CA ASP D 241 14.92 -29.73 -0.10
C ASP D 241 14.49 -28.39 0.48
N LEU D 242 14.37 -28.33 1.80
CA LEU D 242 13.80 -27.17 2.49
C LEU D 242 14.49 -25.86 2.09
N GLU D 243 15.80 -25.91 2.01
CA GLU D 243 16.61 -24.72 1.76
CA GLU D 243 16.57 -24.70 1.78
C GLU D 243 16.32 -24.04 0.42
N VAL D 244 16.21 -24.82 -0.65
CA VAL D 244 15.98 -24.19 -1.97
C VAL D 244 14.60 -23.55 -2.09
N TRP D 245 13.63 -24.07 -1.33
CA TRP D 245 12.29 -23.50 -1.33
C TRP D 245 12.19 -22.26 -0.44
N VAL D 246 12.78 -22.33 0.75
CA VAL D 246 12.82 -21.19 1.65
C VAL D 246 13.58 -20.04 1.01
N GLU D 247 14.64 -20.36 0.27
CA GLU D 247 15.46 -19.35 -0.38
C GLU D 247 14.65 -18.45 -1.33
N MET D 248 13.75 -19.05 -2.10
CA MET D 248 13.00 -18.25 -3.06
C MET D 248 11.60 -17.88 -2.58
N PHE D 249 11.19 -18.47 -1.47
CA PHE D 249 9.90 -18.15 -0.87
C PHE D 249 10.05 -17.97 0.65
N PRO D 250 10.91 -17.02 1.07
CA PRO D 250 11.22 -16.90 2.50
C PRO D 250 10.02 -16.51 3.36
N PHE D 251 9.05 -15.82 2.75
CA PHE D 251 7.83 -15.40 3.43
C PHE D 251 6.93 -16.60 3.75
N LEU D 252 7.23 -17.76 3.17
CA LEU D 252 6.47 -18.99 3.45
C LEU D 252 7.18 -19.98 4.39
N GLU D 253 8.33 -19.58 4.94
CA GLU D 253 9.15 -20.47 5.78
C GLU D 253 8.43 -21.32 6.85
N PRO D 254 7.49 -20.72 7.62
CA PRO D 254 6.77 -21.55 8.61
C PRO D 254 5.99 -22.71 7.99
N CYS D 255 5.41 -22.49 6.82
CA CYS D 255 4.68 -23.53 6.12
C CYS D 255 5.63 -24.53 5.46
N LEU D 256 6.74 -24.03 4.90
CA LEU D 256 7.68 -24.91 4.22
C LEU D 256 8.38 -25.84 5.22
N ILE D 257 8.66 -25.32 6.40
CA ILE D 257 9.21 -26.12 7.50
C ILE D 257 8.29 -27.30 7.82
N GLU D 258 6.99 -27.06 7.82
CA GLU D 258 6.04 -28.16 8.05
C GLU D 258 6.04 -29.12 6.85
N ALA D 259 6.07 -28.56 5.64
CA ALA D 259 6.08 -29.36 4.42
C ALA D 259 7.26 -30.31 4.39
N ALA D 260 8.38 -29.86 4.93
CA ALA D 260 9.61 -30.65 4.93
C ALA D 260 9.54 -31.90 5.80
N LYS D 261 8.57 -31.94 6.71
CA LYS D 261 8.40 -33.09 7.59
C LYS D 261 7.65 -34.23 6.90
N LEU D 262 7.11 -33.95 5.73
CA LEU D 262 6.25 -34.92 5.05
C LEU D 262 7.05 -35.92 4.24
N LYS D 263 7.25 -37.11 4.82
CA LYS D 263 8.15 -38.10 4.24
C LYS D 263 7.62 -38.76 2.97
N THR D 264 6.30 -38.77 2.81
CA THR D 264 5.67 -39.46 1.70
C THR D 264 5.41 -38.56 0.50
N ALA D 265 6.01 -37.37 0.47
CA ALA D 265 5.83 -36.44 -0.65
C ALA D 265 6.23 -37.08 -1.96
N ARG D 266 5.49 -36.76 -3.02
CA ARG D 266 5.77 -37.30 -4.35
C ARG D 266 5.96 -36.19 -5.36
N TYR D 267 6.83 -36.44 -6.33
CA TYR D 267 6.95 -35.59 -7.50
C TYR D 267 6.15 -36.22 -8.64
N ASP D 268 4.97 -35.66 -8.92
CA ASP D 268 4.08 -36.24 -9.94
C ASP D 268 4.23 -35.54 -11.28
N LYS D 269 4.31 -36.33 -12.36
CA LYS D 269 4.40 -35.78 -13.71
C LYS D 269 3.01 -35.46 -14.28
N TYR D 270 2.94 -34.47 -15.17
CA TYR D 270 1.70 -34.11 -15.84
C TYR D 270 1.38 -35.14 -16.92
N GLU D 271 0.08 -35.40 -17.12
CA GLU D 271 -0.33 -36.43 -18.06
C GLU D 271 -1.64 -36.05 -18.73
N THR D 272 -1.71 -36.12 -20.06
CA THR D 272 -2.94 -35.78 -20.76
C THR D 272 -3.38 -36.85 -21.74
N THR D 273 -4.66 -36.85 -22.10
CA THR D 273 -5.09 -37.67 -23.21
C THR D 273 -6.27 -37.06 -23.94
N LYS D 274 -6.32 -37.31 -25.24
CA LYS D 274 -7.44 -36.86 -26.04
C LYS D 274 -7.88 -38.01 -26.94
N LEU D 275 -9.17 -38.31 -26.93
CA LEU D 275 -9.68 -39.43 -27.69
C LEU D 275 -10.57 -38.96 -28.83
N ASP D 276 -10.51 -39.68 -29.94
CA ASP D 276 -11.40 -39.43 -31.07
C ASP D 276 -12.84 -39.66 -30.65
N SER D 277 -13.04 -40.62 -29.76
CA SER D 277 -14.38 -41.03 -29.34
C SER D 277 -14.43 -41.33 -27.84
N TRP D 278 -15.57 -41.04 -27.20
CA TRP D 278 -15.74 -41.33 -25.77
C TRP D 278 -16.64 -42.52 -25.52
N THR D 279 -17.28 -43.03 -26.57
CA THR D 279 -18.24 -44.12 -26.39
C THR D 279 -18.03 -45.26 -27.39
N ARG D 280 -18.44 -46.45 -26.98
CA ARG D 280 -18.44 -47.62 -27.84
C ARG D 280 -19.55 -48.54 -27.35
N GLY D 281 -20.64 -48.61 -28.11
CA GLY D 281 -21.78 -49.40 -27.70
C GLY D 281 -22.35 -48.92 -26.37
N LYS D 282 -22.32 -49.77 -25.35
CA LYS D 282 -22.86 -49.43 -24.04
C LYS D 282 -21.76 -48.95 -23.08
N VAL D 283 -20.58 -48.72 -23.62
CA VAL D 283 -19.45 -48.28 -22.82
C VAL D 283 -19.21 -46.76 -22.97
N ALA D 284 -19.19 -46.04 -21.86
CA ALA D 284 -18.90 -44.61 -21.86
C ALA D 284 -17.65 -44.34 -21.01
N LEU D 285 -16.70 -43.59 -21.57
CA LEU D 285 -15.50 -43.17 -20.84
C LEU D 285 -15.69 -41.76 -20.28
N VAL D 286 -15.43 -41.57 -18.98
CA VAL D 286 -15.59 -40.26 -18.37
C VAL D 286 -14.38 -39.87 -17.51
N GLY D 287 -14.09 -38.57 -17.45
CA GLY D 287 -12.99 -38.10 -16.64
C GLY D 287 -11.64 -38.29 -17.30
N ASP D 288 -10.60 -38.49 -16.50
CA ASP D 288 -9.25 -38.63 -17.02
C ASP D 288 -9.10 -39.77 -18.04
N ALA D 289 -9.98 -40.76 -17.96
CA ALA D 289 -9.95 -41.87 -18.93
C ALA D 289 -10.16 -41.33 -20.34
N ALA D 290 -10.91 -40.26 -20.44
CA ALA D 290 -11.28 -39.72 -21.74
C ALA D 290 -10.59 -38.40 -22.08
N HIS D 291 -10.28 -37.59 -21.07
CA HIS D 291 -9.84 -36.22 -21.35
C HIS D 291 -8.93 -35.56 -20.31
N ALA D 292 -7.97 -36.31 -19.76
CA ALA D 292 -6.99 -35.72 -18.86
C ALA D 292 -6.35 -34.52 -19.55
N MET D 293 -6.22 -33.41 -18.83
CA MET D 293 -5.78 -32.15 -19.43
C MET D 293 -4.74 -31.46 -18.54
N CYS D 294 -4.04 -30.44 -19.07
CA CYS D 294 -3.13 -29.66 -18.24
C CYS D 294 -3.94 -28.90 -17.19
N PRO D 295 -3.39 -28.71 -15.98
CA PRO D 295 -4.19 -28.18 -14.88
C PRO D 295 -4.28 -26.65 -14.76
N ALA D 296 -3.78 -25.91 -15.73
CA ALA D 296 -3.78 -24.44 -15.68
C ALA D 296 -5.13 -23.79 -15.34
N LEU D 297 -6.22 -24.34 -15.90
CA LEU D 297 -7.55 -23.78 -15.68
C LEU D 297 -8.29 -24.41 -14.51
N ALA D 298 -7.66 -25.39 -13.87
CA ALA D 298 -8.21 -26.09 -12.71
C ALA D 298 -9.63 -26.62 -12.98
N GLN D 299 -9.74 -27.39 -14.06
CA GLN D 299 -11.01 -27.87 -14.61
C GLN D 299 -11.03 -29.37 -14.89
N GLY D 300 -9.94 -30.07 -14.58
CA GLY D 300 -9.88 -31.49 -14.86
C GLY D 300 -11.02 -32.26 -14.21
N ALA D 301 -11.21 -32.06 -12.91
CA ALA D 301 -12.25 -32.76 -12.18
C ALA D 301 -13.59 -32.10 -12.44
N GLY D 302 -13.56 -30.78 -12.61
CA GLY D 302 -14.74 -30.03 -12.98
C GLY D 302 -15.40 -30.58 -14.24
N CYS D 303 -14.61 -30.73 -15.30
CA CYS D 303 -15.13 -31.29 -16.55
C CYS D 303 -15.54 -32.76 -16.35
N ALA D 304 -14.72 -33.51 -15.61
CA ALA D 304 -15.03 -34.91 -15.34
C ALA D 304 -16.39 -35.03 -14.68
N MET D 305 -16.66 -34.15 -13.72
CA MET D 305 -17.90 -34.21 -12.96
C MET D 305 -19.10 -33.73 -13.78
N VAL D 306 -18.91 -32.65 -14.55
CA VAL D 306 -19.95 -32.19 -15.46
C VAL D 306 -20.28 -33.28 -16.48
N ASN D 307 -19.26 -33.92 -17.01
CA ASN D 307 -19.49 -34.97 -18.01
C ASN D 307 -20.20 -36.21 -17.46
N ALA D 308 -19.78 -36.66 -16.28
CA ALA D 308 -20.42 -37.79 -15.60
C ALA D 308 -21.86 -37.47 -15.21
N PHE D 309 -22.09 -36.27 -14.69
CA PHE D 309 -23.45 -35.87 -14.36
C PHE D 309 -24.31 -35.75 -15.62
N SER D 310 -23.72 -35.25 -16.70
CA SER D 310 -24.48 -35.05 -17.93
C SER D 310 -24.85 -36.38 -18.60
N LEU D 311 -24.03 -37.40 -18.38
CA LEU D 311 -24.30 -38.72 -18.92
C LEU D 311 -25.61 -39.25 -18.33
N SER D 312 -25.80 -39.08 -17.03
CA SER D 312 -27.03 -39.52 -16.38
C SER D 312 -28.24 -38.79 -16.93
N GLN D 313 -28.06 -37.51 -17.27
CA GLN D 313 -29.13 -36.73 -17.90
C GLN D 313 -29.55 -37.31 -19.26
N ASP D 314 -28.60 -37.57 -20.14
CA ASP D 314 -28.93 -38.11 -21.45
C ASP D 314 -29.55 -39.51 -21.38
N LEU D 315 -29.29 -40.23 -20.30
CA LEU D 315 -29.86 -41.56 -20.13
C LEU D 315 -31.31 -41.52 -19.63
N GLU D 316 -31.85 -40.32 -19.44
CA GLU D 316 -33.24 -40.19 -19.02
C GLU D 316 -34.17 -39.82 -20.19
N GLU D 317 -33.70 -39.95 -21.42
CA GLU D 317 -34.46 -39.46 -22.58
C GLU D 317 -35.34 -40.51 -23.27
N GLY D 318 -35.30 -41.75 -22.78
CA GLY D 318 -36.12 -42.82 -23.33
C GLY D 318 -35.47 -43.54 -24.49
N SER D 319 -34.23 -43.17 -24.81
CA SER D 319 -33.51 -43.81 -25.90
C SER D 319 -32.90 -45.14 -25.48
N SER D 320 -32.33 -45.85 -26.45
CA SER D 320 -31.43 -46.94 -26.12
C SER D 320 -30.22 -46.32 -25.43
N VAL D 321 -29.53 -47.10 -24.60
CA VAL D 321 -28.32 -46.65 -23.95
C VAL D 321 -27.32 -46.21 -25.00
N GLU D 322 -27.20 -47.02 -26.05
CA GLU D 322 -26.26 -46.74 -27.14
C GLU D 322 -26.49 -45.37 -27.79
N ASP D 323 -27.75 -45.06 -28.07
CA ASP D 323 -28.11 -43.77 -28.67
C ASP D 323 -27.89 -42.62 -27.68
N ALA D 324 -28.24 -42.85 -26.42
CA ALA D 324 -28.10 -41.83 -25.40
C ALA D 324 -26.64 -41.44 -25.20
N LEU D 325 -25.74 -42.41 -25.32
CA LEU D 325 -24.31 -42.18 -25.16
C LEU D 325 -23.75 -41.30 -26.27
N VAL D 326 -24.14 -41.59 -27.50
CA VAL D 326 -23.78 -40.75 -28.64
C VAL D 326 -24.29 -39.31 -28.47
N ALA D 327 -25.54 -39.15 -28.06
CA ALA D 327 -26.11 -37.83 -27.83
C ALA D 327 -25.37 -37.08 -26.72
N TRP D 328 -25.00 -37.82 -25.67
CA TRP D 328 -24.27 -37.28 -24.55
C TRP D 328 -22.95 -36.66 -24.99
N GLU D 329 -22.13 -37.45 -25.70
CA GLU D 329 -20.85 -36.97 -26.18
C GLU D 329 -21.01 -35.76 -27.08
N THR D 330 -21.95 -35.86 -28.02
CA THR D 330 -22.20 -34.77 -28.97
C THR D 330 -22.59 -33.47 -28.26
N ARG D 331 -23.41 -33.59 -27.22
CA ARG D 331 -23.88 -32.44 -26.46
C ARG D 331 -22.76 -31.78 -25.65
N ILE D 332 -21.98 -32.58 -24.94
CA ILE D 332 -21.16 -32.08 -23.86
C ILE D 332 -19.65 -31.96 -24.13
N ARG D 333 -19.12 -32.73 -25.07
CA ARG D 333 -17.66 -32.74 -25.27
C ARG D 333 -16.98 -31.43 -25.75
N PRO D 334 -17.64 -30.62 -26.59
CA PRO D 334 -16.95 -29.41 -27.04
C PRO D 334 -16.48 -28.49 -25.91
N ILE D 335 -17.27 -28.39 -24.83
CA ILE D 335 -16.88 -27.61 -23.67
C ILE D 335 -15.55 -28.13 -23.12
N THR D 336 -15.47 -29.45 -22.94
CA THR D 336 -14.25 -30.09 -22.49
C THR D 336 -13.09 -29.95 -23.48
N ASP D 337 -13.35 -30.16 -24.77
CA ASP D 337 -12.30 -30.06 -25.78
C ASP D 337 -11.66 -28.67 -25.79
N ARG D 338 -12.50 -27.65 -25.69
CA ARG D 338 -12.02 -26.27 -25.75
C ARG D 338 -11.26 -25.91 -24.49
N CYS D 339 -11.76 -26.39 -23.35
CA CYS D 339 -11.10 -26.14 -22.08
C CYS D 339 -9.72 -26.83 -22.07
N GLN D 340 -9.70 -28.08 -22.51
CA GLN D 340 -8.44 -28.83 -22.59
C GLN D 340 -7.43 -28.15 -23.53
N ALA D 341 -7.90 -27.70 -24.69
CA ALA D 341 -7.00 -27.06 -25.64
C ALA D 341 -6.42 -25.76 -25.08
N LEU D 342 -7.27 -24.93 -24.47
CA LEU D 342 -6.83 -23.66 -23.91
C LEU D 342 -5.89 -23.88 -22.73
N SER D 343 -6.22 -24.84 -21.87
CA SER D 343 -5.37 -25.12 -20.73
C SER D 343 -3.98 -25.62 -21.16
N GLY D 344 -3.93 -26.41 -22.22
CA GLY D 344 -2.65 -26.88 -22.75
C GLY D 344 -1.85 -25.72 -23.35
N ASP D 345 -2.54 -24.80 -23.99
CA ASP D 345 -1.90 -23.60 -24.52
CA ASP D 345 -1.91 -23.60 -24.52
C ASP D 345 -1.29 -22.79 -23.38
N TYR D 346 -2.05 -22.62 -22.31
CA TYR D 346 -1.58 -21.87 -21.15
C TYR D 346 -0.35 -22.53 -20.53
N ALA D 347 -0.38 -23.85 -20.42
CA ALA D 347 0.72 -24.58 -19.83
C ALA D 347 1.98 -24.41 -20.68
N ALA D 348 1.83 -24.54 -21.99
CA ALA D 348 2.96 -24.51 -22.92
C ALA D 348 3.60 -23.13 -22.95
N ASN D 349 2.78 -22.10 -22.84
CA ASN D 349 3.25 -20.72 -22.93
C ASN D 349 3.49 -20.07 -21.58
N ARG D 350 3.27 -20.82 -20.50
CA ARG D 350 3.38 -20.31 -19.13
C ARG D 350 2.51 -19.06 -18.95
N SER D 351 1.38 -19.04 -19.64
CA SER D 351 0.52 -17.87 -19.67
C SER D 351 0.09 -17.36 -18.27
N LEU D 352 -0.09 -18.26 -17.31
CA LEU D 352 -0.57 -17.87 -15.99
C LEU D 352 0.39 -16.90 -15.30
N SER D 353 1.65 -16.95 -15.70
CA SER D 353 2.69 -16.11 -15.13
C SER D 353 2.44 -14.62 -15.37
N LYS D 354 1.62 -14.32 -16.37
CA LYS D 354 1.35 -12.93 -16.72
C LYS D 354 0.22 -12.30 -15.89
N GLY D 355 -0.62 -13.12 -15.28
CA GLY D 355 -1.76 -12.63 -14.52
C GLY D 355 -2.90 -12.21 -15.42
N ASN D 356 -4.08 -12.01 -14.83
CA ASN D 356 -5.28 -11.63 -15.58
C ASN D 356 -5.65 -12.60 -16.70
N MET D 357 -5.28 -13.86 -16.57
CA MET D 357 -5.51 -14.81 -17.65
C MET D 357 -6.84 -15.55 -17.54
N PHE D 358 -7.58 -15.33 -16.46
CA PHE D 358 -8.91 -15.92 -16.38
C PHE D 358 -9.93 -15.07 -17.15
N THR D 359 -9.81 -15.15 -18.47
CA THR D 359 -10.60 -14.41 -19.41
C THR D 359 -11.98 -15.05 -19.58
N PRO D 360 -12.91 -14.37 -20.27
CA PRO D 360 -14.18 -15.03 -20.59
C PRO D 360 -13.98 -16.41 -21.23
N ALA D 361 -13.02 -16.52 -22.15
CA ALA D 361 -12.74 -17.78 -22.84
C ALA D 361 -12.21 -18.83 -21.87
N ALA D 362 -11.28 -18.44 -21.00
CA ALA D 362 -10.72 -19.35 -20.02
C ALA D 362 -11.79 -19.86 -19.07
N LEU D 363 -12.75 -18.99 -18.75
CA LEU D 363 -13.80 -19.34 -17.79
C LEU D 363 -15.04 -20.03 -18.41
N GLU D 364 -14.97 -20.39 -19.70
CA GLU D 364 -16.13 -20.99 -20.35
C GLU D 364 -16.67 -22.21 -19.59
N ALA D 365 -15.77 -23.12 -19.24
CA ALA D 365 -16.19 -24.35 -18.59
C ALA D 365 -16.76 -24.02 -17.22
N ALA D 366 -16.09 -23.13 -16.50
CA ALA D 366 -16.53 -22.77 -15.16
C ALA D 366 -17.93 -22.14 -15.15
N ARG D 367 -18.25 -21.42 -16.23
CA ARG D 367 -19.52 -20.69 -16.35
C ARG D 367 -20.68 -21.61 -16.67
N TYR D 368 -20.38 -22.77 -17.23
CA TYR D 368 -21.44 -23.72 -17.60
C TYR D 368 -22.20 -24.24 -16.38
N ASP D 369 -23.52 -24.19 -16.43
CA ASP D 369 -24.37 -24.79 -15.40
C ASP D 369 -25.00 -26.05 -15.98
N PRO D 370 -24.53 -27.22 -15.51
CA PRO D 370 -24.98 -28.52 -16.00
C PRO D 370 -26.41 -28.83 -15.59
N LEU D 371 -26.94 -28.11 -14.61
CA LEU D 371 -28.29 -28.36 -14.12
C LEU D 371 -29.34 -27.76 -15.05
N ARG D 372 -29.10 -26.54 -15.52
CA ARG D 372 -30.03 -25.85 -16.41
C ARG D 372 -29.53 -25.86 -17.84
N ARG D 373 -28.33 -26.40 -18.03
CA ARG D 373 -27.72 -26.51 -19.35
C ARG D 373 -27.55 -25.15 -20.03
N VAL D 374 -27.11 -24.15 -19.28
CA VAL D 374 -26.87 -22.82 -19.82
C VAL D 374 -25.58 -22.28 -19.24
N TYR D 375 -25.02 -21.25 -19.86
CA TYR D 375 -23.88 -20.54 -19.28
C TYR D 375 -24.37 -19.41 -18.40
N SER D 376 -23.78 -19.30 -17.23
CA SER D 376 -24.20 -18.29 -16.27
C SER D 376 -22.99 -17.41 -15.95
N TRP D 377 -23.10 -16.61 -14.89
CA TRP D 377 -22.02 -15.71 -14.45
C TRP D 377 -21.19 -15.11 -15.59
N PRO D 378 -21.84 -14.27 -16.42
CA PRO D 378 -21.15 -13.74 -17.60
C PRO D 378 -19.93 -12.89 -17.24
N GLN D 379 -18.96 -12.81 -18.15
CA GLN D 379 -17.66 -12.20 -17.87
C GLN D 379 -17.38 -11.02 -18.80
PA FAD E . 14.46 26.84 29.68
O1A FAD E . 14.67 25.60 28.91
O2A FAD E . 13.21 27.03 30.43
O5B FAD E . 15.72 27.05 30.65
C5B FAD E . 16.08 28.07 31.59
C4B FAD E . 16.88 27.20 32.58
O4B FAD E . 16.40 28.28 33.50
C3B FAD E . 16.51 26.10 33.59
O3B FAD E . 17.62 25.38 34.09
C2B FAD E . 15.68 26.99 34.55
O2B FAD E . 15.63 26.19 35.78
C1B FAD E . 16.77 28.01 34.84
N9A FAD E . 16.29 29.13 35.78
C8A FAD E . 15.02 29.56 35.89
N7A FAD E . 14.97 30.64 36.70
C5A FAD E . 16.22 30.93 37.04
C6A FAD E . 16.76 31.88 37.81
N6A FAD E . 15.95 32.76 38.39
N1A FAD E . 18.08 31.99 38.03
C2A FAD E . 18.91 31.06 37.43
N3A FAD E . 18.34 30.07 36.64
C4A FAD E . 17.02 30.02 36.45
N1 FAD E . 11.78 23.80 20.87
C2 FAD E . 12.52 23.19 19.84
O2 FAD E . 13.53 23.71 19.37
N3 FAD E . 12.11 21.96 19.33
C4 FAD E . 10.98 21.34 19.84
O4 FAD E . 10.64 20.25 19.38
C4X FAD E . 10.24 21.94 20.86
N5 FAD E . 9.10 21.31 21.37
C5X FAD E . 8.36 21.93 22.37
C6 FAD E . 7.21 21.33 22.88
C7 FAD E . 6.48 21.94 23.90
C7M FAD E . 5.32 21.33 24.40
C8 FAD E . 6.91 23.16 24.39
C8M FAD E . 6.18 23.80 25.42
C9 FAD E . 8.06 23.76 23.88
C9A FAD E . 8.79 23.15 22.86
N10 FAD E . 9.92 23.73 22.38
C10 FAD E . 10.64 23.18 21.38
C1' FAD E . 10.31 25.03 22.97
C2' FAD E . 11.57 24.82 23.86
O2' FAD E . 11.20 23.93 24.93
C3' FAD E . 12.01 26.13 24.52
O3' FAD E . 11.99 27.24 23.61
C4' FAD E . 13.41 26.04 25.19
O4' FAD E . 13.52 24.98 26.16
C5' FAD E . 13.77 27.40 25.80
O5' FAD E . 15.04 27.25 26.45
P FAD E . 15.61 28.34 27.46
O1P FAD E . 17.00 27.98 27.87
O2P FAD E . 15.33 29.69 26.94
O3P FAD E . 14.61 28.08 28.68
C1 BME F . -1.37 27.09 21.75
C2 BME F . 0.10 26.81 22.00
O1 BME F . -2.06 25.87 21.72
S2 BME F . 1.06 28.35 21.99
S SO4 G . 11.03 14.87 32.00
O1 SO4 G . 12.12 14.85 31.01
O2 SO4 G . 10.10 13.79 31.68
O3 SO4 G . 11.57 14.71 33.34
O4 SO4 G . 10.31 16.16 31.87
S SO4 H . -5.47 26.75 23.45
O1 SO4 H . -4.53 26.53 22.35
O2 SO4 H . -6.80 26.28 23.05
O3 SO4 H . -5.01 26.02 24.64
O4 SO4 H . -5.54 28.17 23.78
C1 EDO I . 20.46 31.53 44.98
O1 EDO I . 21.66 32.29 44.86
C2 EDO I . 20.51 30.60 46.19
O2 EDO I . 19.17 30.45 46.65
C1 EDO J . -10.30 23.99 14.40
O1 EDO J . -9.82 24.99 13.49
C2 EDO J . -10.35 22.63 13.70
O2 EDO J . -11.22 21.76 14.44
C1 EDO K . 9.99 21.38 36.60
O1 EDO K . 9.71 19.97 36.70
C2 EDO K . 10.31 21.74 35.16
O2 EDO K . 10.64 23.14 35.08
C1 EDO L . 9.13 7.58 36.14
O1 EDO L . 7.99 8.45 36.05
C2 EDO L . 8.98 6.68 37.36
O2 EDO L . 7.68 6.08 37.37
C1 EDO M . 15.47 20.58 42.97
O1 EDO M . 15.76 19.77 41.82
C2 EDO M . 15.71 22.04 42.63
O2 EDO M . 14.54 22.57 42.00
C1 EDO N . 10.69 48.34 25.65
O1 EDO N . 11.01 49.56 24.99
C2 EDO N . 11.22 48.37 27.07
O2 EDO N . 10.85 47.11 27.66
C1 EDO O . 25.74 37.26 50.54
O1 EDO O . 26.07 38.56 51.04
C2 EDO O . 26.99 36.45 50.26
O2 EDO O . 27.89 37.20 49.42
C1 EDO P . 37.79 24.48 21.20
O1 EDO P . 37.60 23.35 20.34
C2 EDO P . 38.59 24.03 22.41
O2 EDO P . 38.09 22.76 22.86
C1 PEG Q . 21.21 4.69 22.81
O1 PEG Q . 21.16 4.25 21.45
C2 PEG Q . 19.80 4.87 23.38
O2 PEG Q . 19.89 5.13 24.79
C3 PEG Q . 18.75 4.66 25.51
C4 PEG Q . 19.18 3.55 26.47
O4 PEG Q . 18.07 3.21 27.32
C1 PEG R . 10.35 31.81 42.54
O1 PEG R . 9.97 33.10 43.02
C2 PEG R . 10.72 30.91 43.72
O2 PEG R . 10.77 29.57 43.25
C3 PEG R . 9.81 28.75 43.90
C4 PEG R . 9.06 27.95 42.84
O4 PEG R . 8.79 28.79 41.70
C1 PEG S . 14.65 2.60 26.56
O1 PEG S . 16.03 2.23 26.58
C2 PEG S . 14.33 3.47 27.77
O2 PEG S . 13.04 4.04 27.63
C3 PEG S . 12.65 4.76 28.80
C4 PEG S . 11.70 3.89 29.62
O4 PEG S . 10.52 4.64 29.96
C1 PEG T . 20.34 37.12 3.93
C1 PEG T . 20.34 37.10 3.92
O1 PEG T . 18.96 37.20 3.53
O1 PEG T . 18.96 37.19 3.54
C2 PEG T . 20.45 36.72 5.40
C2 PEG T . 20.46 36.74 5.39
O2 PEG T . 19.66 37.61 6.19
O2 PEG T . 19.61 37.58 6.16
C3 PEG T . 19.99 37.56 7.58
C3 PEG T . 20.01 37.61 7.54
C4 PEG T . 19.07 38.46 8.39
C4 PEG T . 19.08 38.52 8.35
O4 PEG T . 17.73 37.97 8.37
O4 PEG T . 19.80 39.19 9.39
C1 PEG U . 32.29 35.43 14.65
O1 PEG U . 31.93 34.77 15.87
C2 PEG U . 31.25 35.20 13.55
O2 PEG U . 31.39 33.89 13.00
C3 PEG U . 30.68 32.89 13.75
C4 PEG U . 30.02 31.85 12.84
O4 PEG U . 30.95 31.31 11.88
C1 PEG V . 30.97 46.10 35.18
C1 PEG V . 30.34 46.31 35.74
O1 PEG V . 29.95 46.57 36.08
O1 PEG V . 30.27 46.44 34.31
C2 PEG V . 31.73 44.95 35.83
C2 PEG V . 31.73 45.84 36.15
O2 PEG V . 32.93 44.63 35.13
O2 PEG V . 31.96 44.51 35.71
C3 PEG V . 33.43 43.36 35.57
C3 PEG V . 33.30 44.32 35.23
C4 PEG V . 34.28 43.54 36.82
C4 PEG V . 33.85 42.98 35.73
O4 PEG V . 34.51 42.28 37.46
O4 PEG V . 34.23 43.11 37.10
C1 PGE W . 12.43 36.52 4.93
O1 PGE W . 12.54 37.95 5.00
C2 PGE W . 13.70 35.94 4.32
O2 PGE W . 13.34 35.03 3.29
C3 PGE W . 14.40 34.17 2.90
C4 PGE W . 14.18 33.70 1.47
O4 PGE W . 16.11 30.92 -1.21
C6 PGE W . 16.68 32.18 -0.83
C5 PGE W . 15.55 33.11 -0.38
O3 PGE W . 15.31 32.95 1.01
PA FAD X . 36.70 14.93 -15.55
O1A FAD X . 35.32 15.21 -15.11
O2A FAD X . 36.97 13.90 -16.56
O5B FAD X . 37.36 16.31 -16.00
C5B FAD X . 38.66 16.68 -16.50
C4B FAD X . 38.26 17.88 -17.35
O4B FAD X . 39.50 17.41 -18.05
C3B FAD X . 37.56 18.06 -18.68
O3B FAD X . 37.18 19.39 -18.97
C2B FAD X . 38.54 17.30 -19.56
O2B FAD X . 38.20 17.75 -20.90
C1B FAD X . 39.76 18.19 -19.21
N9A FAD X . 41.02 17.70 -19.93
C8A FAD X . 41.29 16.45 -20.32
N7A FAD X . 42.55 16.38 -20.80
C5A FAD X . 43.08 17.59 -20.66
C6A FAD X . 44.29 18.09 -20.96
N6A FAD X . 45.19 17.28 -21.51
N1A FAD X . 44.61 19.35 -20.72
C2A FAD X . 43.68 20.19 -20.15
N3A FAD X . 42.43 19.67 -19.86
C4A FAD X . 42.16 18.38 -20.10
N1 FAD X . 30.62 10.86 -9.13
C2 FAD X . 29.83 11.40 -8.11
O2 FAD X . 30.34 12.10 -7.25
N3 FAD X . 28.46 11.15 -8.06
C4 FAD X . 27.88 10.36 -9.06
O4 FAD X . 26.67 10.16 -9.03
C4X FAD X . 28.66 9.82 -10.07
N5 FAD X . 28.07 9.03 -11.06
C5X FAD X . 28.87 8.48 -12.07
C6 FAD X . 28.32 7.67 -13.06
C7 FAD X . 29.12 7.13 -14.06
C7M FAD X . 28.55 6.32 -15.05
C8 FAD X . 30.49 7.41 -14.08
C8M FAD X . 31.32 6.88 -15.09
C9 FAD X . 31.03 8.21 -13.08
C9A FAD X . 30.23 8.76 -12.07
N10 FAD X . 30.78 9.55 -11.12
C10 FAD X . 30.03 10.06 -10.11
C1' FAD X . 32.24 9.78 -11.20
C2' FAD X . 32.54 11.21 -11.67
O2' FAD X . 32.00 11.37 -13.01
C3' FAD X . 34.05 11.45 -11.79
O3' FAD X . 34.79 10.98 -10.66
C4' FAD X . 34.36 12.96 -12.00
O4' FAD X . 33.69 13.55 -13.13
C5' FAD X . 35.87 13.15 -12.08
O5' FAD X . 36.11 14.54 -12.32
P FAD X . 37.52 15.11 -12.76
O1P FAD X . 37.51 16.59 -12.82
O2P FAD X . 38.62 14.43 -12.02
O3P FAD X . 37.58 14.52 -14.25
C1 BME Y . 32.08 -2.07 -13.31
C2 BME Y . 32.02 -0.58 -13.02
O1 BME Y . 30.79 -2.55 -13.60
S2 BME Y . 33.63 0.00 -12.42
S SO4 Z . 25.64 15.07 -21.84
O1 SO4 Z . 26.76 14.13 -21.68
O2 SO4 Z . 24.42 14.30 -22.10
O3 SO4 Z . 25.47 15.83 -20.60
O4 SO4 Z . 25.88 15.99 -22.94
S SO4 AA . 31.50 -5.40 -16.09
O1 SO4 AA . 32.89 -5.44 -16.53
O2 SO4 AA . 30.74 -6.49 -16.72
O3 SO4 AA . 31.43 -5.55 -14.64
O4 SO4 AA . 30.90 -4.11 -16.46
S SO4 BA . 59.63 12.88 -5.36
O1 SO4 BA . 60.15 13.39 -4.09
O2 SO4 BA . 60.65 13.03 -6.41
O3 SO4 BA . 59.26 11.47 -5.22
O4 SO4 BA . 58.44 13.66 -5.72
C1 EDO CA . 14.70 18.57 -19.70
O1 EDO CA . 15.20 18.03 -20.94
C2 EDO CA . 14.03 19.92 -19.97
O2 EDO CA . 13.26 20.33 -18.83
C1 EDO DA . 23.91 -11.18 -9.96
O1 EDO DA . 23.76 -11.97 -11.14
C2 EDO DA . 24.90 -11.82 -9.00
O2 EDO DA . 26.24 -11.63 -9.47
C1 EDO EA . 48.55 0.33 -6.01
O1 EDO EA . 48.90 1.06 -4.82
C2 EDO EA . 48.53 1.28 -7.20
O2 EDO EA . 48.71 0.58 -8.44
C1 EDO FA . 4.57 17.22 -14.38
O1 EDO FA . 3.61 17.23 -15.43
C2 EDO FA . 5.96 17.16 -15.00
O2 EDO FA . 6.91 17.82 -14.15
C1 EDO GA . 7.29 17.48 -22.42
O1 EDO GA . 7.65 17.22 -23.79
C2 EDO GA . 8.05 18.70 -21.90
O2 EDO GA . 7.52 19.09 -20.63
C1 EDO HA . 5.46 -2.57 -12.56
O1 EDO HA . 4.38 -2.49 -13.49
C2 EDO HA . 5.06 -1.91 -11.24
O2 EDO HA . 6.11 -1.04 -10.80
C1 EDO IA . 46.90 24.21 -26.41
O1 EDO IA . 47.71 23.50 -25.49
C2 EDO IA . 46.10 23.23 -27.25
O2 EDO IA . 46.05 23.70 -28.61
C1 EDO JA . 25.88 31.36 0.62
O1 EDO JA . 24.92 31.58 -0.43
C2 EDO JA . 27.15 32.16 0.38
O2 EDO JA . 27.81 32.35 1.64
C1 EDO KA . 19.74 0.13 5.97
O1 EDO KA . 18.44 0.03 5.37
C2 EDO KA . 20.69 -0.80 5.23
O2 EDO KA . 22.05 -0.41 5.44
C1 EDO LA . 19.30 16.28 -29.31
O1 EDO LA . 18.31 15.63 -30.11
C2 EDO LA . 20.56 15.42 -29.29
O2 EDO LA . 20.61 14.61 -28.10
C1 EDO MA . 55.61 5.89 -9.18
O1 EDO MA . 54.27 6.32 -9.37
C2 EDO MA . 56.00 6.19 -7.76
O2 EDO MA . 55.25 5.36 -6.89
C1 EDO NA . 54.52 29.21 -28.09
O1 EDO NA . 55.61 28.35 -28.46
C2 EDO NA . 54.91 30.08 -26.90
O2 EDO NA . 53.89 31.06 -26.65
C1 EDO OA . 34.98 20.86 -28.97
O1 EDO OA . 33.67 20.90 -28.38
C2 EDO OA . 35.97 20.41 -27.91
O2 EDO OA . 37.31 20.55 -28.37
C1 EDO PA . 33.93 35.24 -0.78
O1 EDO PA . 35.30 35.11 -1.15
C2 EDO PA . 33.24 36.14 -1.79
O2 EDO PA . 34.08 36.24 -2.95
C1 EDO QA . 42.44 13.53 -29.56
O1 EDO QA . 41.13 13.44 -29.01
C2 EDO QA . 43.37 14.22 -28.57
O2 EDO QA . 43.40 13.47 -27.34
C1 PEG RA . 14.72 22.97 -16.94
O1 PEG RA . 14.14 23.60 -18.09
C2 PEG RA . 15.07 24.05 -15.92
O2 PEG RA . 15.27 23.50 -14.60
C3 PEG RA . 14.82 24.44 -13.62
C4 PEG RA . 14.82 23.84 -12.21
O4 PEG RA . 13.96 24.60 -11.36
C1 PEG SA . 55.96 35.91 -15.60
O1 PEG SA . 55.22 36.56 -14.57
C2 PEG SA . 55.04 35.00 -16.41
O2 PEG SA . 53.86 35.71 -16.74
C3 PEG SA . 52.71 34.88 -16.88
C4 PEG SA . 51.50 35.69 -16.41
O4 PEG SA . 51.75 36.17 -15.07
C1 PEG TA . 37.35 -5.07 -10.39
O1 PEG TA . 37.99 -5.52 -11.60
C2 PEG TA . 36.45 -3.89 -10.73
O2 PEG TA . 35.08 -4.25 -10.54
C3 PEG TA . 34.72 -5.29 -11.44
C4 PEG TA . 33.32 -5.06 -12.00
O4 PEG TA . 33.07 -6.07 -12.97
C1 PEG UA . 41.38 11.14 8.41
C1 PEG UA . 41.64 11.26 8.45
O1 PEG UA . 42.62 11.71 7.91
O1 PEG UA . 40.89 10.21 7.83
C2 PEG UA . 40.80 12.00 9.52
C2 PEG UA . 40.74 12.08 9.36
O2 PEG UA . 39.72 11.32 10.17
O2 PEG UA . 40.03 11.20 10.24
C3 PEG UA . 39.43 11.88 11.46
C3 PEG UA . 39.35 11.90 11.28
C4 PEG UA . 38.53 10.95 12.26
C4 PEG UA . 38.52 10.91 12.10
O4 PEG UA . 39.30 9.98 12.96
O4 PEG UA . 39.35 10.14 12.96
C1 PEG VA . 39.37 24.60 5.67
O1 PEG VA . 38.04 24.42 6.19
C2 PEG VA . 40.30 25.20 6.72
O2 PEG VA . 41.40 24.30 6.93
C3 PEG VA . 42.69 24.85 6.65
C4 PEG VA . 42.71 25.96 5.59
O4 PEG VA . 42.17 25.54 4.33
C1 PEG WA . -4.77 9.46 -9.19
O1 PEG WA . -5.74 10.46 -8.84
C2 PEG WA . -4.78 9.20 -10.70
O2 PEG WA . -3.57 8.53 -11.11
C3 PEG WA . -3.81 7.59 -12.16
C4 PEG WA . -2.55 6.80 -12.47
O4 PEG WA . -2.53 5.55 -11.76
C1 PEG XA . 6.71 -3.49 -3.92
O1 PEG XA . 7.13 -2.98 -5.18
C2 PEG XA . 5.20 -3.30 -3.84
O2 PEG XA . 4.61 -3.84 -5.02
C3 PEG XA . 3.32 -4.35 -4.75
C4 PEG XA . 3.51 -5.65 -4.00
O4 PEG XA . 3.50 -6.73 -4.94
C1 PEG YA . 57.59 31.46 -11.20
O1 PEG YA . 56.48 31.63 -12.08
C2 PEG YA . 57.36 30.28 -10.26
O2 PEG YA . 58.14 29.14 -10.69
C3 PEG YA . 58.29 28.17 -9.64
C4 PEG YA . 59.46 27.23 -9.93
O4 PEG YA . 59.45 26.81 -11.31
C1 PGE ZA . 7.79 -19.02 -23.20
O1 PGE ZA . 7.09 -20.27 -23.21
C2 PGE ZA . 7.72 -18.40 -21.80
O2 PGE ZA . 8.62 -19.06 -20.91
C3 PGE ZA . 8.90 -18.28 -19.74
C4 PGE ZA . 10.17 -18.78 -19.05
O4 PGE ZA . 13.06 -16.68 -20.74
C6 PGE ZA . 13.63 -17.70 -19.91
C5 PGE ZA . 12.52 -18.36 -19.07
O3 PGE ZA . 11.33 -18.51 -19.85
O1 PG4 AB . 28.50 5.07 12.11
C1 PG4 AB . 29.33 6.00 12.80
C2 PG4 AB . 29.34 5.82 14.32
O2 PG4 AB . 30.28 6.76 14.83
C3 PG4 AB . 31.60 6.26 14.72
C4 PG4 AB . 32.47 7.27 13.97
O3 PG4 AB . 33.57 6.52 13.44
C5 PG4 AB . 33.92 6.91 12.10
C6 PG4 AB . 34.55 5.73 11.36
O4 PG4 AB . 35.91 6.02 11.04
C7 PG4 AB . 36.37 5.23 9.94
C8 PG4 AB . 37.87 5.40 9.77
O5 PG4 AB . 38.38 4.29 9.02
PA FAD BB . -42.70 -1.76 -3.15
O1A FAD BB . -41.43 -1.81 -3.84
O2A FAD BB . -43.03 -0.60 -2.34
O5B FAD BB . -43.84 -2.08 -4.24
C5B FAD BB . -45.28 -2.18 -4.19
C4B FAD BB . -45.59 -1.76 -5.63
O4B FAD BB . -46.83 -1.30 -4.91
C3B FAD BB . -45.49 -0.42 -6.41
O3B FAD BB . -45.63 -0.58 -7.80
C2B FAD BB . -46.51 0.34 -5.60
O2B FAD BB . -46.80 1.46 -6.45
C1B FAD BB . -47.67 -0.62 -5.81
N9A FAD BB . -48.92 -0.17 -5.08
C8A FAD BB . -48.94 0.53 -3.94
N7A FAD BB . -50.20 0.59 -3.45
C5A FAD BB . -50.96 -0.13 -4.27
C6A FAD BB . -52.27 -0.44 -4.28
N6A FAD BB . -53.06 0.07 -3.32
N1A FAD BB . -52.83 -1.21 -5.21
C2A FAD BB . -52.03 -1.73 -6.21
N3A FAD BB . -50.67 -1.41 -6.19
C4A FAD BB . -50.16 -0.64 -5.22
N1 FAD BB . -33.61 -4.27 -0.38
C2 FAD BB . -32.72 -5.18 -0.94
O2 FAD BB . -33.05 -6.35 -1.10
N3 FAD BB . -31.44 -4.75 -1.27
C4 FAD BB . -31.06 -3.42 -1.07
O4 FAD BB . -29.93 -3.08 -1.40
C4X FAD BB . -31.98 -2.53 -0.52
N5 FAD BB . -31.60 -1.18 -0.31
C5X FAD BB . -32.54 -0.31 0.25
C6 FAD BB . -32.21 1.02 0.49
C7 FAD BB . -33.13 1.91 1.04
C7M FAD BB . -32.76 3.25 1.27
C8 FAD BB . -34.40 1.45 1.36
C8M FAD BB . -35.36 2.31 1.92
C9 FAD BB . -34.72 0.12 1.12
C9A FAD BB . -33.80 -0.78 0.56
N10 FAD BB . -34.14 -2.07 0.35
C10 FAD BB . -33.26 -2.94 -0.17
C1' FAD BB . -35.52 -2.48 0.70
C2' FAD BB . -36.35 -2.72 -0.61
O2' FAD BB . -36.45 -1.45 -1.32
C3' FAD BB . -37.82 -3.14 -0.32
O3' FAD BB . -37.95 -4.07 0.75
C4' FAD BB . -38.60 -3.60 -1.57
O4' FAD BB . -38.65 -2.61 -2.62
C5' FAD BB . -40.03 -4.00 -1.13
O5' FAD BB . -40.73 -4.36 -2.29
P FAD BB . -42.31 -4.56 -2.35
O1P FAD BB . -42.66 -5.19 -3.65
O2P FAD BB . -42.76 -5.22 -1.11
O3P FAD BB . -42.81 -3.06 -2.19
C1 BME CB . -33.10 4.21 10.23
C2 BME CB . -33.15 3.12 9.17
O1 BME CB . -31.86 4.88 10.15
S2 BME CB . -34.51 1.95 9.46
S SO4 DB . -35.45 6.65 -9.22
O1 SO4 DB . -34.30 7.54 -9.08
O2 SO4 DB . -34.96 5.29 -9.47
O3 SO4 DB . -36.20 6.67 -7.96
O4 SO4 DB . -36.29 7.07 -10.34
S SO4 EB . -54.00 -9.51 13.85
O1 SO4 EB . -53.15 -9.87 14.99
O2 SO4 EB . -53.16 -9.17 12.70
O3 SO4 EB . -54.85 -10.65 13.50
O4 SO4 EB . -54.83 -8.36 14.20
S SO4 FB . -58.14 -16.07 10.40
O1 SO4 FB . -57.30 -15.66 11.54
O2 SO4 FB . -57.49 -15.70 9.14
O3 SO4 FB . -58.34 -17.52 10.41
O4 SO4 FB . -59.44 -15.39 10.50
C1 EDO GB . -40.42 -21.87 -18.33
O1 EDO GB . -41.78 -22.24 -18.06
C2 EDO GB . -40.32 -21.24 -19.71
O2 EDO GB . -41.51 -20.47 -19.96
C1 EDO HB . -20.89 10.34 -20.14
O1 EDO HB . -21.35 9.02 -19.80
C2 EDO HB . -20.22 10.98 -18.93
O2 EDO HB . -20.42 12.40 -18.97
C1 EDO IB . -9.56 8.67 -0.03
O1 EDO IB . -9.62 7.52 0.84
C2 EDO IB . -8.66 9.74 0.58
O2 EDO IB . -9.30 11.02 0.55
C1 EDO JB . -33.57 2.06 14.23
O1 EDO JB . -34.65 1.43 14.95
C2 EDO JB . -33.53 3.56 14.51
O2 EDO JB . -32.60 4.22 13.63
C1 EDO KB . -35.25 -22.33 7.81
O1 EDO KB . -35.42 -21.75 9.12
C2 EDO KB . -35.28 -23.85 7.89
O2 EDO KB . -33.94 -24.38 7.88
C1 EDO LB . -26.47 -23.53 9.77
O1 EDO LB . -25.76 -24.18 8.72
C2 EDO LB . -25.48 -22.90 10.74
O2 EDO LB . -24.51 -23.88 11.12
C1 EDO MB . -29.37 -21.06 11.17
O1 EDO MB . -28.25 -20.16 11.12
C2 EDO MB . -30.55 -20.37 11.86
O2 EDO MB . -31.47 -21.36 12.35
C1 EDO NB . -53.99 7.90 -2.66
O1 EDO NB . -54.32 6.83 -3.56
C2 EDO NB . -54.37 7.53 -1.23
O2 EDO NB . -55.78 7.73 -1.04
C1 EDO OB . -60.48 -1.31 10.07
O1 EDO OB . -61.02 -1.14 8.75
C2 EDO OB . -60.82 -2.71 10.58
O2 EDO OB . -60.32 -2.87 11.92
C1 EDO PB . -33.97 14.35 -13.98
O1 EDO PB . -34.55 13.23 -14.64
C2 EDO PB . -32.77 14.86 -14.76
O2 EDO PB . -32.52 16.22 -14.41
C1 EDO QB . -15.27 21.18 14.14
O1 EDO QB . -14.71 21.62 12.90
C2 EDO QB . -14.15 20.86 15.13
O2 EDO QB . -14.65 19.95 16.13
C1 EDO RB . -49.60 8.52 -10.74
O1 EDO RB . -49.22 9.37 -11.82
C2 EDO RB . -48.66 7.33 -10.76
O2 EDO RB . -48.25 7.13 -12.11
C1 EDO SB . -16.44 4.80 -16.81
O1 EDO SB . -17.37 5.85 -17.10
C2 EDO SB . -15.32 4.76 -17.84
O2 EDO SB . -14.26 5.67 -17.49
C1 PEG TB . -21.99 7.83 16.23
O1 PEG TB . -22.01 9.26 16.22
C2 PEG TB . -23.25 7.35 16.92
O2 PEG TB . -23.19 5.94 17.19
C3 PEG TB . -23.71 5.64 18.47
C4 PEG TB . -25.11 5.03 18.36
O4 PEG TB . -26.08 6.08 18.45
C1 PEG UB . -6.08 3.57 3.36
O1 PEG UB . -7.38 3.48 3.93
C2 PEG UB . -5.08 2.96 4.31
O2 PEG UB . -4.55 4.04 5.08
C3 PEG UB . -3.76 4.89 4.26
C4 PEG UB . -3.45 6.11 5.10
O4 PEG UB . -3.15 5.68 6.43
C1 PEG VB . -22.51 -7.32 -17.51
O1 PEG VB . -22.25 -6.55 -16.32
C2 PEG VB . -22.03 -8.74 -17.27
O2 PEG VB . -20.64 -8.61 -16.99
C3 PEG VB . -20.25 -9.36 -15.85
C4 PEG VB . -20.14 -8.42 -14.65
O4 PEG VB . -20.13 -9.20 -13.45
C1 PEG WB . -47.20 -13.78 -25.65
O1 PEG WB . -46.06 -14.53 -26.10
C2 PEG WB . -47.31 -13.79 -24.13
O2 PEG WB . -47.38 -15.13 -23.66
C3 PEG WB . -48.71 -15.48 -23.25
C4 PEG WB . -48.74 -16.84 -22.54
O4 PEG WB . -47.99 -17.81 -23.27
C1 PEG XB . -63.94 2.15 -0.22
O1 PEG XB . -64.75 1.18 -0.91
C2 PEG XB . -62.68 1.52 0.34
O2 PEG XB . -62.94 0.83 1.57
C3 PEG XB . -61.75 0.54 2.32
C4 PEG XB . -62.10 0.00 3.70
O4 PEG XB . -62.63 -1.33 3.61
O1 PG4 YB . -24.87 -2.93 -19.33
C1 PG4 YB . -24.60 -1.54 -19.12
C2 PG4 YB . -25.91 -0.74 -19.02
O2 PG4 YB . -25.60 0.65 -19.08
C3 PG4 YB . -26.67 1.44 -19.62
C4 PG4 YB . -26.12 2.79 -20.10
O3 PG4 YB . -25.91 3.67 -18.98
C5 PG4 YB . -25.14 4.83 -19.31
C6 PG4 YB . -24.80 5.62 -18.04
O4 PG4 YB . -25.97 6.22 -17.48
C7 PG4 YB . -25.74 6.72 -16.17
C8 PG4 YB . -26.96 7.50 -15.66
O5 PG4 YB . -27.08 8.76 -16.34
PA FAD ZB . -8.84 -40.47 -11.11
O1A FAD ZB . -8.89 -39.47 -10.05
O2A FAD ZB . -7.55 -40.85 -11.68
O5B FAD ZB . -9.62 -41.73 -10.53
C5B FAD ZB . -9.90 -43.03 -11.04
C4B FAD ZB . -10.02 -43.77 -9.71
O4B FAD ZB . -9.56 -44.87 -10.64
C3B FAD ZB . -9.02 -44.22 -8.61
O3B FAD ZB . -9.63 -44.65 -7.43
C2B FAD ZB . -8.20 -45.14 -9.48
O2B FAD ZB . -7.52 -45.96 -8.50
C1B FAD ZB . -9.34 -46.05 -9.91
N9A FAD ZB . -8.87 -47.12 -10.86
C8A FAD ZB . -7.84 -47.00 -11.71
N7A FAD ZB . -7.80 -48.08 -12.54
C5A FAD ZB . -8.86 -48.85 -12.23
C6A FAD ZB . -9.31 -50.01 -12.72
N6A FAD ZB . -8.63 -50.59 -13.72
N1A FAD ZB . -10.41 -50.60 -12.25
C2A FAD ZB . -11.12 -49.99 -11.23
N3A FAD ZB . -10.63 -48.78 -10.72
C4A FAD ZB . -9.53 -48.23 -11.24
N1 FAD ZB . -9.05 -30.63 -11.37
C2 FAD ZB . -9.93 -29.70 -10.83
O2 FAD ZB . -11.13 -29.79 -11.07
N3 FAD ZB . -9.44 -28.69 -10.01
C4 FAD ZB . -8.07 -28.61 -9.75
O4 FAD ZB . -7.67 -27.71 -9.01
C4X FAD ZB . -7.20 -29.54 -10.29
N5 FAD ZB . -5.83 -29.45 -10.04
C5X FAD ZB . -4.98 -30.40 -10.61
C6 FAD ZB . -3.61 -30.34 -10.38
C7 FAD ZB . -2.75 -31.28 -10.95
C7M FAD ZB . -1.37 -31.20 -10.70
C8 FAD ZB . -3.28 -32.29 -11.75
C8M FAD ZB . -2.43 -33.24 -12.33
C9 FAD ZB . -4.66 -32.34 -11.98
C9A FAD ZB . -5.51 -31.40 -11.41
N10 FAD ZB . -6.84 -31.46 -11.64
C10 FAD ZB . -7.69 -30.57 -11.11
C1' FAD ZB . -7.31 -32.59 -12.51
C2' FAD ZB . -8.07 -33.63 -11.65
O2' FAD ZB . -7.13 -34.18 -10.70
C3' FAD ZB . -8.55 -34.82 -12.53
O3' FAD ZB . -9.14 -34.39 -13.76
C4' FAD ZB . -9.50 -35.79 -11.77
O4' FAD ZB . -8.95 -36.27 -10.53
C5' FAD ZB . -9.93 -36.95 -12.70
O5' FAD ZB . -10.73 -37.81 -11.91
P FAD ZB . -11.18 -39.25 -12.41
O1P FAD ZB . -12.17 -39.80 -11.44
O2P FAD ZB . -11.51 -39.20 -13.84
O3P FAD ZB . -9.78 -40.02 -12.35
C1 BME AC . 2.07 -29.26 -18.61
C2 BME AC . 0.75 -29.70 -18.01
O1 BME AC . 2.63 -28.26 -17.80
S2 BME AC . -0.25 -30.61 -19.20
S SO4 BC . -1.75 -37.15 -1.05
O1 SO4 BC . -0.76 -36.12 -0.74
O2 SO4 BC . -1.58 -37.54 -2.44
O3 SO4 BC . -1.60 -38.29 -0.16
O4 SO4 BC . -3.08 -36.56 -0.87
S SO4 CC . -3.47 -50.34 -3.06
O1 SO4 CC . -2.36 -51.04 -2.43
O2 SO4 CC . -4.38 -51.30 -3.68
O3 SO4 CC . -4.20 -49.57 -2.05
O4 SO4 CC . -2.97 -49.43 -4.11
S SO4 DC . -12.33 -44.95 -32.09
O1 SO4 DC . -11.01 -45.54 -31.85
O2 SO4 DC . -13.04 -45.75 -33.09
O3 SO4 DC . -13.08 -44.93 -30.84
O4 SO4 DC . -12.18 -43.57 -32.58
S SO4 EC . -20.24 -48.19 -31.82
O1 SO4 EC . -19.62 -47.26 -32.77
O2 SO4 EC . -20.32 -49.53 -32.41
O3 SO4 EC . -19.43 -48.27 -30.62
O4 SO4 EC . -21.57 -47.72 -31.45
C1 EDO FC . -26.83 -60.35 -10.44
O1 EDO FC . -26.92 -59.71 -9.16
C2 EDO FC . -28.21 -60.41 -11.10
O2 EDO FC . -28.09 -60.92 -12.43
C1 EDO GC . -27.87 -57.40 -16.97
O1 EDO GC . -28.12 -57.49 -15.56
C2 EDO GC . -28.34 -56.06 -17.52
O2 EDO GC . -28.01 -55.96 -18.92
C1 EDO HC . -32.34 -38.17 -0.46
O1 EDO HC . -31.49 -39.32 -0.39
C2 EDO HC . -32.30 -37.61 -1.88
O2 EDO HC . -32.34 -38.69 -2.82
C1 EDO IC . -28.86 -47.78 2.01
O1 EDO IC . -28.36 -46.94 3.07
C2 EDO IC . -30.10 -47.14 1.38
O2 EDO IC . -30.65 -48.04 0.40
C1 EDO JC . 8.68 -11.07 -1.03
O1 EDO JC . 9.68 -10.65 -0.10
C2 EDO JC . 7.35 -10.39 -0.74
O2 EDO JC . 6.34 -10.84 -1.66
C1 EDO KC . -1.54 -42.52 -6.33
O1 EDO KC . -2.31 -43.02 -7.42
C2 EDO KC . -0.41 -43.50 -6.00
O2 EDO KC . 0.29 -43.04 -4.84
C1 EDO LC . 1.30 -28.64 -23.08
O1 EDO LC . 0.94 -29.38 -24.26
C2 EDO LC . 2.82 -28.66 -22.88
O2 EDO LC . 3.17 -28.20 -21.57
C1 EDO MC . 13.03 -24.50 -16.73
O1 EDO MC . 12.52 -24.49 -18.06
C2 EDO MC . 14.56 -24.36 -16.72
O2 EDO MC . 15.07 -24.59 -15.40
C1 EDO NC . -25.17 -24.20 -23.76
O1 EDO NC . -25.87 -23.23 -24.55
C2 EDO NC . -24.81 -25.40 -24.63
O2 EDO NC . -23.78 -26.18 -24.02
C1 EDO OC . -23.69 -16.55 -22.80
O1 EDO OC . -23.68 -15.76 -21.60
C2 EDO OC . -22.27 -16.77 -23.28
O2 EDO OC . -21.65 -15.51 -23.57
C1 EDO PC . -19.44 -19.96 -24.81
O1 EDO PC . -20.06 -18.97 -24.00
C2 EDO PC . -20.47 -20.49 -25.82
O2 EDO PC . -19.84 -21.46 -26.68
C1 EDO QC . -1.27 -54.02 -14.31
O1 EDO QC . -1.32 -53.77 -15.73
C2 EDO QC . -1.28 -52.68 -13.57
O2 EDO QC . -0.62 -52.82 -12.30
C1 EDO RC . -8.30 -54.15 -28.97
O1 EDO RC . -7.23 -54.65 -28.15
C2 EDO RC . -7.73 -53.20 -30.01
O2 EDO RC . -6.48 -52.68 -29.53
C1 EDO SC . -0.82 -46.54 -17.47
O1 EDO SC . 0.34 -45.78 -17.10
C2 EDO SC . -0.63 -47.13 -18.86
O2 EDO SC . -1.88 -47.64 -19.35
C1 EDO TC . -3.61 -20.25 12.44
O1 EDO TC . -3.02 -20.89 11.30
C2 EDO TC . -2.67 -19.15 12.93
O2 EDO TC . -1.50 -19.71 13.52
C1 PEG UC . -8.31 -57.53 -23.30
O1 PEG UC . -9.72 -57.64 -23.56
C2 PEG UC . -8.01 -57.51 -21.79
O2 PEG UC . -8.17 -58.82 -21.22
C3 PEG UC . -7.63 -58.92 -19.89
C4 PEG UC . -7.34 -60.38 -19.50
O4 PEG UC . -8.53 -61.17 -19.41
C1 PEG VC . -26.00 -19.77 -10.72
C1 PEG VC . -25.96 -19.77 -11.07
O1 PEG VC . -25.60 -20.19 -12.04
O1 PEG VC . -25.60 -20.36 -12.32
C2 PEG VC . -25.09 -20.35 -9.65
C2 PEG VC . -25.19 -20.41 -9.93
O2 PEG VC . -25.53 -19.96 -8.35
O2 PEG VC . -25.60 -19.81 -8.70
C3 PEG VC . -24.87 -20.69 -7.31
C3 PEG VC . -25.03 -20.45 -7.56
C4 PEG VC . -25.51 -20.33 -5.97
C4 PEG VC . -25.73 -19.84 -6.35
O4 PEG VC . -24.97 -21.14 -4.91
O4 PEG VC . -26.39 -18.64 -6.77
C1 PEG WC . 3.15 -8.28 12.34
O1 PEG WC . 2.09 -7.39 11.99
C2 PEG WC . 4.26 -8.15 11.30
O2 PEG WC . 4.63 -9.43 10.79
C3 PEG WC . 5.16 -9.34 9.46
C4 PEG WC . 6.40 -10.21 9.28
O4 PEG WC . 6.11 -11.61 9.44
O1 PG4 XC . -12.19 -26.33 10.15
C1 PG4 XC . -11.72 -27.15 9.07
C2 PG4 XC . -11.15 -28.47 9.61
O2 PG4 XC . -9.92 -28.77 8.97
C3 PG4 XC . -9.39 -30.05 9.34
C4 PG4 XC . -8.51 -29.90 10.58
O3 PG4 XC . -7.16 -30.28 10.35
C5 PG4 XC . -6.33 -29.85 11.44
C6 PG4 XC . -4.85 -30.08 11.13
O4 PG4 XC . -4.36 -29.12 10.19
C7 PG4 XC . -3.00 -29.37 9.87
C8 PG4 XC . -2.91 -29.81 8.41
O5 PG4 XC . -1.88 -30.79 8.26
#